data_8ZE0
#
_entry.id   8ZE0
#
_cell.length_a   1.00
_cell.length_b   1.00
_cell.length_c   1.00
_cell.angle_alpha   90.00
_cell.angle_beta   90.00
_cell.angle_gamma   90.00
#
_symmetry.space_group_name_H-M   'P 1'
#
_entity_poly.entity_id   1
_entity_poly.type   'polypeptide(L)'
_entity_poly.pdbx_seq_one_letter_code
;MKGPNLNFRKTPSKDNGVKQVESLARPETPPPKFVEDSNLEFNVLASEKLPNYTNLDLFHRAVFPFMFLAQCVAIMPLVG
IRESNPRRVRFAYKSIPMFVTLIFMIATSILFLSMFTHLLKIGITAKNFVGLVFFGCVLSAYVVFIRLAKKWPAVVRIWT
RTEIPFTKPPYEIPKRNLSRRVQLAALAIIGLSLGEHALYQVSAILSYTRRIQMCANITTVPSFNNYMQTNYDYVFQLLP
YSPIIAVLILLINGACTFVWNYMDLFIMMISKGLSYRFEQITTRIRKLEHEEVCESVFIQIREHYVKMCELLEFVDSAMS
SLILLSCVNNLYFVCYQLLNVFNKLRWPINYIYFWYSLLYLIGRTAFVFLTAADINEESKRGLGVLRRVSSRSWCVEVER
LIFQMTTQTVALSGKKFYFLTRRLLFGMAGTIVTYELVLLQFDEPNRRKGLQPLCALEGGSSGGWSHPQFEK
;
_entity_poly.pdbx_strand_id   A,B,C,D
#
# COMPACT_ATOMS: atom_id res chain seq x y z
N LEU A 56 -31.37 -17.26 28.86
CA LEU A 56 -31.63 -16.26 27.84
C LEU A 56 -30.47 -16.19 26.85
N ASP A 57 -30.69 -15.53 25.72
CA ASP A 57 -29.65 -15.40 24.68
C ASP A 57 -28.69 -14.30 25.10
N LEU A 58 -27.69 -14.68 25.89
CA LEU A 58 -26.66 -13.77 26.35
C LEU A 58 -25.29 -14.32 25.96
N PHE A 59 -24.34 -13.41 25.77
CA PHE A 59 -22.99 -13.82 25.38
C PHE A 59 -22.33 -14.66 26.47
N HIS A 60 -22.51 -14.26 27.73
CA HIS A 60 -21.90 -15.00 28.83
C HIS A 60 -22.43 -16.42 28.91
N ARG A 61 -23.76 -16.58 28.81
CA ARG A 61 -24.36 -17.91 28.84
C ARG A 61 -23.98 -18.74 27.63
N ALA A 62 -23.60 -18.10 26.52
CA ALA A 62 -23.21 -18.81 25.31
C ALA A 62 -21.71 -19.07 25.24
N VAL A 63 -20.92 -18.37 26.05
CA VAL A 63 -19.47 -18.50 26.00
C VAL A 63 -18.89 -19.26 27.20
N PHE A 64 -19.59 -19.28 28.33
CA PHE A 64 -19.06 -19.89 29.55
C PHE A 64 -18.83 -21.40 29.46
N PRO A 65 -19.59 -22.17 28.65
CA PRO A 65 -19.25 -23.60 28.52
C PRO A 65 -17.85 -23.85 28.01
N PHE A 66 -17.35 -22.99 27.12
CA PHE A 66 -15.98 -23.14 26.61
C PHE A 66 -14.96 -22.37 27.44
N MET A 67 -15.39 -21.30 28.10
CA MET A 67 -14.52 -20.65 29.08
C MET A 67 -14.17 -21.60 30.21
N PHE A 68 -15.12 -22.44 30.63
CA PHE A 68 -14.83 -23.43 31.66
C PHE A 68 -13.83 -24.46 31.18
N LEU A 69 -13.93 -24.88 29.91
CA LEU A 69 -12.97 -25.86 29.39
C LEU A 69 -11.59 -25.23 29.28
N ALA A 70 -11.52 -23.95 28.89
CA ALA A 70 -10.24 -23.24 28.89
C ALA A 70 -9.69 -23.13 30.30
N GLN A 71 -10.57 -22.94 31.28
CA GLN A 71 -10.14 -22.96 32.68
C GLN A 71 -9.55 -24.31 33.05
N CYS A 72 -10.18 -25.38 32.57
CA CYS A 72 -9.64 -26.72 32.78
C CYS A 72 -8.28 -26.89 32.12
N VAL A 73 -8.05 -26.21 30.99
CA VAL A 73 -6.75 -26.23 30.33
C VAL A 73 -5.91 -25.07 30.86
N ALA A 74 -6.39 -24.44 31.94
CA ALA A 74 -5.71 -23.34 32.62
C ALA A 74 -5.54 -22.12 31.73
N ILE A 75 -6.65 -21.54 31.29
CA ILE A 75 -6.65 -20.32 30.49
C ILE A 75 -7.68 -19.36 31.08
N MET A 76 -7.31 -18.08 31.18
CA MET A 76 -8.16 -17.04 31.75
C MET A 76 -8.60 -17.43 33.16
N PRO A 77 -7.69 -17.36 34.14
CA PRO A 77 -8.03 -17.81 35.50
C PRO A 77 -9.08 -16.94 36.16
N LEU A 78 -10.22 -17.53 36.50
CA LEU A 78 -11.32 -16.80 37.13
C LEU A 78 -12.06 -17.73 38.08
N VAL A 79 -12.85 -17.15 38.95
CA VAL A 79 -13.72 -17.91 39.84
C VAL A 79 -15.17 -17.58 39.50
N GLY A 80 -16.03 -18.59 39.66
CA GLY A 80 -17.43 -18.42 39.33
C GLY A 80 -17.73 -18.31 37.85
N ILE A 81 -16.84 -18.80 37.00
CA ILE A 81 -17.05 -18.71 35.56
C ILE A 81 -18.15 -19.65 35.10
N ARG A 82 -18.50 -20.66 35.90
CA ARG A 82 -19.55 -21.61 35.56
C ARG A 82 -20.93 -21.13 35.98
N GLU A 83 -21.02 -20.03 36.72
CA GLU A 83 -22.32 -19.53 37.16
C GLU A 83 -22.97 -18.71 36.05
N SER A 84 -24.30 -18.83 35.96
CA SER A 84 -25.07 -18.14 34.93
C SER A 84 -25.20 -16.65 35.19
N ASN A 85 -24.86 -16.18 36.39
CA ASN A 85 -24.95 -14.76 36.70
C ASN A 85 -23.65 -14.07 36.28
N PRO A 86 -23.70 -13.09 35.38
CA PRO A 86 -22.46 -12.46 34.92
C PRO A 86 -21.76 -11.62 35.96
N ARG A 87 -22.41 -11.31 37.09
CA ARG A 87 -21.82 -10.46 38.10
C ARG A 87 -21.06 -11.24 39.19
N ARG A 88 -21.11 -12.57 39.15
CA ARG A 88 -20.42 -13.37 40.16
C ARG A 88 -18.99 -13.76 39.75
N VAL A 89 -18.60 -13.49 38.50
CA VAL A 89 -17.25 -13.83 38.06
C VAL A 89 -16.29 -12.71 38.44
N ARG A 90 -15.18 -13.08 39.08
CA ARG A 90 -14.20 -12.11 39.53
C ARG A 90 -12.81 -12.75 39.47
N PHE A 91 -11.80 -11.90 39.44
CA PHE A 91 -10.40 -12.33 39.37
C PHE A 91 -9.77 -12.15 40.75
N ALA A 92 -9.29 -13.24 41.32
CA ALA A 92 -8.62 -13.23 42.61
C ALA A 92 -7.31 -14.01 42.50
N TYR A 93 -6.22 -13.38 42.93
CA TYR A 93 -4.91 -14.00 42.79
C TYR A 93 -4.73 -15.24 43.65
N LYS A 94 -5.55 -15.40 44.69
CA LYS A 94 -5.48 -16.56 45.58
C LYS A 94 -6.71 -17.42 45.29
N SER A 95 -6.58 -18.31 44.30
CA SER A 95 -7.68 -19.18 43.91
C SER A 95 -7.11 -20.47 43.36
N ILE A 96 -7.95 -21.51 43.37
CA ILE A 96 -7.57 -22.78 42.77
C ILE A 96 -7.27 -22.66 41.28
N PRO A 97 -8.10 -21.97 40.47
CA PRO A 97 -7.70 -21.77 39.06
C PRO A 97 -6.39 -21.01 38.92
N MET A 98 -6.12 -20.06 39.81
CA MET A 98 -4.83 -19.39 39.79
C MET A 98 -3.70 -20.37 40.06
N PHE A 99 -3.89 -21.29 41.01
CA PHE A 99 -2.85 -22.27 41.30
C PHE A 99 -2.64 -23.22 40.12
N VAL A 100 -3.73 -23.65 39.47
CA VAL A 100 -3.60 -24.59 38.36
C VAL A 100 -2.92 -23.90 37.17
N THR A 101 -3.25 -22.63 36.91
CA THR A 101 -2.60 -21.95 35.80
C THR A 101 -1.15 -21.62 36.15
N LEU A 102 -0.84 -21.41 37.43
CA LEU A 102 0.55 -21.21 37.83
C LEU A 102 1.36 -22.49 37.60
N ILE A 103 0.78 -23.65 37.93
CA ILE A 103 1.44 -24.92 37.66
C ILE A 103 1.63 -25.12 36.16
N PHE A 104 0.61 -24.80 35.37
CA PHE A 104 0.73 -24.97 33.92
C PHE A 104 1.78 -24.02 33.33
N MET A 105 1.85 -22.79 33.85
CA MET A 105 2.90 -21.86 33.41
C MET A 105 4.28 -22.36 33.79
N ILE A 106 4.43 -22.92 34.99
CA ILE A 106 5.72 -23.47 35.40
C ILE A 106 6.11 -24.63 34.47
N ALA A 107 5.15 -25.50 34.16
CA ALA A 107 5.45 -26.64 33.28
C ALA A 107 5.82 -26.17 31.88
N THR A 108 5.07 -25.20 31.34
CA THR A 108 5.38 -24.69 30.01
C THR A 108 6.73 -23.97 30.00
N SER A 109 7.06 -23.27 31.08
CA SER A 109 8.38 -22.64 31.19
C SER A 109 9.48 -23.69 31.27
N ILE A 110 9.24 -24.80 31.96
CA ILE A 110 10.22 -25.89 31.98
C ILE A 110 10.43 -26.43 30.55
N LEU A 111 9.32 -26.58 29.82
CA LEU A 111 9.41 -27.00 28.42
C LEU A 111 10.23 -26.00 27.61
N PHE A 112 9.98 -24.70 27.82
CA PHE A 112 10.68 -23.65 27.09
C PHE A 112 12.17 -23.67 27.39
N LEU A 113 12.53 -23.82 28.67
CA LEU A 113 13.95 -23.87 29.04
C LEU A 113 14.62 -25.10 28.47
N SER A 114 13.93 -26.25 28.46
CA SER A 114 14.51 -27.45 27.87
C SER A 114 14.73 -27.25 26.37
N MET A 115 13.75 -26.67 25.68
CA MET A 115 13.92 -26.39 24.25
C MET A 115 15.08 -25.43 24.00
N PHE A 116 15.19 -24.39 24.83
CA PHE A 116 16.27 -23.42 24.67
C PHE A 116 17.63 -24.08 24.88
N THR A 117 17.75 -24.94 25.90
CA THR A 117 19.00 -25.63 26.15
C THR A 117 19.34 -26.56 24.98
N HIS A 118 18.34 -27.29 24.47
CA HIS A 118 18.59 -28.17 23.33
C HIS A 118 19.04 -27.39 22.11
N LEU A 119 18.41 -26.26 21.83
CA LEU A 119 18.77 -25.47 20.65
C LEU A 119 20.14 -24.83 20.83
N LEU A 120 20.50 -24.44 22.05
CA LEU A 120 21.84 -23.93 22.30
C LEU A 120 22.89 -25.03 22.09
N LYS A 121 22.58 -26.25 22.53
CA LYS A 121 23.50 -27.36 22.30
C LYS A 121 23.64 -27.68 20.82
N ILE A 122 22.54 -27.64 20.07
CA ILE A 122 22.56 -27.98 18.65
C ILE A 122 22.95 -26.78 17.80
N GLY A 123 22.30 -25.64 18.02
CA GLY A 123 22.56 -24.45 17.23
C GLY A 123 21.28 -23.78 16.78
N ILE A 124 21.14 -22.49 17.06
CA ILE A 124 19.93 -21.75 16.73
C ILE A 124 19.97 -21.40 15.25
N THR A 125 19.05 -21.96 14.47
CA THR A 125 18.89 -21.68 13.06
C THR A 125 17.50 -21.11 12.82
N ALA A 126 17.16 -20.91 11.54
CA ALA A 126 15.83 -20.45 11.17
C ALA A 126 14.81 -21.57 11.11
N LYS A 127 15.24 -22.83 11.21
CA LYS A 127 14.36 -23.98 11.14
C LYS A 127 13.95 -24.48 12.52
N ASN A 128 14.93 -24.76 13.39
CA ASN A 128 14.64 -25.27 14.73
C ASN A 128 14.11 -24.20 15.67
N PHE A 129 14.21 -22.92 15.31
CA PHE A 129 13.73 -21.85 16.17
C PHE A 129 12.22 -21.87 16.32
N VAL A 130 11.51 -22.58 15.44
CA VAL A 130 10.05 -22.60 15.49
C VAL A 130 9.55 -23.19 16.80
N GLY A 131 10.29 -24.11 17.39
CA GLY A 131 9.91 -24.63 18.70
C GLY A 131 9.96 -23.58 19.78
N LEU A 132 11.03 -22.79 19.81
CA LEU A 132 11.11 -21.68 20.76
C LEU A 132 10.01 -20.66 20.51
N VAL A 133 9.73 -20.36 19.24
CA VAL A 133 8.65 -19.42 18.94
C VAL A 133 7.32 -19.95 19.44
N PHE A 134 7.05 -21.24 19.25
CA PHE A 134 5.79 -21.82 19.68
C PHE A 134 5.66 -21.79 21.20
N PHE A 135 6.74 -22.17 21.91
CA PHE A 135 6.68 -22.20 23.37
C PHE A 135 6.58 -20.79 23.95
N GLY A 136 7.34 -19.84 23.40
CA GLY A 136 7.21 -18.47 23.83
C GLY A 136 5.85 -17.89 23.52
N CYS A 137 5.24 -18.29 22.40
CA CYS A 137 3.89 -17.84 22.09
C CYS A 137 2.89 -18.42 23.07
N VAL A 138 3.08 -19.67 23.49
CA VAL A 138 2.21 -20.25 24.51
C VAL A 138 2.36 -19.51 25.84
N LEU A 139 3.60 -19.19 26.22
CA LEU A 139 3.82 -18.43 27.45
C LEU A 139 3.19 -17.04 27.36
N SER A 140 3.36 -16.37 26.23
CA SER A 140 2.76 -15.06 26.03
C SER A 140 1.24 -15.14 26.05
N ALA A 141 0.68 -16.22 25.48
CA ALA A 141 -0.76 -16.42 25.55
C ALA A 141 -1.21 -16.59 26.99
N TYR A 142 -0.44 -17.34 27.79
CA TYR A 142 -0.77 -17.49 29.20
C TYR A 142 -0.79 -16.15 29.92
N VAL A 143 0.25 -15.34 29.70
CA VAL A 143 0.34 -14.05 30.39
C VAL A 143 -0.77 -13.10 29.91
N VAL A 144 -0.98 -13.04 28.60
CA VAL A 144 -2.01 -12.16 28.04
C VAL A 144 -3.38 -12.58 28.50
N PHE A 145 -3.62 -13.90 28.62
CA PHE A 145 -4.90 -14.37 29.11
C PHE A 145 -5.06 -14.11 30.60
N ILE A 146 -3.96 -14.10 31.36
CA ILE A 146 -4.02 -13.70 32.76
C ILE A 146 -4.47 -12.24 32.88
N ARG A 147 -3.86 -11.37 32.07
CA ARG A 147 -4.28 -9.96 32.08
C ARG A 147 -5.71 -9.80 31.58
N LEU A 148 -6.09 -10.60 30.58
CA LEU A 148 -7.44 -10.54 30.05
C LEU A 148 -8.46 -10.99 31.09
N ALA A 149 -8.13 -12.03 31.87
CA ALA A 149 -9.00 -12.44 32.96
C ALA A 149 -9.06 -11.38 34.06
N LYS A 150 -7.94 -10.67 34.28
CA LYS A 150 -7.96 -9.54 35.21
C LYS A 150 -8.95 -8.47 34.76
N LYS A 151 -8.96 -8.17 33.45
CA LYS A 151 -9.87 -7.15 32.92
C LYS A 151 -11.27 -7.69 32.64
N TRP A 152 -11.46 -9.00 32.68
CA TRP A 152 -12.68 -9.67 32.25
C TRP A 152 -13.92 -9.39 33.09
N PRO A 153 -13.82 -9.16 34.41
CA PRO A 153 -15.02 -8.72 35.14
C PRO A 153 -15.71 -7.52 34.53
N ALA A 154 -14.96 -6.43 34.28
CA ALA A 154 -15.56 -5.23 33.70
C ALA A 154 -16.06 -5.49 32.29
N VAL A 155 -15.32 -6.28 31.51
CA VAL A 155 -15.73 -6.58 30.13
C VAL A 155 -17.06 -7.32 30.13
N VAL A 156 -17.19 -8.33 30.98
CA VAL A 156 -18.43 -9.09 31.07
C VAL A 156 -19.57 -8.21 31.57
N ARG A 157 -19.29 -7.35 32.55
CA ARG A 157 -20.33 -6.47 33.09
C ARG A 157 -20.86 -5.53 32.02
N ILE A 158 -19.95 -4.89 31.28
CA ILE A 158 -20.38 -3.94 30.24
C ILE A 158 -21.06 -4.68 29.09
N TRP A 159 -20.58 -5.89 28.77
CA TRP A 159 -21.21 -6.68 27.71
C TRP A 159 -22.63 -7.04 28.07
N THR A 160 -22.86 -7.44 29.32
CA THR A 160 -24.22 -7.76 29.76
C THR A 160 -25.08 -6.50 29.80
N ARG A 161 -24.51 -5.38 30.22
CA ARG A 161 -25.32 -4.15 30.34
C ARG A 161 -25.75 -3.63 28.98
N THR A 162 -24.83 -3.56 28.01
CA THR A 162 -25.20 -3.01 26.70
C THR A 162 -26.05 -3.96 25.85
N GLU A 163 -25.94 -5.26 26.08
CA GLU A 163 -26.67 -6.24 25.29
C GLU A 163 -28.10 -6.48 25.80
N ILE A 164 -28.48 -5.86 26.91
CA ILE A 164 -29.83 -6.05 27.44
C ILE A 164 -30.92 -5.62 26.44
N PRO A 165 -30.85 -4.44 25.81
CA PRO A 165 -31.92 -4.06 24.86
C PRO A 165 -32.02 -4.98 23.65
N PHE A 166 -30.97 -5.73 23.33
CA PHE A 166 -30.99 -6.59 22.16
C PHE A 166 -31.76 -7.88 22.37
N THR A 167 -32.20 -8.16 23.60
CA THR A 167 -33.02 -9.32 23.90
C THR A 167 -34.50 -8.97 23.98
N LYS A 168 -34.88 -7.77 23.56
CA LYS A 168 -36.25 -7.26 23.62
C LYS A 168 -36.66 -6.79 22.23
N PRO A 169 -37.96 -6.70 21.97
CA PRO A 169 -38.40 -6.18 20.68
C PRO A 169 -37.97 -4.73 20.51
N PRO A 170 -37.81 -4.26 19.27
CA PRO A 170 -38.11 -4.95 18.00
C PRO A 170 -36.98 -5.87 17.51
N TYR A 171 -35.93 -6.06 18.31
CA TYR A 171 -34.89 -7.01 17.94
C TYR A 171 -35.39 -8.44 18.14
N GLU A 172 -35.08 -9.30 17.18
CA GLU A 172 -35.54 -10.68 17.19
C GLU A 172 -34.37 -11.64 17.05
N ILE A 173 -34.53 -12.83 17.60
CA ILE A 173 -33.49 -13.86 17.54
C ILE A 173 -33.48 -14.47 16.14
N PRO A 174 -32.32 -14.55 15.47
CA PRO A 174 -32.29 -15.14 14.13
C PRO A 174 -32.51 -16.65 14.14
N LYS A 175 -32.40 -17.28 12.96
CA LYS A 175 -32.57 -18.72 12.86
C LYS A 175 -31.48 -19.47 13.63
N ARG A 176 -30.35 -18.83 13.90
CA ARG A 176 -29.27 -19.43 14.68
C ARG A 176 -28.88 -18.42 15.76
N ASN A 177 -29.28 -18.69 17.00
CA ASN A 177 -29.01 -17.78 18.09
C ASN A 177 -27.52 -17.77 18.42
N LEU A 178 -27.13 -16.86 19.32
CA LEU A 178 -25.73 -16.71 19.67
C LEU A 178 -25.17 -17.99 20.28
N SER A 179 -25.99 -18.70 21.06
CA SER A 179 -25.54 -19.95 21.66
C SER A 179 -25.17 -20.97 20.58
N ARG A 180 -26.03 -21.14 19.57
CA ARG A 180 -25.74 -22.10 18.52
C ARG A 180 -24.55 -21.67 17.67
N ARG A 181 -24.43 -20.37 17.38
CA ARG A 181 -23.29 -19.91 16.59
C ARG A 181 -21.98 -20.15 17.32
N VAL A 182 -21.91 -19.76 18.59
CA VAL A 182 -20.70 -19.97 19.37
C VAL A 182 -20.42 -21.46 19.52
N GLN A 183 -21.46 -22.26 19.74
CA GLN A 183 -21.26 -23.71 19.86
C GLN A 183 -20.72 -24.30 18.58
N LEU A 184 -21.27 -23.90 17.43
CA LEU A 184 -20.78 -24.42 16.15
C LEU A 184 -19.33 -24.03 15.91
N ALA A 185 -19.00 -22.74 16.14
CA ALA A 185 -17.63 -22.30 15.91
C ALA A 185 -16.66 -23.02 16.84
N ALA A 186 -17.00 -23.10 18.14
CA ALA A 186 -16.10 -23.73 19.10
C ALA A 186 -15.98 -25.22 18.85
N LEU A 187 -17.08 -25.90 18.52
CA LEU A 187 -17.01 -27.32 18.21
C LEU A 187 -16.19 -27.58 16.97
N ALA A 188 -16.34 -26.76 15.94
CA ALA A 188 -15.54 -26.92 14.73
C ALA A 188 -14.05 -26.73 15.04
N ILE A 189 -13.72 -25.68 15.80
CA ILE A 189 -12.31 -25.43 16.11
C ILE A 189 -11.74 -26.55 16.98
N ILE A 190 -12.49 -26.97 17.99
CA ILE A 190 -12.02 -28.02 18.90
C ILE A 190 -11.86 -29.34 18.16
N GLY A 191 -12.82 -29.68 17.30
CA GLY A 191 -12.71 -30.91 16.54
C GLY A 191 -11.56 -30.88 15.55
N LEU A 192 -11.35 -29.74 14.89
CA LEU A 192 -10.24 -29.65 13.95
C LEU A 192 -8.90 -29.71 14.68
N SER A 193 -8.79 -29.06 15.84
CA SER A 193 -7.54 -29.12 16.60
C SER A 193 -7.31 -30.53 17.14
N LEU A 194 -8.36 -31.19 17.62
CA LEU A 194 -8.23 -32.57 18.09
C LEU A 194 -7.84 -33.50 16.96
N GLY A 195 -8.41 -33.29 15.77
CA GLY A 195 -8.00 -34.07 14.62
C GLY A 195 -6.56 -33.82 14.22
N GLU A 196 -6.13 -32.56 14.26
CA GLU A 196 -4.74 -32.24 13.94
C GLU A 196 -3.79 -32.91 14.93
N HIS A 197 -4.12 -32.85 16.22
CA HIS A 197 -3.28 -33.52 17.22
C HIS A 197 -3.34 -35.03 17.06
N ALA A 198 -4.50 -35.58 16.68
CA ALA A 198 -4.63 -37.01 16.47
C ALA A 198 -3.76 -37.47 15.31
N LEU A 199 -3.78 -36.72 14.21
CA LEU A 199 -2.91 -37.06 13.09
C LEU A 199 -1.44 -36.83 13.41
N TYR A 200 -1.14 -35.82 14.23
CA TYR A 200 0.25 -35.63 14.66
C TYR A 200 0.74 -36.83 15.46
N GLN A 201 -0.06 -37.27 16.42
CA GLN A 201 0.31 -38.43 17.23
C GLN A 201 0.36 -39.70 16.39
N VAL A 202 -0.60 -39.87 15.47
CA VAL A 202 -0.61 -41.06 14.62
C VAL A 202 0.61 -41.08 13.72
N SER A 203 0.95 -39.93 13.13
CA SER A 203 2.17 -39.84 12.31
C SER A 203 3.41 -40.09 13.17
N ALA A 204 3.40 -39.64 14.42
CA ALA A 204 4.53 -39.89 15.30
C ALA A 204 4.70 -41.39 15.55
N ILE A 205 3.63 -42.07 15.95
CA ILE A 205 3.71 -43.50 16.20
C ILE A 205 4.09 -44.26 14.93
N LEU A 206 3.52 -43.86 13.79
CA LEU A 206 3.78 -44.59 12.55
C LEU A 206 5.21 -44.35 12.08
N SER A 207 5.69 -43.12 12.11
CA SER A 207 7.08 -42.85 11.75
C SER A 207 8.02 -43.57 12.70
N TYR A 208 7.66 -43.66 13.98
CA TYR A 208 8.45 -44.42 14.93
C TYR A 208 8.51 -45.89 14.54
N THR A 209 7.36 -46.49 14.21
CA THR A 209 7.32 -47.91 13.90
C THR A 209 8.06 -48.22 12.60
N ARG A 210 7.84 -47.43 11.55
CA ARG A 210 8.56 -47.62 10.30
C ARG A 210 10.04 -47.28 10.44
N ARG A 211 10.40 -46.40 11.38
CA ARG A 211 11.81 -46.16 11.66
C ARG A 211 12.42 -47.31 12.45
N ILE A 212 11.60 -48.10 13.13
CA ILE A 212 12.09 -49.22 13.92
C ILE A 212 12.02 -50.53 13.15
N GLN A 213 10.92 -50.77 12.44
CA GLN A 213 10.72 -52.08 11.85
C GLN A 213 11.58 -52.30 10.62
N MET A 214 11.85 -51.25 9.84
CA MET A 214 12.90 -51.32 8.84
C MET A 214 13.70 -50.01 8.88
N CYS A 215 14.74 -49.96 8.06
CA CYS A 215 15.62 -48.79 7.89
C CYS A 215 16.41 -48.47 9.16
N ALA A 216 16.48 -49.41 10.10
CA ALA A 216 17.30 -49.23 11.29
C ALA A 216 18.04 -50.50 11.71
N ASN A 217 17.88 -51.61 10.99
CA ASN A 217 18.52 -52.88 11.34
C ASN A 217 18.16 -53.33 12.75
N ILE A 218 16.92 -53.03 13.15
CA ILE A 218 16.41 -53.32 14.49
C ILE A 218 17.36 -52.76 15.54
N THR A 219 17.97 -53.63 16.34
CA THR A 219 18.86 -53.24 17.45
C THR A 219 18.17 -52.28 18.41
N THR A 220 16.86 -52.37 18.50
CA THR A 220 16.08 -51.51 19.40
C THR A 220 14.74 -52.17 19.65
N VAL A 221 14.44 -52.46 20.91
CA VAL A 221 13.15 -53.05 21.28
C VAL A 221 12.10 -51.95 21.27
N PRO A 222 11.03 -52.09 20.48
CA PRO A 222 9.98 -51.05 20.45
C PRO A 222 9.30 -50.90 21.80
N SER A 223 9.36 -49.71 22.39
CA SER A 223 8.78 -49.49 23.71
C SER A 223 8.31 -48.05 23.83
N PHE A 224 7.41 -47.84 24.80
CA PHE A 224 6.91 -46.49 25.08
C PHE A 224 8.02 -45.62 25.64
N ASN A 225 8.93 -46.21 26.42
CA ASN A 225 10.04 -45.44 26.99
C ASN A 225 10.94 -44.88 25.89
N ASN A 226 11.29 -45.70 24.91
CA ASN A 226 12.12 -45.22 23.80
C ASN A 226 11.39 -44.21 22.94
N TYR A 227 10.07 -44.37 22.79
CA TYR A 227 9.26 -43.35 22.12
C TYR A 227 9.41 -42.01 22.83
N MET A 228 9.23 -42.00 24.15
CA MET A 228 9.32 -40.75 24.90
C MET A 228 10.71 -40.16 24.86
N GLN A 229 11.74 -41.01 24.91
CA GLN A 229 13.12 -40.53 24.93
C GLN A 229 13.63 -40.12 23.56
N THR A 230 12.99 -40.54 22.47
CA THR A 230 13.47 -40.22 21.13
C THR A 230 12.61 -39.15 20.45
N ASN A 231 11.32 -39.38 20.29
CA ASN A 231 10.47 -38.38 19.64
C ASN A 231 10.25 -37.18 20.55
N TYR A 232 10.17 -37.41 21.85
CA TYR A 232 9.90 -36.35 22.83
C TYR A 232 11.12 -36.08 23.69
N ASP A 233 12.29 -36.03 23.03
CA ASP A 233 13.54 -35.78 23.70
C ASP A 233 13.64 -34.31 24.09
N TYR A 234 14.85 -33.88 24.44
CA TYR A 234 15.25 -32.52 24.79
C TYR A 234 14.62 -32.04 26.08
N VAL A 235 13.72 -32.81 26.69
CA VAL A 235 13.14 -32.48 27.99
C VAL A 235 13.64 -33.42 29.08
N PHE A 236 13.88 -34.68 28.75
CA PHE A 236 14.42 -35.64 29.70
C PHE A 236 15.92 -35.45 29.94
N GLN A 237 16.57 -34.56 29.18
CA GLN A 237 17.97 -34.27 29.44
C GLN A 237 18.15 -33.45 30.70
N LEU A 238 17.14 -32.67 31.08
CA LEU A 238 17.18 -31.85 32.29
C LEU A 238 16.46 -32.52 33.46
N LEU A 239 15.43 -33.31 33.18
CA LEU A 239 14.62 -33.94 34.21
C LEU A 239 14.83 -35.46 34.19
N PRO A 240 14.80 -36.11 35.36
CA PRO A 240 14.92 -37.57 35.38
C PRO A 240 13.70 -38.23 34.76
N TYR A 241 13.94 -39.38 34.12
CA TYR A 241 12.87 -40.07 33.42
C TYR A 241 11.91 -40.72 34.41
N SER A 242 10.62 -40.71 34.05
CA SER A 242 9.58 -41.37 34.82
C SER A 242 8.36 -41.49 33.92
N PRO A 243 7.66 -42.64 33.93
CA PRO A 243 6.44 -42.74 33.11
C PRO A 243 5.41 -41.68 33.45
N ILE A 244 5.28 -41.35 34.74
CA ILE A 244 4.39 -40.26 35.14
C ILE A 244 4.90 -38.94 34.57
N ILE A 245 6.22 -38.72 34.63
CA ILE A 245 6.80 -37.49 34.08
C ILE A 245 6.56 -37.41 32.59
N ALA A 246 6.77 -38.52 31.87
CA ALA A 246 6.55 -38.53 30.43
C ALA A 246 5.09 -38.27 30.08
N VAL A 247 4.16 -38.90 30.81
CA VAL A 247 2.75 -38.72 30.50
C VAL A 247 2.31 -37.30 30.81
N LEU A 248 2.83 -36.71 31.90
CA LEU A 248 2.46 -35.32 32.19
C LEU A 248 3.07 -34.36 31.20
N ILE A 249 4.26 -34.66 30.68
CA ILE A 249 4.84 -33.85 29.61
C ILE A 249 3.98 -33.94 28.36
N LEU A 250 3.46 -35.13 28.07
CA LEU A 250 2.51 -35.28 26.96
C LEU A 250 1.28 -34.41 27.18
N LEU A 251 0.73 -34.42 28.39
CA LEU A 251 -0.44 -33.60 28.69
C LEU A 251 -0.11 -32.12 28.57
N ILE A 252 1.11 -31.72 28.96
CA ILE A 252 1.52 -30.32 28.86
C ILE A 252 1.62 -29.90 27.40
N ASN A 253 2.18 -30.76 26.56
CA ASN A 253 2.27 -30.44 25.13
C ASN A 253 0.88 -30.34 24.51
N GLY A 254 -0.02 -31.26 24.88
CA GLY A 254 -1.39 -31.18 24.39
C GLY A 254 -2.07 -29.91 24.83
N ALA A 255 -1.87 -29.51 26.08
CA ALA A 255 -2.45 -28.27 26.57
C ALA A 255 -1.84 -27.06 25.87
N CYS A 256 -0.54 -27.13 25.53
CA CYS A 256 0.09 -26.05 24.79
C CYS A 256 -0.56 -25.89 23.42
N THR A 257 -0.76 -27.00 22.72
CA THR A 257 -1.43 -26.95 21.42
C THR A 257 -2.87 -26.43 21.58
N PHE A 258 -3.55 -26.87 22.63
CA PHE A 258 -4.93 -26.43 22.85
C PHE A 258 -4.98 -24.93 23.14
N VAL A 259 -4.00 -24.41 23.87
CA VAL A 259 -3.95 -22.96 24.13
C VAL A 259 -3.68 -22.20 22.84
N TRP A 260 -2.75 -22.72 22.02
CA TRP A 260 -2.48 -22.11 20.73
C TRP A 260 -3.74 -22.01 19.88
N ASN A 261 -4.54 -23.07 19.88
CA ASN A 261 -5.80 -23.03 19.13
C ASN A 261 -6.86 -22.18 19.82
N TYR A 262 -6.88 -22.16 21.16
CA TYR A 262 -7.91 -21.45 21.88
C TYR A 262 -7.72 -19.95 21.84
N MET A 263 -6.51 -19.45 21.60
CA MET A 263 -6.36 -18.03 21.34
C MET A 263 -7.23 -17.59 20.16
N ASP A 264 -7.08 -18.30 19.03
CA ASP A 264 -7.90 -18.02 17.85
C ASP A 264 -9.37 -18.33 18.12
N LEU A 265 -9.65 -19.37 18.89
CA LEU A 265 -11.03 -19.72 19.20
C LEU A 265 -11.71 -18.61 20.00
N PHE A 266 -11.01 -18.05 21.00
CA PHE A 266 -11.56 -16.97 21.80
C PHE A 266 -11.77 -15.72 20.96
N ILE A 267 -10.82 -15.41 20.06
CA ILE A 267 -11.02 -14.28 19.16
C ILE A 267 -12.25 -14.49 18.30
N MET A 268 -12.42 -15.71 17.78
CA MET A 268 -13.59 -16.04 16.96
C MET A 268 -14.88 -15.86 17.76
N MET A 269 -14.89 -16.35 19.01
CA MET A 269 -16.10 -16.26 19.83
C MET A 269 -16.46 -14.82 20.14
N ILE A 270 -15.46 -13.99 20.46
CA ILE A 270 -15.73 -12.58 20.73
C ILE A 270 -16.24 -11.88 19.47
N SER A 271 -15.62 -12.17 18.32
CA SER A 271 -16.06 -11.55 17.08
C SER A 271 -17.49 -11.97 16.74
N LYS A 272 -17.83 -13.24 16.96
CA LYS A 272 -19.20 -13.69 16.72
C LYS A 272 -20.17 -13.02 17.68
N GLY A 273 -19.77 -12.86 18.95
CA GLY A 273 -20.64 -12.19 19.90
C GLY A 273 -20.95 -10.75 19.51
N LEU A 274 -19.95 -10.04 18.99
CA LEU A 274 -20.18 -8.67 18.54
C LEU A 274 -21.00 -8.64 17.25
N SER A 275 -20.66 -9.51 16.30
CA SER A 275 -21.37 -9.54 15.02
C SER A 275 -22.83 -9.95 15.20
N TYR A 276 -23.13 -10.71 16.26
CA TYR A 276 -24.53 -11.07 16.54
C TYR A 276 -25.37 -9.82 16.78
N ARG A 277 -24.93 -8.95 17.68
CA ARG A 277 -25.68 -7.73 17.96
C ARG A 277 -25.67 -6.79 16.76
N PHE A 278 -24.54 -6.72 16.04
CA PHE A 278 -24.50 -5.86 14.86
C PHE A 278 -25.47 -6.35 13.79
N GLU A 279 -25.59 -7.67 13.62
CA GLU A 279 -26.55 -8.22 12.66
C GLU A 279 -27.99 -8.03 13.13
N GLN A 280 -28.23 -8.08 14.44
CA GLN A 280 -29.56 -7.75 14.94
C GLN A 280 -29.92 -6.30 14.61
N ILE A 281 -28.97 -5.39 14.78
CA ILE A 281 -29.21 -3.98 14.42
C ILE A 281 -29.46 -3.85 12.92
N THR A 282 -28.68 -4.56 12.11
CA THR A 282 -28.85 -4.52 10.66
C THR A 282 -30.22 -5.03 10.25
N THR A 283 -30.68 -6.13 10.87
CA THR A 283 -32.00 -6.66 10.57
C THR A 283 -33.10 -5.70 11.01
N ARG A 284 -32.92 -5.05 12.16
CA ARG A 284 -33.89 -4.05 12.60
C ARG A 284 -33.98 -2.91 11.61
N ILE A 285 -32.84 -2.46 11.09
CA ILE A 285 -32.84 -1.42 10.06
C ILE A 285 -33.53 -1.92 8.79
N ARG A 286 -33.26 -3.16 8.39
CA ARG A 286 -33.85 -3.71 7.18
C ARG A 286 -35.36 -3.82 7.28
N LYS A 287 -35.89 -4.12 8.47
CA LYS A 287 -37.31 -4.35 8.63
C LYS A 287 -38.16 -3.09 8.43
N LEU A 288 -37.55 -1.95 8.10
CA LEU A 288 -38.27 -0.72 7.78
C LEU A 288 -37.92 -0.25 6.37
N GLU A 289 -37.79 -1.20 5.45
CA GLU A 289 -37.34 -0.87 4.10
C GLU A 289 -38.38 -0.04 3.35
N HIS A 290 -39.63 -0.50 3.33
CA HIS A 290 -40.70 0.14 2.57
C HIS A 290 -41.76 0.73 3.50
N GLU A 291 -41.37 1.10 4.71
CA GLU A 291 -42.28 1.67 5.70
C GLU A 291 -41.77 3.02 6.14
N GLU A 292 -42.69 3.90 6.54
CA GLU A 292 -42.34 5.25 6.94
C GLU A 292 -41.90 5.26 8.40
N VAL A 293 -40.71 5.80 8.64
CA VAL A 293 -40.04 5.69 9.94
C VAL A 293 -40.05 7.04 10.63
N CYS A 294 -40.44 7.05 11.91
CA CYS A 294 -40.44 8.26 12.72
C CYS A 294 -39.03 8.54 13.24
N GLU A 295 -38.86 9.73 13.81
CA GLU A 295 -37.55 10.13 14.33
C GLU A 295 -37.17 9.33 15.57
N SER A 296 -38.16 8.88 16.36
CA SER A 296 -37.85 8.14 17.58
C SER A 296 -37.20 6.80 17.27
N VAL A 297 -37.66 6.11 16.22
CA VAL A 297 -37.06 4.83 15.85
C VAL A 297 -35.62 5.03 15.43
N PHE A 298 -35.34 6.07 14.65
CA PHE A 298 -33.97 6.35 14.24
C PHE A 298 -33.11 6.75 15.43
N ILE A 299 -33.68 7.48 16.39
CA ILE A 299 -32.94 7.82 17.61
C ILE A 299 -32.55 6.56 18.35
N GLN A 300 -33.50 5.62 18.48
CA GLN A 300 -33.22 4.37 19.18
C GLN A 300 -32.15 3.55 18.45
N ILE A 301 -32.25 3.48 17.12
CA ILE A 301 -31.27 2.72 16.35
C ILE A 301 -29.89 3.34 16.48
N ARG A 302 -29.80 4.67 16.40
CA ARG A 302 -28.51 5.34 16.54
C ARG A 302 -27.92 5.15 17.93
N GLU A 303 -28.77 5.22 18.96
CA GLU A 303 -28.28 5.02 20.33
C GLU A 303 -27.78 3.60 20.53
N HIS A 304 -28.50 2.61 20.00
CA HIS A 304 -28.04 1.23 20.13
C HIS A 304 -26.75 0.99 19.35
N TYR A 305 -26.64 1.59 18.16
CA TYR A 305 -25.40 1.48 17.40
C TYR A 305 -24.24 2.14 18.14
N VAL A 306 -24.49 3.27 18.78
CA VAL A 306 -23.45 3.95 19.56
C VAL A 306 -23.03 3.09 20.75
N LYS A 307 -23.99 2.47 21.43
CA LYS A 307 -23.66 1.59 22.55
C LYS A 307 -22.87 0.38 22.07
N MET A 308 -23.22 -0.18 20.91
CA MET A 308 -22.46 -1.29 20.36
C MET A 308 -21.04 -0.85 20.00
N CYS A 309 -20.89 0.35 19.47
CA CYS A 309 -19.56 0.87 19.18
C CYS A 309 -18.74 1.07 20.46
N GLU A 310 -19.39 1.54 21.53
CA GLU A 310 -18.72 1.67 22.82
C GLU A 310 -18.25 0.32 23.33
N LEU A 311 -19.13 -0.69 23.25
CA LEU A 311 -18.76 -2.03 23.68
C LEU A 311 -17.62 -2.59 22.84
N LEU A 312 -17.65 -2.34 21.52
CA LEU A 312 -16.57 -2.79 20.67
C LEU A 312 -15.26 -2.11 21.03
N GLU A 313 -15.30 -0.81 21.33
CA GLU A 313 -14.09 -0.11 21.73
C GLU A 313 -13.53 -0.66 23.03
N PHE A 314 -14.41 -0.93 24.01
CA PHE A 314 -13.96 -1.48 25.28
C PHE A 314 -13.35 -2.86 25.09
N VAL A 315 -14.02 -3.72 24.31
CA VAL A 315 -13.52 -5.06 24.08
C VAL A 315 -12.21 -5.03 23.31
N ASP A 316 -12.08 -4.09 22.36
CA ASP A 316 -10.84 -3.95 21.60
C ASP A 316 -9.70 -3.49 22.51
N SER A 317 -9.98 -2.55 23.42
CA SER A 317 -8.95 -2.13 24.36
C SER A 317 -8.53 -3.28 25.26
N ALA A 318 -9.49 -4.12 25.67
CA ALA A 318 -9.15 -5.24 26.53
C ALA A 318 -8.38 -6.32 25.80
N MET A 319 -8.70 -6.55 24.52
CA MET A 319 -8.18 -7.68 23.76
C MET A 319 -7.14 -7.28 22.72
N SER A 320 -6.62 -6.06 22.78
CA SER A 320 -5.61 -5.64 21.82
C SER A 320 -4.36 -6.51 21.90
N SER A 321 -3.91 -6.81 23.12
CA SER A 321 -2.72 -7.65 23.27
C SER A 321 -2.97 -9.05 22.71
N LEU A 322 -4.13 -9.63 22.99
CA LEU A 322 -4.45 -10.96 22.47
C LEU A 322 -4.52 -10.95 20.95
N ILE A 323 -5.15 -9.93 20.37
CA ILE A 323 -5.27 -9.85 18.92
C ILE A 323 -3.91 -9.69 18.27
N LEU A 324 -3.05 -8.82 18.83
CA LEU A 324 -1.71 -8.64 18.30
C LEU A 324 -0.91 -9.94 18.36
N LEU A 325 -0.94 -10.62 19.52
CA LEU A 325 -0.20 -11.86 19.66
C LEU A 325 -0.70 -12.92 18.68
N SER A 326 -2.02 -13.06 18.57
CA SER A 326 -2.57 -14.06 17.67
C SER A 326 -2.22 -13.76 16.22
N CYS A 327 -2.32 -12.49 15.81
CA CYS A 327 -2.02 -12.13 14.44
C CYS A 327 -0.55 -12.37 14.12
N VAL A 328 0.35 -11.94 15.01
CA VAL A 328 1.78 -12.12 14.76
C VAL A 328 2.13 -13.60 14.72
N ASN A 329 1.59 -14.38 15.67
CA ASN A 329 1.88 -15.81 15.72
C ASN A 329 1.35 -16.52 14.48
N ASN A 330 0.11 -16.20 14.07
CA ASN A 330 -0.46 -16.83 12.89
C ASN A 330 0.31 -16.46 11.64
N LEU A 331 0.71 -15.19 11.50
CA LEU A 331 1.49 -14.78 10.34
C LEU A 331 2.82 -15.53 10.29
N TYR A 332 3.51 -15.61 11.43
CA TYR A 332 4.81 -16.28 11.46
C TYR A 332 4.67 -17.76 11.11
N PHE A 333 3.67 -18.44 11.69
CA PHE A 333 3.52 -19.86 11.44
C PHE A 333 3.02 -20.15 10.03
N VAL A 334 2.17 -19.29 9.49
CA VAL A 334 1.73 -19.45 8.10
C VAL A 334 2.91 -19.29 7.16
N CYS A 335 3.76 -18.28 7.40
CA CYS A 335 4.94 -18.10 6.57
C CYS A 335 5.88 -19.29 6.69
N TYR A 336 6.07 -19.80 7.91
CA TYR A 336 6.95 -20.96 8.12
C TYR A 336 6.42 -22.18 7.38
N GLN A 337 5.12 -22.44 7.46
CA GLN A 337 4.55 -23.62 6.80
C GLN A 337 4.57 -23.48 5.30
N LEU A 338 4.29 -22.28 4.78
CA LEU A 338 4.36 -22.08 3.33
C LEU A 338 5.79 -22.17 2.83
N LEU A 339 6.77 -21.83 3.67
CA LEU A 339 8.17 -22.06 3.33
C LEU A 339 8.49 -23.55 3.30
N ASN A 340 7.94 -24.31 4.25
CA ASN A 340 8.22 -25.73 4.36
C ASN A 340 7.36 -26.61 3.45
N VAL A 341 6.42 -26.01 2.70
CA VAL A 341 5.48 -26.81 1.91
C VAL A 341 6.21 -27.59 0.80
N PHE A 342 7.31 -27.04 0.30
CA PHE A 342 7.93 -27.67 -0.87
C PHE A 342 8.81 -28.88 -0.56
N ASN A 343 9.21 -29.10 0.69
CA ASN A 343 10.08 -30.23 0.96
C ASN A 343 9.31 -31.54 0.88
N LYS A 344 10.05 -32.65 0.90
CA LYS A 344 9.49 -33.99 0.79
C LYS A 344 9.38 -34.60 2.17
N LEU A 345 8.43 -35.51 2.32
CA LEU A 345 8.22 -36.21 3.58
C LEU A 345 8.39 -37.71 3.35
N ARG A 346 8.80 -38.41 4.42
CA ARG A 346 9.28 -39.78 4.27
C ARG A 346 8.14 -40.75 4.02
N TRP A 347 6.99 -40.52 4.63
CA TRP A 347 5.89 -41.45 4.50
C TRP A 347 4.61 -40.73 4.09
N PRO A 348 3.68 -41.44 3.43
CA PRO A 348 2.42 -40.80 3.03
C PRO A 348 1.62 -40.24 4.21
N ILE A 349 1.64 -40.92 5.35
CA ILE A 349 0.92 -40.43 6.52
C ILE A 349 1.49 -39.08 6.95
N ASN A 350 2.81 -38.91 6.84
CA ASN A 350 3.41 -37.61 7.12
C ASN A 350 2.91 -36.56 6.14
N TYR A 351 2.75 -36.92 4.86
CA TYR A 351 2.22 -35.98 3.88
C TYR A 351 0.80 -35.55 4.26
N ILE A 352 -0.06 -36.50 4.59
CA ILE A 352 -1.43 -36.15 4.94
C ILE A 352 -1.46 -35.29 6.20
N TYR A 353 -0.67 -35.64 7.21
CA TYR A 353 -0.65 -34.86 8.43
C TYR A 353 -0.17 -33.44 8.18
N PHE A 354 0.93 -33.29 7.41
CA PHE A 354 1.48 -31.96 7.17
C PHE A 354 0.52 -31.10 6.36
N TRP A 355 -0.10 -31.68 5.33
CA TRP A 355 -1.04 -30.91 4.53
C TRP A 355 -2.29 -30.56 5.32
N TYR A 356 -2.77 -31.47 6.17
CA TYR A 356 -3.89 -31.16 7.04
C TYR A 356 -3.54 -30.03 7.99
N SER A 357 -2.33 -30.06 8.56
CA SER A 357 -1.92 -29.02 9.49
C SER A 357 -1.80 -27.67 8.80
N LEU A 358 -1.19 -27.64 7.61
CA LEU A 358 -1.05 -26.39 6.87
C LEU A 358 -2.42 -25.84 6.47
N LEU A 359 -3.30 -26.69 5.95
CA LEU A 359 -4.62 -26.25 5.56
C LEU A 359 -5.42 -25.76 6.76
N TYR A 360 -5.32 -26.46 7.90
CA TYR A 360 -6.03 -26.04 9.10
C TYR A 360 -5.49 -24.71 9.61
N LEU A 361 -4.17 -24.52 9.59
CA LEU A 361 -3.61 -23.26 10.06
C LEU A 361 -4.04 -22.10 9.17
N ILE A 362 -3.96 -22.28 7.85
CA ILE A 362 -4.36 -21.22 6.92
C ILE A 362 -5.84 -20.93 7.07
N GLY A 363 -6.66 -21.97 7.15
CA GLY A 363 -8.09 -21.77 7.31
C GLY A 363 -8.46 -21.15 8.63
N ARG A 364 -7.75 -21.49 9.70
CA ARG A 364 -8.03 -20.90 11.00
C ARG A 364 -7.65 -19.43 11.02
N THR A 365 -6.50 -19.07 10.45
CA THR A 365 -6.14 -17.66 10.36
C THR A 365 -7.14 -16.89 9.51
N ALA A 366 -7.51 -17.44 8.35
CA ALA A 366 -8.47 -16.78 7.49
C ALA A 366 -9.83 -16.66 8.16
N PHE A 367 -10.23 -17.67 8.94
CA PHE A 367 -11.53 -17.65 9.59
C PHE A 367 -11.54 -16.68 10.75
N VAL A 368 -10.43 -16.56 11.48
CA VAL A 368 -10.32 -15.53 12.51
C VAL A 368 -10.45 -14.15 11.89
N PHE A 369 -9.72 -13.91 10.80
CA PHE A 369 -9.77 -12.60 10.15
C PHE A 369 -11.15 -12.32 9.59
N LEU A 370 -11.81 -13.33 9.00
CA LEU A 370 -13.14 -13.13 8.44
C LEU A 370 -14.18 -12.92 9.52
N THR A 371 -14.08 -13.64 10.63
CA THR A 371 -15.02 -13.43 11.74
C THR A 371 -14.84 -12.06 12.35
N ALA A 372 -13.59 -11.59 12.46
CA ALA A 372 -13.36 -10.23 12.95
C ALA A 372 -13.88 -9.18 11.97
N ALA A 373 -13.68 -9.41 10.68
CA ALA A 373 -14.18 -8.48 9.66
C ALA A 373 -15.69 -8.57 9.50
N ASP A 374 -16.32 -9.62 10.03
CA ASP A 374 -17.78 -9.69 10.02
C ASP A 374 -18.40 -8.54 10.79
N ILE A 375 -17.71 -8.04 11.82
CA ILE A 375 -18.19 -6.87 12.54
C ILE A 375 -18.25 -5.66 11.62
N ASN A 376 -17.16 -5.42 10.87
CA ASN A 376 -17.13 -4.29 9.95
C ASN A 376 -18.16 -4.45 8.85
N GLU A 377 -18.28 -5.65 8.28
CA GLU A 377 -19.24 -5.88 7.22
C GLU A 377 -20.67 -5.71 7.72
N GLU A 378 -20.95 -6.16 8.95
CA GLU A 378 -22.28 -6.02 9.50
C GLU A 378 -22.61 -4.57 9.80
N SER A 379 -21.63 -3.80 10.28
CA SER A 379 -21.86 -2.36 10.48
C SER A 379 -22.09 -1.65 9.16
N LYS A 380 -21.38 -2.07 8.11
CA LYS A 380 -21.56 -1.43 6.80
C LYS A 380 -22.85 -1.84 6.13
N ARG A 381 -23.38 -3.03 6.46
CA ARG A 381 -24.56 -3.53 5.76
C ARG A 381 -25.79 -2.68 6.03
N GLY A 382 -25.87 -2.02 7.19
CA GLY A 382 -26.99 -1.14 7.46
C GLY A 382 -26.98 0.13 6.63
N LEU A 383 -25.82 0.52 6.11
CA LEU A 383 -25.73 1.73 5.29
C LEU A 383 -26.56 1.60 4.03
N GLY A 384 -26.51 0.44 3.37
CA GLY A 384 -27.27 0.25 2.15
C GLY A 384 -28.76 0.44 2.35
N VAL A 385 -29.29 -0.10 3.45
CA VAL A 385 -30.70 0.09 3.76
C VAL A 385 -31.00 1.53 4.16
N LEU A 386 -30.09 2.15 4.93
CA LEU A 386 -30.31 3.53 5.34
C LEU A 386 -30.23 4.50 4.16
N ARG A 387 -29.44 4.17 3.14
CA ARG A 387 -29.35 5.02 1.96
C ARG A 387 -30.64 5.03 1.16
N ARG A 388 -31.53 4.09 1.41
CA ARG A 388 -32.80 3.99 0.70
C ARG A 388 -33.97 4.59 1.48
N VAL A 389 -33.68 5.31 2.57
CA VAL A 389 -34.72 5.94 3.36
C VAL A 389 -35.43 7.00 2.52
N SER A 390 -36.75 7.04 2.61
CA SER A 390 -37.55 7.97 1.82
C SER A 390 -37.17 9.42 2.14
N SER A 391 -37.48 10.30 1.20
CA SER A 391 -37.03 11.69 1.32
C SER A 391 -37.69 12.40 2.50
N ARG A 392 -38.99 12.22 2.69
CA ARG A 392 -39.67 12.96 3.75
C ARG A 392 -39.36 12.43 5.13
N SER A 393 -38.97 11.17 5.24
CA SER A 393 -38.61 10.55 6.53
C SER A 393 -37.11 10.62 6.79
N TRP A 394 -36.45 11.63 6.23
CA TRP A 394 -35.02 11.85 6.43
C TRP A 394 -34.84 12.98 7.42
N CYS A 395 -34.11 12.73 8.50
CA CYS A 395 -33.92 13.71 9.56
C CYS A 395 -32.46 13.77 9.96
N VAL A 396 -32.17 14.55 10.99
CA VAL A 396 -30.80 14.71 11.46
C VAL A 396 -30.24 13.40 12.01
N GLU A 397 -31.09 12.60 12.64
CA GLU A 397 -30.63 11.33 13.21
C GLU A 397 -30.12 10.39 12.13
N VAL A 398 -30.83 10.30 11.00
CA VAL A 398 -30.39 9.44 9.91
C VAL A 398 -29.07 9.94 9.34
N GLU A 399 -28.93 11.26 9.22
CA GLU A 399 -27.68 11.83 8.71
C GLU A 399 -26.52 11.50 9.63
N ARG A 400 -26.73 11.65 10.95
CA ARG A 400 -25.69 11.32 11.90
C ARG A 400 -25.32 9.84 11.83
N LEU A 401 -26.32 8.97 11.76
CA LEU A 401 -26.06 7.53 11.71
C LEU A 401 -25.30 7.15 10.44
N ILE A 402 -25.70 7.70 9.30
CA ILE A 402 -25.04 7.40 8.04
C ILE A 402 -23.60 7.90 8.06
N PHE A 403 -23.39 9.12 8.56
CA PHE A 403 -22.03 9.65 8.69
C PHE A 403 -21.19 8.77 9.60
N GLN A 404 -21.77 8.30 10.70
CA GLN A 404 -21.03 7.49 11.66
C GLN A 404 -20.61 6.15 11.04
N MET A 405 -21.55 5.45 10.39
CA MET A 405 -21.16 4.18 9.78
C MET A 405 -20.22 4.38 8.60
N THR A 406 -20.40 5.45 7.81
CA THR A 406 -19.58 5.62 6.62
C THR A 406 -18.15 6.05 6.95
N THR A 407 -18.00 6.96 7.90
CA THR A 407 -16.68 7.53 8.18
C THR A 407 -15.93 6.74 9.24
N GLN A 408 -16.56 6.45 10.37
CA GLN A 408 -15.91 5.68 11.42
C GLN A 408 -15.73 4.23 10.99
N THR A 409 -14.51 3.71 11.16
CA THR A 409 -14.26 2.29 10.95
C THR A 409 -14.67 1.52 12.20
N VAL A 410 -15.45 0.47 12.02
CA VAL A 410 -15.99 -0.29 13.14
C VAL A 410 -15.50 -1.73 13.06
N ALA A 411 -14.36 -2.01 13.71
CA ALA A 411 -13.80 -3.35 13.68
C ALA A 411 -12.79 -3.49 14.80
N LEU A 412 -12.44 -4.73 15.11
CA LEU A 412 -11.38 -5.00 16.07
C LEU A 412 -10.03 -4.57 15.51
N SER A 413 -9.14 -4.15 16.40
CA SER A 413 -7.85 -3.61 15.99
C SER A 413 -6.73 -4.24 16.81
N GLY A 414 -5.56 -4.35 16.20
CA GLY A 414 -4.37 -4.78 16.91
C GLY A 414 -3.64 -3.62 17.55
N LYS A 415 -4.19 -3.11 18.66
CA LYS A 415 -3.66 -1.93 19.34
C LYS A 415 -3.62 -0.72 18.40
N LYS A 416 -4.68 -0.60 17.58
CA LYS A 416 -4.90 0.51 16.65
C LYS A 416 -3.87 0.55 15.52
N PHE A 417 -2.93 -0.39 15.47
CA PHE A 417 -1.96 -0.39 14.36
C PHE A 417 -2.61 -0.81 13.06
N TYR A 418 -3.62 -1.67 13.13
CA TYR A 418 -4.35 -2.12 11.96
C TYR A 418 -5.76 -2.48 12.39
N PHE A 419 -6.69 -2.47 11.44
CA PHE A 419 -8.08 -2.80 11.69
C PHE A 419 -8.44 -4.09 10.96
N LEU A 420 -9.03 -5.03 11.70
CA LEU A 420 -9.34 -6.35 11.16
C LEU A 420 -10.53 -6.23 10.21
N THR A 421 -10.24 -6.13 8.92
CA THR A 421 -11.25 -6.02 7.88
C THR A 421 -10.91 -6.97 6.74
N ARG A 422 -11.85 -7.09 5.81
CA ARG A 422 -11.59 -7.91 4.61
C ARG A 422 -10.48 -7.30 3.77
N ARG A 423 -10.43 -5.97 3.69
CA ARG A 423 -9.31 -5.28 3.06
C ARG A 423 -8.00 -5.69 3.73
N LEU A 424 -7.99 -5.73 5.06
CA LEU A 424 -6.79 -6.15 5.77
C LEU A 424 -6.45 -7.60 5.50
N LEU A 425 -7.46 -8.47 5.36
CA LEU A 425 -7.17 -9.87 5.03
C LEU A 425 -6.54 -10.00 3.66
N PHE A 426 -7.05 -9.25 2.67
CA PHE A 426 -6.46 -9.29 1.34
C PHE A 426 -5.03 -8.73 1.37
N GLY A 427 -4.82 -7.64 2.10
CA GLY A 427 -3.47 -7.11 2.22
C GLY A 427 -2.51 -8.07 2.90
N MET A 428 -3.00 -8.79 3.92
CA MET A 428 -2.18 -9.78 4.59
C MET A 428 -1.85 -10.95 3.66
N ALA A 429 -2.81 -11.36 2.83
CA ALA A 429 -2.54 -12.41 1.85
C ALA A 429 -1.48 -11.96 0.86
N GLY A 430 -1.58 -10.72 0.38
CA GLY A 430 -0.54 -10.21 -0.52
C GLY A 430 0.82 -10.13 0.14
N THR A 431 0.84 -9.67 1.40
CA THR A 431 2.10 -9.60 2.14
C THR A 431 2.70 -10.99 2.34
N ILE A 432 1.86 -11.98 2.63
CA ILE A 432 2.33 -13.35 2.77
C ILE A 432 2.91 -13.86 1.46
N VAL A 433 2.24 -13.56 0.34
CA VAL A 433 2.75 -13.99 -0.97
C VAL A 433 4.11 -13.36 -1.23
N THR A 434 4.25 -12.06 -0.96
CA THR A 434 5.53 -11.39 -1.17
C THR A 434 6.62 -11.98 -0.27
N TYR A 435 6.31 -12.20 0.99
CA TYR A 435 7.30 -12.75 1.93
C TYR A 435 7.72 -14.15 1.50
N GLU A 436 6.77 -14.97 1.05
CA GLU A 436 7.12 -16.31 0.58
C GLU A 436 7.98 -16.24 -0.68
N LEU A 437 7.65 -15.33 -1.59
CA LEU A 437 8.46 -15.16 -2.80
C LEU A 437 9.89 -14.78 -2.45
N VAL A 438 10.06 -13.92 -1.45
CA VAL A 438 11.40 -13.52 -1.04
C VAL A 438 12.12 -14.68 -0.35
N LEU A 439 11.43 -15.40 0.54
CA LEU A 439 12.05 -16.44 1.35
C LEU A 439 12.34 -17.72 0.56
N LEU A 440 11.68 -17.93 -0.57
CA LEU A 440 12.04 -19.09 -1.40
C LEU A 440 13.46 -18.94 -1.96
N GLN A 441 13.98 -17.71 -2.04
CA GLN A 441 15.40 -17.54 -2.33
C GLN A 441 16.27 -18.22 -1.27
N PHE A 442 15.92 -18.05 0.00
CA PHE A 442 16.64 -18.75 1.07
C PHE A 442 16.41 -20.25 0.98
N ASP A 443 15.19 -20.65 0.61
CA ASP A 443 14.85 -22.08 0.60
C ASP A 443 15.52 -22.82 -0.55
N GLU A 444 15.84 -22.13 -1.64
CA GLU A 444 16.34 -22.78 -2.85
C GLU A 444 17.64 -23.56 -2.65
N PRO A 445 18.69 -23.03 -2.00
CA PRO A 445 19.93 -23.81 -1.90
C PRO A 445 19.80 -25.12 -1.13
N ASN A 446 18.78 -25.25 -0.28
CA ASN A 446 18.58 -26.52 0.43
C ASN A 446 18.24 -27.65 -0.54
N ARG A 447 17.42 -27.36 -1.54
CA ARG A 447 17.02 -28.36 -2.53
C ARG A 447 17.79 -28.20 -3.82
N LEU B 56 4.26 28.11 36.05
CA LEU B 56 3.00 27.59 35.54
C LEU B 56 3.26 26.42 34.59
N ASP B 57 2.22 25.67 34.26
CA ASP B 57 2.33 24.51 33.37
C ASP B 57 2.37 25.02 31.93
N LEU B 58 3.57 25.36 31.47
CA LEU B 58 3.78 25.83 30.12
C LEU B 58 4.83 24.94 29.44
N PHE B 59 4.73 24.84 28.11
CA PHE B 59 5.68 24.01 27.38
C PHE B 59 7.10 24.56 27.49
N HIS B 60 7.25 25.87 27.40
CA HIS B 60 8.58 26.48 27.47
C HIS B 60 9.23 26.21 28.83
N ARG B 61 8.48 26.38 29.91
CA ARG B 61 9.01 26.12 31.25
C ARG B 61 9.29 24.64 31.47
N ALA B 62 8.63 23.76 30.72
CA ALA B 62 8.85 22.33 30.85
C ALA B 62 9.92 21.80 29.90
N VAL B 63 10.27 22.57 28.88
CA VAL B 63 11.24 22.11 27.88
C VAL B 63 12.60 22.80 28.00
N PHE B 64 12.65 24.00 28.59
CA PHE B 64 13.89 24.78 28.64
C PHE B 64 15.00 24.12 29.48
N PRO B 65 14.71 23.32 30.52
CA PRO B 65 15.83 22.64 31.21
C PRO B 65 16.64 21.74 30.30
N PHE B 66 16.01 21.10 29.32
CA PHE B 66 16.73 20.24 28.39
C PHE B 66 17.20 21.00 27.15
N MET B 67 16.50 22.07 26.78
CA MET B 67 17.00 22.95 25.74
C MET B 67 18.33 23.58 26.16
N PHE B 68 18.47 23.91 27.44
CA PHE B 68 19.74 24.44 27.93
C PHE B 68 20.86 23.40 27.84
N LEU B 69 20.55 22.14 28.16
CA LEU B 69 21.56 21.10 28.06
C LEU B 69 21.96 20.87 26.61
N ALA B 70 20.98 20.92 25.70
CA ALA B 70 21.30 20.84 24.27
C ALA B 70 22.15 22.02 23.83
N GLN B 71 21.90 23.21 24.41
CA GLN B 71 22.75 24.35 24.16
C GLN B 71 24.17 24.09 24.63
N CYS B 72 24.30 23.44 25.79
CA CYS B 72 25.61 23.05 26.29
C CYS B 72 26.29 22.05 25.36
N VAL B 73 25.51 21.21 24.69
CA VAL B 73 26.05 20.28 23.71
C VAL B 73 26.00 20.93 22.33
N ALA B 74 25.74 22.25 22.32
CA ALA B 74 25.72 23.06 21.10
C ALA B 74 24.64 22.62 20.12
N ILE B 75 23.38 22.70 20.55
CA ILE B 75 22.23 22.39 19.71
C ILE B 75 21.20 23.50 19.87
N MET B 76 20.62 23.92 18.74
CA MET B 76 19.64 25.00 18.71
C MET B 76 20.21 26.26 19.34
N PRO B 77 21.14 26.95 18.67
CA PRO B 77 21.79 28.12 19.27
C PRO B 77 20.84 29.27 19.49
N LEU B 78 20.68 29.67 20.76
CA LEU B 78 19.78 30.76 21.12
C LEU B 78 20.33 31.48 22.32
N VAL B 79 19.81 32.68 22.57
CA VAL B 79 20.15 33.45 23.76
C VAL B 79 18.91 33.61 24.62
N GLY B 80 19.11 33.63 25.93
CA GLY B 80 17.99 33.75 26.84
C GLY B 80 17.13 32.51 26.93
N ILE B 81 17.65 31.35 26.55
CA ILE B 81 16.86 30.12 26.60
C ILE B 81 16.61 29.67 28.03
N ARG B 82 17.41 30.14 28.99
CA ARG B 82 17.25 29.78 30.40
C ARG B 82 16.24 30.67 31.13
N GLU B 83 15.76 31.74 30.50
CA GLU B 83 14.81 32.62 31.14
C GLU B 83 13.40 32.05 31.05
N SER B 84 12.63 32.26 32.11
CA SER B 84 11.27 31.75 32.17
C SER B 84 10.29 32.52 31.30
N ASN B 85 10.70 33.68 30.78
CA ASN B 85 9.82 34.47 29.91
C ASN B 85 9.99 33.99 28.48
N PRO B 86 8.92 33.51 27.83
CA PRO B 86 9.08 32.99 26.46
C PRO B 86 9.39 34.06 25.42
N ARG B 87 9.24 35.33 25.75
CA ARG B 87 9.47 36.40 24.79
C ARG B 87 10.90 36.92 24.78
N ARG B 88 11.75 36.46 25.69
CA ARG B 88 13.14 36.93 25.74
C ARG B 88 14.09 36.08 24.93
N VAL B 89 13.64 34.94 24.40
CA VAL B 89 14.51 34.08 23.61
C VAL B 89 14.52 34.56 22.17
N ARG B 90 15.72 34.75 21.61
CA ARG B 90 15.86 35.23 20.25
C ARG B 90 17.12 34.62 19.64
N PHE B 91 17.16 34.62 18.31
CA PHE B 91 18.29 34.07 17.56
C PHE B 91 19.13 35.22 17.02
N ALA B 92 20.40 35.25 17.42
CA ALA B 92 21.34 36.26 16.95
C ALA B 92 22.61 35.56 16.49
N TYR B 93 23.05 35.89 15.27
CA TYR B 93 24.22 35.23 14.69
C TYR B 93 25.51 35.55 15.43
N LYS B 94 25.55 36.64 16.19
CA LYS B 94 26.73 37.04 16.95
C LYS B 94 26.43 36.80 18.42
N SER B 95 26.70 35.58 18.87
CA SER B 95 26.44 35.20 20.25
C SER B 95 27.42 34.12 20.67
N ILE B 96 27.60 33.99 21.99
CA ILE B 96 28.44 32.93 22.53
C ILE B 96 27.91 31.54 22.16
N PRO B 97 26.60 31.25 22.28
CA PRO B 97 26.13 29.93 21.81
C PRO B 97 26.36 29.73 20.32
N MET B 98 26.28 30.79 19.53
CA MET B 98 26.61 30.68 18.11
C MET B 98 28.08 30.31 17.93
N PHE B 99 28.97 30.91 18.72
CA PHE B 99 30.38 30.59 18.60
C PHE B 99 30.65 29.15 19.04
N VAL B 100 30.00 28.69 20.11
CA VAL B 100 30.24 27.32 20.58
C VAL B 100 29.71 26.31 19.58
N THR B 101 28.55 26.58 18.97
CA THR B 101 28.03 25.64 17.99
C THR B 101 28.85 25.70 16.70
N LEU B 102 29.44 26.85 16.39
CA LEU B 102 30.33 26.93 15.23
C LEU B 102 31.58 26.10 15.47
N ILE B 103 32.14 26.15 16.68
CA ILE B 103 33.28 25.31 17.02
C ILE B 103 32.91 23.84 16.94
N PHE B 104 31.73 23.48 17.47
CA PHE B 104 31.32 22.08 17.43
C PHE B 104 31.09 21.61 15.99
N MET B 105 30.53 22.47 15.14
CA MET B 105 30.36 22.12 13.73
C MET B 105 31.71 21.95 13.05
N ILE B 106 32.68 22.82 13.36
CA ILE B 106 34.02 22.67 12.78
C ILE B 106 34.64 21.36 13.21
N ALA B 107 34.51 21.01 14.49
CA ALA B 107 35.08 19.76 15.00
C ALA B 107 34.41 18.55 14.35
N THR B 108 33.07 18.57 14.24
CA THR B 108 32.36 17.46 13.62
C THR B 108 32.71 17.35 12.14
N SER B 109 32.91 18.50 11.47
CA SER B 109 33.35 18.47 10.08
C SER B 109 34.77 17.92 9.94
N ILE B 110 35.64 18.22 10.90
CA ILE B 110 36.98 17.63 10.88
C ILE B 110 36.87 16.11 11.03
N LEU B 111 35.99 15.66 11.93
CA LEU B 111 35.74 14.23 12.08
C LEU B 111 35.23 13.62 10.77
N PHE B 112 34.31 14.32 10.10
CA PHE B 112 33.73 13.84 8.86
C PHE B 112 34.79 13.73 7.76
N LEU B 113 35.64 14.75 7.64
CA LEU B 113 36.70 14.71 6.64
C LEU B 113 37.71 13.61 6.94
N SER B 114 38.04 13.40 8.21
CA SER B 114 38.95 12.30 8.56
C SER B 114 38.34 10.96 8.20
N MET B 115 37.05 10.76 8.51
CA MET B 115 36.38 9.53 8.15
C MET B 115 36.34 9.33 6.64
N PHE B 116 36.07 10.41 5.89
CA PHE B 116 36.02 10.32 4.44
C PHE B 116 37.38 9.94 3.87
N THR B 117 38.45 10.56 4.38
CA THR B 117 39.79 10.23 3.94
C THR B 117 40.14 8.78 4.25
N HIS B 118 39.79 8.31 5.45
CA HIS B 118 40.06 6.92 5.81
C HIS B 118 39.31 5.96 4.91
N LEU B 119 38.05 6.26 4.62
CA LEU B 119 37.26 5.36 3.77
C LEU B 119 37.75 5.38 2.33
N LEU B 120 38.21 6.54 1.85
CA LEU B 120 38.81 6.59 0.52
C LEU B 120 40.09 5.78 0.47
N LYS B 121 40.91 5.84 1.53
CA LYS B 121 42.13 5.03 1.57
C LYS B 121 41.81 3.54 1.62
N ILE B 122 40.79 3.15 2.38
CA ILE B 122 40.43 1.75 2.53
C ILE B 122 39.52 1.29 1.41
N GLY B 123 38.45 2.03 1.13
CA GLY B 123 37.48 1.64 0.13
C GLY B 123 36.06 1.78 0.62
N ILE B 124 35.23 2.51 -0.13
CA ILE B 124 33.85 2.75 0.27
C ILE B 124 33.02 1.51 -0.05
N THR B 125 32.52 0.85 0.98
CA THR B 125 31.63 -0.30 0.85
C THR B 125 30.29 0.02 1.50
N ALA B 126 29.42 -0.99 1.58
CA ALA B 126 28.13 -0.83 2.24
C ALA B 126 28.23 -1.02 3.75
N LYS B 127 29.38 -1.46 4.26
CA LYS B 127 29.58 -1.68 5.68
C LYS B 127 30.23 -0.50 6.38
N ASN B 128 31.38 -0.04 5.87
CA ASN B 128 32.10 1.08 6.49
C ASN B 128 31.45 2.42 6.21
N PHE B 129 30.51 2.50 5.25
CA PHE B 129 29.86 3.76 4.94
C PHE B 129 28.99 4.27 6.09
N VAL B 130 28.67 3.41 7.06
CA VAL B 130 27.80 3.81 8.15
C VAL B 130 28.43 4.93 8.98
N GLY B 131 29.76 4.97 9.05
CA GLY B 131 30.42 6.08 9.74
C GLY B 131 30.19 7.40 9.05
N LEU B 132 30.34 7.43 7.72
CA LEU B 132 30.05 8.64 6.97
C LEU B 132 28.58 9.02 7.10
N VAL B 133 27.68 8.04 7.07
CA VAL B 133 26.26 8.36 7.23
C VAL B 133 26.00 8.98 8.59
N PHE B 134 26.61 8.43 9.65
CA PHE B 134 26.40 8.95 11.00
C PHE B 134 26.94 10.37 11.12
N PHE B 135 28.16 10.61 10.60
CA PHE B 135 28.74 11.94 10.74
C PHE B 135 27.99 12.97 9.89
N GLY B 136 27.59 12.59 8.68
CA GLY B 136 26.77 13.48 7.88
C GLY B 136 25.41 13.74 8.48
N CYS B 137 24.84 12.75 9.16
CA CYS B 137 23.58 12.94 9.86
C CYS B 137 23.76 13.89 11.04
N VAL B 138 24.89 13.81 11.73
CA VAL B 138 25.17 14.76 12.81
C VAL B 138 25.31 16.17 12.26
N LEU B 139 26.02 16.31 11.13
CA LEU B 139 26.16 17.63 10.52
C LEU B 139 24.82 18.18 10.07
N SER B 140 24.00 17.33 9.45
CA SER B 140 22.67 17.74 9.01
C SER B 140 21.79 18.11 10.19
N ALA B 141 21.93 17.37 11.30
CA ALA B 141 21.21 17.73 12.52
C ALA B 141 21.65 19.09 13.04
N TYR B 142 22.94 19.37 12.99
CA TYR B 142 23.43 20.69 13.40
C TYR B 142 22.83 21.79 12.54
N VAL B 143 22.83 21.61 11.22
CA VAL B 143 22.31 22.64 10.32
C VAL B 143 20.80 22.80 10.50
N VAL B 144 20.08 21.68 10.57
CA VAL B 144 18.62 21.73 10.71
C VAL B 144 18.25 22.35 12.06
N PHE B 145 19.03 22.08 13.10
CA PHE B 145 18.77 22.69 14.40
C PHE B 145 19.12 24.17 14.40
N ILE B 146 20.11 24.58 13.60
CA ILE B 146 20.38 26.01 13.44
C ILE B 146 19.18 26.71 12.82
N ARG B 147 18.64 26.13 11.75
CA ARG B 147 17.45 26.71 11.12
C ARG B 147 16.25 26.66 12.06
N LEU B 148 16.12 25.58 12.83
CA LEU B 148 15.04 25.46 13.78
C LEU B 148 15.14 26.51 14.88
N ALA B 149 16.36 26.79 15.36
CA ALA B 149 16.55 27.86 16.32
C ALA B 149 16.28 29.23 15.70
N LYS B 150 16.57 29.38 14.41
CA LYS B 150 16.20 30.62 13.72
C LYS B 150 14.69 30.80 13.72
N LYS B 151 13.93 29.74 13.47
CA LYS B 151 12.48 29.81 13.46
C LYS B 151 11.85 29.72 14.84
N TRP B 152 12.62 29.38 15.87
CA TRP B 152 12.14 29.05 17.20
C TRP B 152 11.53 30.23 17.97
N PRO B 153 11.99 31.47 17.80
CA PRO B 153 11.27 32.59 18.42
C PRO B 153 9.78 32.61 18.12
N ALA B 154 9.41 32.57 16.83
CA ALA B 154 8.01 32.59 16.46
C ALA B 154 7.28 31.34 16.94
N VAL B 155 7.94 30.18 16.89
CA VAL B 155 7.32 28.94 17.33
C VAL B 155 6.98 29.02 18.81
N VAL B 156 7.94 29.49 19.62
CA VAL B 156 7.70 29.62 21.06
C VAL B 156 6.63 30.65 21.34
N ARG B 157 6.64 31.77 20.61
CA ARG B 157 5.63 32.81 20.82
C ARG B 157 4.23 32.28 20.54
N ILE B 158 4.05 31.61 19.40
CA ILE B 158 2.73 31.09 19.06
C ILE B 158 2.33 29.96 20.01
N TRP B 159 3.29 29.14 20.44
CA TRP B 159 2.99 28.08 21.38
C TRP B 159 2.50 28.65 22.70
N THR B 160 3.15 29.69 23.20
CA THR B 160 2.70 30.33 24.43
C THR B 160 1.34 31.00 24.24
N ARG B 161 1.12 31.63 23.09
CA ARG B 161 -0.13 32.34 22.88
C ARG B 161 -1.33 31.39 22.81
N THR B 162 -1.21 30.30 22.04
CA THR B 162 -2.34 29.39 21.89
C THR B 162 -2.58 28.52 23.11
N GLU B 163 -1.55 28.26 23.91
CA GLU B 163 -1.69 27.40 25.08
C GLU B 163 -2.19 28.13 26.32
N ILE B 164 -2.38 29.45 26.24
CA ILE B 164 -2.87 30.20 27.40
C ILE B 164 -4.24 29.71 27.88
N PRO B 165 -5.24 29.52 27.01
CA PRO B 165 -6.55 29.06 27.52
C PRO B 165 -6.51 27.68 28.16
N PHE B 166 -5.50 26.86 27.86
CA PHE B 166 -5.42 25.51 28.40
C PHE B 166 -4.95 25.47 29.84
N THR B 167 -4.52 26.61 30.40
CA THR B 167 -4.14 26.69 31.80
C THR B 167 -5.25 27.25 32.68
N LYS B 168 -6.45 27.37 32.15
CA LYS B 168 -7.61 27.93 32.84
C LYS B 168 -8.75 26.93 32.77
N PRO B 169 -9.73 27.05 33.66
CA PRO B 169 -10.89 26.16 33.60
C PRO B 169 -11.65 26.39 32.31
N PRO B 170 -12.39 25.37 31.84
CA PRO B 170 -12.65 24.07 32.45
C PRO B 170 -11.54 23.04 32.20
N TYR B 171 -10.44 23.43 31.59
CA TYR B 171 -9.31 22.53 31.42
C TYR B 171 -8.58 22.35 32.75
N GLU B 172 -8.21 21.10 33.06
CA GLU B 172 -7.58 20.77 34.32
C GLU B 172 -6.27 20.02 34.07
N ILE B 173 -5.35 20.17 35.01
CA ILE B 173 -4.04 19.50 34.91
C ILE B 173 -4.21 18.02 35.26
N PRO B 174 -3.72 17.11 34.42
CA PRO B 174 -3.87 15.68 34.73
C PRO B 174 -2.99 15.24 35.90
N LYS B 175 -3.00 13.93 36.19
CA LYS B 175 -2.18 13.39 37.26
C LYS B 175 -0.69 13.57 36.99
N ARG B 176 -0.30 13.75 35.73
CA ARG B 176 1.09 13.97 35.35
C ARG B 176 1.11 15.20 34.44
N ASN B 177 1.56 16.33 34.97
CA ASN B 177 1.57 17.57 34.20
C ASN B 177 2.62 17.49 33.10
N LEU B 178 2.62 18.52 32.24
CA LEU B 178 3.54 18.54 31.11
C LEU B 178 4.99 18.52 31.57
N SER B 179 5.28 19.20 32.68
CA SER B 179 6.65 19.21 33.20
C SER B 179 7.10 17.79 33.55
N ARG B 180 6.26 17.04 34.28
CA ARG B 180 6.65 15.69 34.66
C ARG B 180 6.73 14.76 33.46
N ARG B 181 5.82 14.90 32.48
CA ARG B 181 5.88 14.06 31.29
C ARG B 181 7.16 14.31 30.50
N VAL B 182 7.48 15.57 30.24
CA VAL B 182 8.69 15.91 29.51
C VAL B 182 9.92 15.47 30.28
N GLN B 183 9.91 15.66 31.61
CA GLN B 183 11.04 15.24 32.43
C GLN B 183 11.24 13.74 32.37
N LEU B 184 10.16 12.97 32.46
CA LEU B 184 10.26 11.51 32.40
C LEU B 184 10.80 11.08 31.05
N ALA B 185 10.24 11.62 29.96
CA ALA B 185 10.69 11.23 28.63
C ALA B 185 12.16 11.58 28.42
N ALA B 186 12.55 12.81 28.78
CA ALA B 186 13.92 13.25 28.57
C ALA B 186 14.90 12.50 29.46
N LEU B 187 14.52 12.23 30.71
CA LEU B 187 15.39 11.48 31.60
C LEU B 187 15.56 10.04 31.10
N ALA B 188 14.47 9.42 30.63
CA ALA B 188 14.58 8.07 30.09
C ALA B 188 15.50 8.05 28.87
N ILE B 189 15.32 9.00 27.95
CA ILE B 189 16.15 9.02 26.75
C ILE B 189 17.60 9.29 27.10
N ILE B 190 17.86 10.26 27.99
CA ILE B 190 19.22 10.60 28.36
C ILE B 190 19.88 9.45 29.09
N GLY B 191 19.17 8.80 30.01
CA GLY B 191 19.74 7.67 30.71
C GLY B 191 20.02 6.49 29.79
N LEU B 192 19.11 6.22 28.85
CA LEU B 192 19.34 5.12 27.91
C LEU B 192 20.52 5.42 26.99
N SER B 193 20.64 6.67 26.53
CA SER B 193 21.77 7.03 25.67
C SER B 193 23.08 7.00 26.44
N LEU B 194 23.07 7.46 27.70
CA LEU B 194 24.27 7.40 28.52
C LEU B 194 24.65 5.96 28.81
N GLY B 195 23.66 5.09 29.04
CA GLY B 195 23.96 3.68 29.22
C GLY B 195 24.51 3.04 27.96
N GLU B 196 23.96 3.39 26.81
CA GLU B 196 24.46 2.87 25.54
C GLU B 196 25.90 3.30 25.32
N HIS B 197 26.21 4.58 25.58
CA HIS B 197 27.58 5.05 25.44
C HIS B 197 28.50 4.41 26.48
N ALA B 198 27.98 4.18 27.68
CA ALA B 198 28.77 3.54 28.73
C ALA B 198 29.12 2.11 28.34
N LEU B 199 28.15 1.36 27.80
CA LEU B 199 28.45 0.00 27.35
C LEU B 199 29.34 0.02 26.11
N TYR B 200 29.20 1.03 25.24
CA TYR B 200 30.10 1.12 24.10
C TYR B 200 31.54 1.34 24.57
N GLN B 201 31.75 2.26 25.50
CA GLN B 201 33.09 2.51 26.02
C GLN B 201 33.61 1.30 26.79
N VAL B 202 32.75 0.65 27.58
CA VAL B 202 33.18 -0.51 28.35
C VAL B 202 33.57 -1.65 27.41
N SER B 203 32.77 -1.88 26.37
CA SER B 203 33.13 -2.89 25.38
C SER B 203 34.40 -2.51 24.65
N ALA B 204 34.62 -1.22 24.41
CA ALA B 204 35.87 -0.79 23.76
C ALA B 204 37.07 -1.11 24.63
N ILE B 205 37.02 -0.71 25.91
CA ILE B 205 38.14 -0.98 26.81
C ILE B 205 38.34 -2.49 26.99
N LEU B 206 37.25 -3.24 27.10
CA LEU B 206 37.38 -4.67 27.33
C LEU B 206 37.92 -5.39 26.09
N SER B 207 37.39 -5.06 24.91
CA SER B 207 37.93 -5.65 23.69
C SER B 207 39.38 -5.26 23.50
N TYR B 208 39.75 -4.04 23.87
CA TYR B 208 41.15 -3.62 23.83
C TYR B 208 42.01 -4.49 24.75
N THR B 209 41.55 -4.71 25.99
CA THR B 209 42.35 -5.46 26.95
C THR B 209 42.48 -6.92 26.56
N ARG B 210 41.37 -7.55 26.15
CA ARG B 210 41.42 -8.93 25.69
C ARG B 210 42.15 -9.06 24.36
N ARG B 211 42.19 -8.01 23.55
CA ARG B 211 43.01 -8.03 22.35
C ARG B 211 44.49 -7.85 22.69
N ILE B 212 44.79 -7.28 23.86
CA ILE B 212 46.17 -7.06 24.27
C ILE B 212 46.68 -8.19 25.15
N GLN B 213 45.86 -8.64 26.10
CA GLN B 213 46.37 -9.56 27.12
C GLN B 213 46.53 -10.97 26.56
N MET B 214 45.68 -11.39 25.63
CA MET B 214 45.95 -12.59 24.85
C MET B 214 45.58 -12.32 23.40
N CYS B 215 45.85 -13.31 22.54
CA CYS B 215 45.56 -13.28 21.10
C CYS B 215 46.36 -12.22 20.36
N ALA B 216 47.42 -11.70 20.96
CA ALA B 216 48.31 -10.76 20.28
C ALA B 216 49.77 -10.99 20.58
N ASN B 217 50.12 -11.98 21.43
CA ASN B 217 51.50 -12.26 21.80
C ASN B 217 52.16 -11.03 22.42
N ILE B 218 51.37 -10.25 23.16
CA ILE B 218 51.81 -9.00 23.79
C ILE B 218 52.46 -8.10 22.75
N THR B 219 53.75 -7.83 22.91
CA THR B 219 54.51 -6.92 22.04
C THR B 219 53.85 -5.55 21.95
N THR B 220 53.13 -5.16 23.00
CA THR B 220 52.45 -3.86 23.03
C THR B 220 52.16 -3.52 24.49
N VAL B 221 52.70 -2.40 24.95
CA VAL B 221 52.45 -1.95 26.31
C VAL B 221 51.06 -1.32 26.37
N PRO B 222 50.16 -1.81 27.24
CA PRO B 222 48.82 -1.22 27.32
C PRO B 222 48.85 0.22 27.79
N SER B 223 48.35 1.14 26.98
CA SER B 223 48.39 2.55 27.31
C SER B 223 47.20 3.27 26.71
N PHE B 224 46.90 4.44 27.28
CA PHE B 224 45.81 5.28 26.77
C PHE B 224 46.14 5.81 25.38
N ASN B 225 47.42 6.08 25.12
CA ASN B 225 47.83 6.57 23.81
C ASN B 225 47.56 5.55 22.72
N ASN B 226 47.91 4.29 22.97
CA ASN B 226 47.65 3.23 21.99
C ASN B 226 46.15 2.99 21.83
N TYR B 227 45.38 3.12 22.91
CA TYR B 227 43.93 3.06 22.81
C TYR B 227 43.42 4.12 21.83
N MET B 228 43.86 5.37 22.01
CA MET B 228 43.38 6.45 21.15
C MET B 228 43.84 6.25 19.72
N GLN B 229 45.06 5.76 19.51
CA GLN B 229 45.60 5.59 18.17
C GLN B 229 45.08 4.35 17.46
N THR B 230 44.50 3.39 18.17
CA THR B 230 44.02 2.15 17.55
C THR B 230 42.50 2.11 17.44
N ASN B 231 41.78 2.21 18.56
CA ASN B 231 40.32 2.17 18.50
C ASN B 231 39.77 3.46 17.90
N TYR B 232 40.41 4.59 18.17
CA TYR B 232 39.95 5.89 17.71
C TYR B 232 40.87 6.45 16.65
N ASP B 233 41.28 5.59 15.72
CA ASP B 233 42.18 5.96 14.65
C ASP B 233 41.42 6.79 13.61
N TYR B 234 42.03 6.95 12.43
CA TYR B 234 41.52 7.62 11.24
C TYR B 234 41.34 9.12 11.45
N VAL B 235 41.55 9.64 12.67
CA VAL B 235 41.51 11.07 12.93
C VAL B 235 42.90 11.62 13.22
N PHE B 236 43.76 10.83 13.88
CA PHE B 236 45.13 11.23 14.14
C PHE B 236 46.02 11.14 12.91
N GLN B 237 45.52 10.60 11.81
CA GLN B 237 46.29 10.57 10.57
C GLN B 237 46.39 11.95 9.95
N LEU B 238 45.40 12.81 10.19
CA LEU B 238 45.39 14.17 9.68
C LEU B 238 45.87 15.19 10.70
N LEU B 239 45.65 14.92 11.98
CA LEU B 239 46.00 15.85 13.05
C LEU B 239 47.13 15.28 13.90
N PRO B 240 48.03 16.13 14.40
CA PRO B 240 49.10 15.62 15.28
C PRO B 240 48.53 15.14 16.60
N TYR B 241 49.17 14.12 17.16
CA TYR B 241 48.68 13.52 18.39
C TYR B 241 48.94 14.43 19.58
N SER B 242 47.98 14.43 20.52
CA SER B 242 48.10 15.18 21.77
C SER B 242 47.05 14.62 22.73
N PRO B 243 47.39 14.41 24.00
CA PRO B 243 46.36 13.94 24.95
C PRO B 243 45.16 14.87 25.03
N ILE B 244 45.39 16.19 24.97
CA ILE B 244 44.29 17.14 24.91
C ILE B 244 43.49 16.93 23.62
N ILE B 245 44.18 16.73 22.50
CA ILE B 245 43.49 16.51 21.23
C ILE B 245 42.66 15.23 21.30
N ALA B 246 43.23 14.16 21.85
CA ALA B 246 42.50 12.90 21.96
C ALA B 246 41.28 13.04 22.86
N VAL B 247 41.44 13.72 24.00
CA VAL B 247 40.31 13.85 24.92
C VAL B 247 39.22 14.73 24.33
N LEU B 248 39.60 15.77 23.58
CA LEU B 248 38.58 16.60 22.96
C LEU B 248 37.89 15.86 21.82
N ILE B 249 38.62 14.99 21.10
CA ILE B 249 37.98 14.16 20.09
C ILE B 249 36.99 13.21 20.74
N LEU B 250 37.34 12.67 21.92
CA LEU B 250 36.40 11.85 22.68
C LEU B 250 35.15 12.65 23.02
N LEU B 251 35.33 13.88 23.49
CA LEU B 251 34.17 14.72 23.83
C LEU B 251 33.34 15.03 22.59
N ILE B 252 33.99 15.22 21.44
CA ILE B 252 33.26 15.50 20.20
C ILE B 252 32.44 14.29 19.78
N ASN B 253 33.01 13.09 19.89
CA ASN B 253 32.25 11.88 19.57
C ASN B 253 31.07 11.70 20.51
N GLY B 254 31.29 11.94 21.81
CA GLY B 254 30.19 11.87 22.75
C GLY B 254 29.09 12.87 22.44
N ALA B 255 29.48 14.09 22.07
CA ALA B 255 28.50 15.10 21.69
C ALA B 255 27.78 14.71 20.41
N CYS B 256 28.47 14.06 19.48
CA CYS B 256 27.83 13.58 18.26
C CYS B 256 26.75 12.55 18.57
N THR B 257 27.08 11.59 19.44
CA THR B 257 26.08 10.61 19.86
C THR B 257 24.93 11.28 20.59
N PHE B 258 25.23 12.26 21.44
CA PHE B 258 24.18 12.95 22.18
C PHE B 258 23.27 13.74 21.24
N VAL B 259 23.83 14.33 20.18
CA VAL B 259 23.01 15.04 19.20
C VAL B 259 22.14 14.05 18.43
N TRP B 260 22.70 12.91 18.06
CA TRP B 260 21.93 11.87 17.39
C TRP B 260 20.73 11.45 18.24
N ASN B 261 20.94 11.29 19.54
CA ASN B 261 19.83 10.93 20.42
C ASN B 261 18.89 12.11 20.68
N TYR B 262 19.43 13.33 20.72
CA TYR B 262 18.62 14.51 21.05
C TYR B 262 17.71 14.91 19.91
N MET B 263 18.03 14.56 18.67
CA MET B 263 17.06 14.77 17.60
C MET B 263 15.75 14.05 17.92
N ASP B 264 15.84 12.76 18.23
CA ASP B 264 14.66 11.98 18.61
C ASP B 264 14.06 12.50 19.91
N LEU B 265 14.91 12.91 20.85
CA LEU B 265 14.42 13.43 22.12
C LEU B 265 13.60 14.70 21.92
N PHE B 266 14.08 15.61 21.07
CA PHE B 266 13.34 16.84 20.79
C PHE B 266 12.02 16.55 20.08
N ILE B 267 12.04 15.60 19.13
CA ILE B 267 10.79 15.21 18.50
C ILE B 267 9.81 14.66 19.52
N MET B 268 10.30 13.83 20.44
CA MET B 268 9.45 13.28 21.49
C MET B 268 8.87 14.38 22.37
N MET B 269 9.70 15.35 22.76
CA MET B 269 9.26 16.42 23.63
C MET B 269 8.19 17.28 22.95
N ILE B 270 8.39 17.59 21.67
CA ILE B 270 7.40 18.39 20.93
C ILE B 270 6.08 17.61 20.81
N SER B 271 6.18 16.31 20.49
CA SER B 271 4.99 15.49 20.37
C SER B 271 4.24 15.41 21.68
N LYS B 272 4.96 15.27 22.80
CA LYS B 272 4.32 15.24 24.11
C LYS B 272 3.68 16.59 24.43
N GLY B 273 4.33 17.69 24.08
CA GLY B 273 3.75 18.99 24.31
C GLY B 273 2.45 19.20 23.58
N LEU B 274 2.37 18.70 22.33
CA LEU B 274 1.13 18.82 21.59
C LEU B 274 0.06 17.86 22.11
N SER B 275 0.45 16.63 22.41
CA SER B 275 -0.50 15.64 22.91
C SER B 275 -1.04 16.03 24.27
N TYR B 276 -0.29 16.82 25.04
CA TYR B 276 -0.79 17.29 26.33
C TYR B 276 -2.04 18.14 26.15
N ARG B 277 -1.98 19.14 25.27
CA ARG B 277 -3.13 19.99 25.03
C ARG B 277 -4.25 19.21 24.35
N PHE B 278 -3.91 18.30 23.43
CA PHE B 278 -4.95 17.51 22.79
C PHE B 278 -5.67 16.61 23.79
N GLU B 279 -4.93 16.05 24.76
CA GLU B 279 -5.55 15.23 25.80
C GLU B 279 -6.38 16.08 26.76
N GLN B 280 -5.94 17.32 27.02
CA GLN B 280 -6.77 18.21 27.81
C GLN B 280 -8.10 18.49 27.11
N ILE B 281 -8.06 18.71 25.80
CA ILE B 281 -9.29 18.92 25.03
C ILE B 281 -10.16 17.66 25.07
N THR B 282 -9.54 16.49 24.93
CA THR B 282 -10.29 15.24 24.96
C THR B 282 -10.96 15.03 26.32
N THR B 283 -10.25 15.34 27.41
CA THR B 283 -10.84 15.22 28.74
C THR B 283 -11.97 16.21 28.94
N ARG B 284 -11.81 17.43 28.42
CA ARG B 284 -12.89 18.42 28.50
C ARG B 284 -14.13 17.92 27.76
N ILE B 285 -13.94 17.30 26.59
CA ILE B 285 -15.07 16.73 25.85
C ILE B 285 -15.68 15.59 26.65
N ARG B 286 -14.86 14.74 27.25
CA ARG B 286 -15.35 13.59 28.01
C ARG B 286 -16.18 14.03 29.22
N LYS B 287 -15.80 15.14 29.86
CA LYS B 287 -16.47 15.57 31.09
C LYS B 287 -17.91 16.02 30.87
N LEU B 288 -18.43 15.95 29.65
CA LEU B 288 -19.82 16.25 29.36
C LEU B 288 -20.52 15.05 28.72
N GLU B 289 -20.19 13.85 29.21
CA GLU B 289 -20.70 12.62 28.61
C GLU B 289 -22.20 12.49 28.81
N HIS B 290 -22.67 12.63 30.04
CA HIS B 290 -24.08 12.42 30.38
C HIS B 290 -24.74 13.73 30.83
N GLU B 291 -24.23 14.86 30.34
CA GLU B 291 -24.76 16.17 30.68
C GLU B 291 -25.17 16.90 29.41
N GLU B 292 -26.16 17.78 29.54
CA GLU B 292 -26.67 18.51 28.39
C GLU B 292 -25.79 19.72 28.11
N VAL B 293 -25.32 19.84 26.87
CA VAL B 293 -24.29 20.81 26.50
C VAL B 293 -24.92 21.90 25.63
N CYS B 294 -24.63 23.16 25.97
CA CYS B 294 -25.10 24.30 25.20
C CYS B 294 -24.20 24.52 23.99
N GLU B 295 -24.66 25.39 23.08
CA GLU B 295 -23.90 25.66 21.87
C GLU B 295 -22.61 26.43 22.16
N SER B 296 -22.59 27.23 23.23
CA SER B 296 -21.40 28.02 23.55
C SER B 296 -20.23 27.12 23.93
N VAL B 297 -20.49 26.06 24.70
CA VAL B 297 -19.42 25.14 25.08
C VAL B 297 -18.84 24.47 23.86
N PHE B 298 -19.69 24.04 22.93
CA PHE B 298 -19.20 23.42 21.70
C PHE B 298 -18.44 24.42 20.85
N ILE B 299 -18.88 25.67 20.82
CA ILE B 299 -18.14 26.71 20.10
C ILE B 299 -16.74 26.86 20.68
N GLN B 300 -16.65 26.91 22.01
CA GLN B 300 -15.36 27.06 22.66
C GLN B 300 -14.45 25.85 22.39
N ILE B 301 -15.02 24.64 22.45
CA ILE B 301 -14.24 23.44 22.19
C ILE B 301 -13.73 23.43 20.75
N ARG B 302 -14.61 23.78 19.80
CA ARG B 302 -14.20 23.80 18.40
C ARG B 302 -13.13 24.86 18.15
N GLU B 303 -13.26 26.03 18.77
CA GLU B 303 -12.27 27.07 18.60
C GLU B 303 -10.92 26.66 19.17
N HIS B 304 -10.92 26.02 20.35
CA HIS B 304 -9.67 25.56 20.93
C HIS B 304 -9.04 24.45 20.10
N TYR B 305 -9.87 23.54 19.56
CA TYR B 305 -9.35 22.51 18.67
C TYR B 305 -8.76 23.10 17.41
N VAL B 306 -9.40 24.13 16.86
CA VAL B 306 -8.88 24.80 15.67
C VAL B 306 -7.56 25.49 15.97
N LYS B 307 -7.46 26.15 17.13
CA LYS B 307 -6.20 26.77 17.52
C LYS B 307 -5.09 25.74 17.71
N MET B 308 -5.43 24.59 18.30
CA MET B 308 -4.44 23.53 18.44
C MET B 308 -4.01 23.00 17.08
N CYS B 309 -4.95 22.88 16.14
CA CYS B 309 -4.59 22.46 14.79
C CYS B 309 -3.68 23.48 14.11
N GLU B 310 -3.96 24.77 14.33
CA GLU B 310 -3.10 25.82 13.78
C GLU B 310 -1.69 25.71 14.36
N LEU B 311 -1.59 25.51 15.68
CA LEU B 311 -0.28 25.37 16.31
C LEU B 311 0.44 24.13 15.79
N LEU B 312 -0.29 23.03 15.61
CA LEU B 312 0.31 21.83 15.06
C LEU B 312 0.83 22.06 13.64
N GLU B 313 0.06 22.77 12.82
CA GLU B 313 0.50 23.07 11.47
C GLU B 313 1.76 23.93 11.48
N PHE B 314 1.80 24.94 12.34
CA PHE B 314 2.98 25.81 12.43
C PHE B 314 4.20 25.01 12.89
N VAL B 315 4.02 24.18 13.92
CA VAL B 315 5.14 23.40 14.43
C VAL B 315 5.60 22.38 13.40
N ASP B 316 4.66 21.80 12.65
CA ASP B 316 5.02 20.86 11.60
C ASP B 316 5.80 21.55 10.48
N SER B 317 5.37 22.75 10.09
CA SER B 317 6.12 23.50 9.09
C SER B 317 7.52 23.82 9.57
N ALA B 318 7.66 24.15 10.86
CA ALA B 318 8.98 24.48 11.40
C ALA B 318 9.87 23.24 11.50
N MET B 319 9.28 22.09 11.85
CA MET B 319 10.04 20.89 12.17
C MET B 319 9.98 19.82 11.09
N SER B 320 9.51 20.15 9.89
CA SER B 320 9.46 19.17 8.82
C SER B 320 10.84 18.65 8.47
N SER B 321 11.84 19.53 8.39
CA SER B 321 13.19 19.10 8.08
C SER B 321 13.74 18.17 9.15
N LEU B 322 13.53 18.53 10.42
CA LEU B 322 14.01 17.68 11.51
C LEU B 322 13.32 16.33 11.51
N ILE B 323 12.00 16.31 11.28
CA ILE B 323 11.26 15.05 11.25
C ILE B 323 11.74 14.17 10.10
N LEU B 324 11.93 14.76 8.92
CA LEU B 324 12.40 13.99 7.77
C LEU B 324 13.79 13.41 8.04
N LEU B 325 14.70 14.24 8.56
CA LEU B 325 16.06 13.77 8.83
C LEU B 325 16.05 12.66 9.87
N SER B 326 15.28 12.83 10.95
CA SER B 326 15.22 11.82 12.00
C SER B 326 14.63 10.51 11.47
N CYS B 327 13.56 10.60 10.68
CA CYS B 327 12.93 9.39 10.17
C CYS B 327 13.86 8.65 9.21
N VAL B 328 14.50 9.38 8.28
CA VAL B 328 15.40 8.74 7.33
C VAL B 328 16.58 8.12 8.06
N ASN B 329 17.18 8.85 9.01
CA ASN B 329 18.33 8.35 9.75
C ASN B 329 17.96 7.11 10.57
N ASN B 330 16.82 7.16 11.25
CA ASN B 330 16.38 6.03 12.05
C ASN B 330 16.08 4.81 11.18
N LEU B 331 15.43 5.01 10.04
CA LEU B 331 15.16 3.91 9.14
C LEU B 331 16.46 3.28 8.64
N TYR B 332 17.41 4.11 8.22
CA TYR B 332 18.67 3.59 7.71
C TYR B 332 19.43 2.81 8.78
N PHE B 333 19.50 3.36 10.00
CA PHE B 333 20.26 2.69 11.05
C PHE B 333 19.56 1.43 11.55
N VAL B 334 18.22 1.44 11.60
CA VAL B 334 17.49 0.23 11.97
C VAL B 334 17.72 -0.86 10.94
N CYS B 335 17.65 -0.51 9.65
CA CYS B 335 17.93 -1.50 8.61
C CYS B 335 19.36 -2.03 8.72
N TYR B 336 20.32 -1.13 8.96
CA TYR B 336 21.72 -1.55 9.09
C TYR B 336 21.90 -2.51 10.26
N GLN B 337 21.31 -2.19 11.41
CA GLN B 337 21.47 -3.04 12.59
C GLN B 337 20.75 -4.37 12.41
N LEU B 338 19.57 -4.37 11.81
CA LEU B 338 18.88 -5.63 11.57
C LEU B 338 19.61 -6.48 10.54
N LEU B 339 20.34 -5.84 9.62
CA LEU B 339 21.21 -6.58 8.71
C LEU B 339 22.39 -7.18 9.46
N ASN B 340 22.96 -6.44 10.42
CA ASN B 340 24.13 -6.89 11.16
C ASN B 340 23.80 -7.80 12.35
N VAL B 341 22.51 -8.03 12.63
CA VAL B 341 22.13 -8.79 13.82
C VAL B 341 22.63 -10.24 13.75
N PHE B 342 22.75 -10.80 12.55
CA PHE B 342 23.05 -12.22 12.45
C PHE B 342 24.54 -12.56 12.61
N ASN B 343 25.45 -11.60 12.51
CA ASN B 343 26.85 -11.95 12.62
C ASN B 343 27.21 -12.28 14.07
N LYS B 344 28.43 -12.82 14.24
CA LYS B 344 28.93 -13.22 15.55
C LYS B 344 29.85 -12.14 16.09
N LEU B 345 29.93 -12.07 17.42
CA LEU B 345 30.79 -11.12 18.09
C LEU B 345 31.80 -11.87 18.96
N ARG B 346 32.96 -11.24 19.15
CA ARG B 346 34.11 -11.96 19.69
C ARG B 346 33.95 -12.23 21.18
N TRP B 347 33.33 -11.31 21.92
CA TRP B 347 33.23 -11.47 23.34
C TRP B 347 31.79 -11.27 23.81
N PRO B 348 31.42 -11.88 24.95
CA PRO B 348 30.03 -11.70 25.44
C PRO B 348 29.67 -10.25 25.72
N ILE B 349 30.62 -9.45 26.21
CA ILE B 349 30.33 -8.04 26.46
C ILE B 349 29.96 -7.33 25.16
N ASN B 350 30.61 -7.71 24.05
CA ASN B 350 30.24 -7.18 22.75
C ASN B 350 28.81 -7.58 22.38
N TYR B 351 28.42 -8.82 22.69
CA TYR B 351 27.06 -9.26 22.43
C TYR B 351 26.05 -8.43 23.21
N ILE B 352 26.29 -8.23 24.51
CA ILE B 352 25.37 -7.45 25.32
C ILE B 352 25.29 -6.02 24.81
N TYR B 353 26.44 -5.42 24.48
CA TYR B 353 26.44 -4.03 24.01
C TYR B 353 25.68 -3.91 22.69
N PHE B 354 25.94 -4.83 21.75
CA PHE B 354 25.29 -4.74 20.44
C PHE B 354 23.79 -4.95 20.55
N TRP B 355 23.37 -5.93 21.35
CA TRP B 355 21.93 -6.16 21.52
C TRP B 355 21.26 -5.01 22.25
N TYR B 356 21.93 -4.43 23.24
CA TYR B 356 21.38 -3.25 23.91
C TYR B 356 21.25 -2.09 22.93
N SER B 357 22.25 -1.89 22.08
CA SER B 357 22.20 -0.80 21.11
C SER B 357 21.08 -1.01 20.10
N LEU B 358 20.95 -2.23 19.59
CA LEU B 358 19.88 -2.51 18.61
C LEU B 358 18.51 -2.35 19.25
N LEU B 359 18.32 -2.89 20.45
CA LEU B 359 17.03 -2.76 21.14
C LEU B 359 16.72 -1.30 21.45
N TYR B 360 17.73 -0.54 21.89
CA TYR B 360 17.52 0.87 22.18
C TYR B 360 17.17 1.66 20.92
N LEU B 361 17.85 1.37 19.81
CA LEU B 361 17.55 2.07 18.56
C LEU B 361 16.14 1.77 18.08
N ILE B 362 15.76 0.48 18.09
CA ILE B 362 14.42 0.10 17.65
C ILE B 362 13.37 0.71 18.56
N GLY B 363 13.59 0.63 19.88
CA GLY B 363 12.65 1.20 20.81
C GLY B 363 12.55 2.70 20.73
N ARG B 364 13.67 3.38 20.47
CA ARG B 364 13.64 4.83 20.34
C ARG B 364 12.90 5.26 19.08
N THR B 365 13.13 4.56 17.96
CA THR B 365 12.38 4.86 16.74
C THR B 365 10.89 4.61 16.95
N ALA B 366 10.55 3.46 17.54
CA ALA B 366 9.15 3.13 17.78
C ALA B 366 8.51 4.13 18.75
N PHE B 367 9.27 4.59 19.75
CA PHE B 367 8.73 5.51 20.73
C PHE B 367 8.55 6.90 20.13
N VAL B 368 9.46 7.33 19.26
CA VAL B 368 9.27 8.58 18.54
C VAL B 368 8.01 8.50 17.70
N PHE B 369 7.85 7.42 16.94
CA PHE B 369 6.67 7.28 16.09
C PHE B 369 5.40 7.21 16.91
N LEU B 370 5.43 6.51 18.04
CA LEU B 370 4.24 6.39 18.88
C LEU B 370 3.90 7.71 19.56
N THR B 371 4.91 8.46 20.00
CA THR B 371 4.66 9.75 20.62
C THR B 371 4.10 10.74 19.59
N ALA B 372 4.60 10.67 18.35
CA ALA B 372 4.05 11.52 17.30
C ALA B 372 2.62 11.11 16.95
N ALA B 373 2.35 9.81 16.90
CA ALA B 373 1.00 9.32 16.62
C ALA B 373 0.05 9.53 17.79
N ASP B 374 0.59 9.81 18.97
CA ASP B 374 -0.26 10.14 20.11
C ASP B 374 -1.09 11.38 19.84
N ILE B 375 -0.57 12.32 19.04
CA ILE B 375 -1.36 13.49 18.66
C ILE B 375 -2.58 13.07 17.85
N ASN B 376 -2.37 12.20 16.86
CA ASN B 376 -3.49 11.74 16.04
C ASN B 376 -4.49 10.94 16.87
N GLU B 377 -3.99 10.05 17.73
CA GLU B 377 -4.88 9.25 18.57
C GLU B 377 -5.67 10.13 19.54
N GLU B 378 -5.03 11.15 20.09
CA GLU B 378 -5.71 12.04 21.02
C GLU B 378 -6.76 12.88 20.31
N SER B 379 -6.47 13.32 19.08
CA SER B 379 -7.48 14.04 18.31
C SER B 379 -8.65 13.14 17.95
N LYS B 380 -8.37 11.87 17.67
CA LYS B 380 -9.45 10.94 17.31
C LYS B 380 -10.26 10.52 18.53
N ARG B 381 -9.66 10.55 19.72
CA ARG B 381 -10.33 10.05 20.92
C ARG B 381 -11.55 10.88 21.28
N GLY B 382 -11.56 12.18 20.93
CA GLY B 382 -12.72 13.00 21.20
C GLY B 382 -13.91 12.67 20.32
N LEU B 383 -13.67 12.04 19.17
CA LEU B 383 -14.76 11.69 18.27
C LEU B 383 -15.72 10.70 18.93
N GLY B 384 -15.18 9.70 19.63
CA GLY B 384 -16.04 8.71 20.28
C GLY B 384 -16.99 9.34 21.28
N VAL B 385 -16.50 10.29 22.06
CA VAL B 385 -17.38 10.99 23.01
C VAL B 385 -18.34 11.91 22.29
N LEU B 386 -17.89 12.58 21.23
CA LEU B 386 -18.77 13.47 20.49
C LEU B 386 -19.86 12.70 19.75
N ARG B 387 -19.58 11.47 19.32
CA ARG B 387 -20.59 10.67 18.64
C ARG B 387 -21.73 10.26 19.57
N ARG B 388 -21.54 10.39 20.87
CA ARG B 388 -22.55 10.04 21.86
C ARG B 388 -23.34 11.25 22.36
N VAL B 389 -23.19 12.40 21.70
CA VAL B 389 -23.93 13.59 22.10
C VAL B 389 -25.43 13.35 21.88
N SER B 390 -26.23 13.78 22.85
CA SER B 390 -27.67 13.57 22.80
C SER B 390 -28.27 14.27 21.57
N SER B 391 -29.44 13.78 21.16
CA SER B 391 -30.05 14.25 19.92
C SER B 391 -30.42 15.72 19.98
N ARG B 392 -31.03 16.16 21.08
CA ARG B 392 -31.52 17.54 21.14
C ARG B 392 -30.38 18.54 21.32
N SER B 393 -29.24 18.13 21.87
CA SER B 393 -28.09 18.99 22.06
C SER B 393 -27.11 18.88 20.91
N TRP B 394 -27.60 18.54 19.72
CA TRP B 394 -26.77 18.43 18.52
C TRP B 394 -27.01 19.68 17.68
N CYS B 395 -25.93 20.39 17.34
CA CYS B 395 -26.03 21.63 16.59
C CYS B 395 -25.01 21.64 15.47
N VAL B 396 -24.91 22.78 14.78
CA VAL B 396 -23.97 22.91 13.66
C VAL B 396 -22.54 22.83 14.15
N GLU B 397 -22.26 23.35 15.34
CA GLU B 397 -20.89 23.31 15.86
C GLU B 397 -20.40 21.89 16.06
N VAL B 398 -21.24 21.02 16.61
CA VAL B 398 -20.85 19.63 16.81
C VAL B 398 -20.62 18.95 15.47
N GLU B 399 -21.46 19.25 14.48
CA GLU B 399 -21.29 18.66 13.15
C GLU B 399 -19.96 19.10 12.54
N ARG B 400 -19.64 20.39 12.64
CA ARG B 400 -18.37 20.90 12.13
C ARG B 400 -17.20 20.24 12.83
N LEU B 401 -17.27 20.13 14.16
CA LEU B 401 -16.17 19.54 14.91
C LEU B 401 -15.97 18.08 14.55
N ILE B 402 -17.07 17.32 14.44
CA ILE B 402 -16.97 15.91 14.10
C ILE B 402 -16.41 15.73 12.69
N PHE B 403 -16.88 16.55 11.74
CA PHE B 403 -16.36 16.49 10.38
C PHE B 403 -14.87 16.82 10.37
N GLN B 404 -14.45 17.81 11.17
CA GLN B 404 -13.04 18.21 11.20
C GLN B 404 -12.16 17.11 11.74
N MET B 405 -12.53 16.52 12.89
CA MET B 405 -11.72 15.43 13.41
C MET B 405 -11.75 14.19 12.52
N THR B 406 -12.90 13.88 11.92
CA THR B 406 -13.01 12.65 11.14
C THR B 406 -12.27 12.74 9.82
N THR B 407 -12.39 13.87 9.12
CA THR B 407 -11.84 14.00 7.78
C THR B 407 -10.41 14.50 7.78
N GLN B 408 -10.14 15.58 8.50
CA GLN B 408 -8.78 16.11 8.56
C GLN B 408 -7.88 15.19 9.37
N THR B 409 -6.72 14.87 8.82
CA THR B 409 -5.71 14.13 9.56
C THR B 409 -4.92 15.12 10.43
N VAL B 410 -4.77 14.79 11.71
CA VAL B 410 -4.13 15.69 12.67
C VAL B 410 -2.90 15.01 13.24
N ALA B 411 -1.74 15.22 12.62
CA ALA B 411 -0.51 14.59 13.08
C ALA B 411 0.67 15.32 12.46
N LEU B 412 1.85 15.09 13.04
CA LEU B 412 3.08 15.62 12.47
C LEU B 412 3.39 14.91 11.15
N SER B 413 4.02 15.64 10.24
CA SER B 413 4.30 15.11 8.91
C SER B 413 5.75 15.38 8.53
N GLY B 414 6.29 14.50 7.70
CA GLY B 414 7.61 14.70 7.13
C GLY B 414 7.55 15.48 5.84
N LYS B 415 7.33 16.80 5.96
CA LYS B 415 7.16 17.68 4.81
C LYS B 415 5.98 17.23 3.94
N LYS B 416 4.90 16.78 4.60
CA LYS B 416 3.64 16.36 4.00
C LYS B 416 3.77 15.10 3.16
N PHE B 417 4.96 14.50 3.08
CA PHE B 417 5.11 13.26 2.32
C PHE B 417 4.43 12.09 3.02
N TYR B 418 4.42 12.12 4.35
CA TYR B 418 3.78 11.09 5.15
C TYR B 418 3.33 11.71 6.46
N PHE B 419 2.35 11.08 7.10
CA PHE B 419 1.82 11.55 8.37
C PHE B 419 2.16 10.55 9.47
N LEU B 420 2.73 11.05 10.55
CA LEU B 420 3.19 10.20 11.66
C LEU B 420 1.98 9.67 12.42
N THR B 421 1.56 8.45 12.08
CA THR B 421 0.42 7.80 12.73
C THR B 421 0.79 6.37 13.05
N ARG B 422 -0.09 5.70 13.80
CA ARG B 422 0.11 4.28 14.10
C ARG B 422 0.04 3.45 12.83
N ARG B 423 -0.85 3.82 11.91
CA ARG B 423 -0.88 3.19 10.59
C ARG B 423 0.47 3.33 9.90
N LEU B 424 1.07 4.53 9.98
CA LEU B 424 2.38 4.73 9.40
C LEU B 424 3.45 3.91 10.10
N LEU B 425 3.35 3.74 11.42
CA LEU B 425 4.32 2.91 12.13
C LEU B 425 4.22 1.45 11.68
N PHE B 426 3.00 0.94 11.53
CA PHE B 426 2.83 -0.44 11.05
C PHE B 426 3.35 -0.58 9.63
N GLY B 427 3.06 0.40 8.77
CA GLY B 427 3.59 0.36 7.41
C GLY B 427 5.11 0.41 7.37
N MET B 428 5.71 1.21 8.24
CA MET B 428 7.16 1.28 8.32
C MET B 428 7.75 -0.04 8.81
N ALA B 429 7.09 -0.69 9.77
CA ALA B 429 7.55 -1.99 10.23
C ALA B 429 7.49 -3.02 9.10
N GLY B 430 6.40 -3.02 8.32
CA GLY B 430 6.32 -3.92 7.19
C GLY B 430 7.38 -3.62 6.14
N THR B 431 7.62 -2.34 5.86
CA THR B 431 8.66 -1.96 4.91
C THR B 431 10.03 -2.39 5.39
N ILE B 432 10.30 -2.26 6.69
CA ILE B 432 11.56 -2.70 7.27
C ILE B 432 11.71 -4.21 7.11
N VAL B 433 10.64 -4.96 7.37
CA VAL B 433 10.69 -6.41 7.22
C VAL B 433 11.00 -6.79 5.78
N THR B 434 10.34 -6.13 4.83
CA THR B 434 10.59 -6.41 3.41
C THR B 434 12.02 -6.08 3.02
N TYR B 435 12.52 -4.92 3.45
CA TYR B 435 13.87 -4.50 3.12
C TYR B 435 14.90 -5.47 3.72
N GLU B 436 14.67 -5.92 4.95
CA GLU B 436 15.57 -6.88 5.57
C GLU B 436 15.54 -8.22 4.83
N LEU B 437 14.35 -8.66 4.42
CA LEU B 437 14.24 -9.90 3.66
C LEU B 437 15.00 -9.82 2.35
N VAL B 438 14.95 -8.65 1.70
CA VAL B 438 15.69 -8.48 0.45
C VAL B 438 17.20 -8.42 0.71
N LEU B 439 17.61 -7.69 1.75
CA LEU B 439 19.04 -7.47 2.00
C LEU B 439 19.74 -8.68 2.60
N LEU B 440 19.00 -9.61 3.19
CA LEU B 440 19.65 -10.84 3.66
C LEU B 440 20.19 -11.66 2.48
N GLN B 441 19.66 -11.45 1.27
CA GLN B 441 20.30 -12.01 0.08
C GLN B 441 21.73 -11.49 -0.06
N PHE B 442 21.93 -10.19 0.13
CA PHE B 442 23.29 -9.63 0.10
C PHE B 442 24.11 -10.17 1.27
N ASP B 443 23.47 -10.33 2.43
CA ASP B 443 24.21 -10.74 3.63
C ASP B 443 24.63 -12.20 3.58
N GLU B 444 23.92 -13.03 2.84
CA GLU B 444 24.16 -14.47 2.84
C GLU B 444 25.57 -14.87 2.40
N PRO B 445 26.13 -14.38 1.30
CA PRO B 445 27.46 -14.85 0.89
C PRO B 445 28.56 -14.57 1.89
N ASN B 446 28.39 -13.58 2.77
CA ASN B 446 29.40 -13.32 3.80
C ASN B 446 29.54 -14.49 4.75
N ARG B 447 28.43 -15.10 5.14
CA ARG B 447 28.44 -16.23 6.07
C ARG B 447 28.25 -17.54 5.32
N LEU C 56 -0.93 41.22 -20.28
CA LEU C 56 -1.57 40.90 -19.01
C LEU C 56 -1.04 39.57 -18.48
N ASP C 57 -1.31 39.28 -17.21
CA ASP C 57 -0.85 38.05 -16.56
C ASP C 57 -1.77 36.91 -16.99
N LEU C 58 -1.45 36.31 -18.13
CA LEU C 58 -2.20 35.18 -18.65
C LEU C 58 -1.26 34.01 -18.88
N PHE C 59 -1.80 32.79 -18.80
CA PHE C 59 -0.98 31.61 -18.98
C PHE C 59 -0.43 31.53 -20.40
N HIS C 60 -1.24 31.87 -21.40
CA HIS C 60 -0.79 31.81 -22.78
C HIS C 60 0.36 32.78 -23.04
N ARG C 61 0.23 34.01 -22.54
CA ARG C 61 1.30 35.00 -22.71
C ARG C 61 2.54 34.62 -21.92
N ALA C 62 2.41 33.81 -20.88
CA ALA C 62 3.56 33.38 -20.10
C ALA C 62 4.16 32.07 -20.58
N VAL C 63 3.44 31.31 -21.40
CA VAL C 63 3.92 30.02 -21.86
C VAL C 63 4.34 30.02 -23.33
N PHE C 64 3.83 30.95 -24.14
CA PHE C 64 4.10 30.94 -25.57
C PHE C 64 5.57 31.20 -25.94
N PRO C 65 6.36 31.95 -25.16
CA PRO C 65 7.79 32.06 -25.51
C PRO C 65 8.51 30.73 -25.55
N PHE C 66 8.14 29.77 -24.69
CA PHE C 66 8.76 28.46 -24.70
C PHE C 66 8.02 27.47 -25.60
N MET C 67 6.72 27.68 -25.81
CA MET C 67 6.00 26.92 -26.82
C MET C 67 6.58 27.17 -28.20
N PHE C 68 6.98 28.41 -28.47
CA PHE C 68 7.62 28.71 -29.76
C PHE C 68 8.96 28.01 -29.90
N LEU C 69 9.74 27.94 -28.82
CA LEU C 69 11.01 27.25 -28.90
C LEU C 69 10.80 25.74 -29.09
N ALA C 70 9.79 25.18 -28.44
CA ALA C 70 9.43 23.78 -28.68
C ALA C 70 8.98 23.57 -30.12
N GLN C 71 8.28 24.56 -30.69
CA GLN C 71 7.93 24.51 -32.11
C GLN C 71 9.18 24.49 -32.97
N CYS C 72 10.18 25.29 -32.58
CA CYS C 72 11.46 25.28 -33.30
C CYS C 72 12.15 23.93 -33.17
N VAL C 73 11.95 23.23 -32.05
CA VAL C 73 12.50 21.88 -31.88
C VAL C 73 11.44 20.87 -32.34
N ALA C 74 10.40 21.37 -33.02
CA ALA C 74 9.33 20.56 -33.59
C ALA C 74 8.56 19.79 -32.53
N ILE C 75 7.90 20.52 -31.62
CA ILE C 75 7.05 19.94 -30.59
C ILE C 75 5.75 20.72 -30.56
N MET C 76 4.63 19.99 -30.44
CA MET C 76 3.29 20.58 -30.44
C MET C 76 3.07 21.44 -31.67
N PRO C 77 2.89 20.82 -32.84
CA PRO C 77 2.78 21.61 -34.09
C PRO C 77 1.52 22.44 -34.13
N LEU C 78 1.68 23.76 -34.22
CA LEU C 78 0.55 24.69 -34.25
C LEU C 78 0.93 25.89 -35.10
N VAL C 79 -0.09 26.65 -35.50
CA VAL C 79 0.10 27.90 -36.21
C VAL C 79 -0.41 29.04 -35.34
N GLY C 80 0.26 30.19 -35.46
CA GLY C 80 -0.12 31.34 -34.67
C GLY C 80 0.20 31.21 -33.19
N ILE C 81 1.14 30.34 -32.83
CA ILE C 81 1.50 30.18 -31.42
C ILE C 81 2.25 31.38 -30.87
N ARG C 82 2.83 32.21 -31.75
CA ARG C 82 3.56 33.40 -31.33
C ARG C 82 2.66 34.61 -31.14
N GLU C 83 1.39 34.52 -31.51
CA GLU C 83 0.48 35.66 -31.36
C GLU C 83 -0.05 35.72 -29.94
N SER C 84 -0.21 36.96 -29.45
CA SER C 84 -0.68 37.19 -28.09
C SER C 84 -2.15 36.89 -27.91
N ASN C 85 -2.91 36.73 -29.00
CA ASN C 85 -4.33 36.42 -28.92
C ASN C 85 -4.51 34.91 -28.78
N PRO C 86 -5.12 34.43 -27.69
CA PRO C 86 -5.26 32.98 -27.51
C PRO C 86 -6.21 32.32 -28.50
N ARG C 87 -7.02 33.09 -29.23
CA ARG C 87 -8.00 32.52 -30.14
C ARG C 87 -7.47 32.34 -31.56
N ARG C 88 -6.26 32.79 -31.85
CA ARG C 88 -5.69 32.65 -33.19
C ARG C 88 -4.87 31.38 -33.38
N VAL C 89 -4.63 30.63 -32.31
CA VAL C 89 -3.84 29.40 -32.42
C VAL C 89 -4.77 28.25 -32.81
N ARG C 90 -4.39 27.52 -33.84
CA ARG C 90 -5.20 26.41 -34.33
C ARG C 90 -4.27 25.33 -34.89
N PHE C 91 -4.81 24.12 -34.98
CA PHE C 91 -4.06 22.97 -35.49
C PHE C 91 -4.54 22.66 -36.90
N ALA C 92 -3.61 22.70 -37.85
CA ALA C 92 -3.90 22.40 -39.25
C ALA C 92 -2.85 21.42 -39.76
N TYR C 93 -3.32 20.32 -40.35
CA TYR C 93 -2.40 19.27 -40.81
C TYR C 93 -1.51 19.72 -41.96
N LYS C 94 -1.90 20.77 -42.68
CA LYS C 94 -1.12 21.30 -43.79
C LYS C 94 -0.51 22.62 -43.35
N SER C 95 0.65 22.55 -42.70
CA SER C 95 1.32 23.74 -42.21
C SER C 95 2.83 23.50 -42.22
N ILE C 96 3.57 24.62 -42.20
CA ILE C 96 5.03 24.53 -42.10
C ILE C 96 5.47 23.85 -40.80
N PRO C 97 4.91 24.19 -39.63
CA PRO C 97 5.30 23.43 -38.43
C PRO C 97 4.96 21.96 -38.53
N MET C 98 3.85 21.62 -39.20
CA MET C 98 3.54 20.22 -39.44
C MET C 98 4.62 19.55 -40.29
N PHE C 99 5.10 20.25 -41.32
CA PHE C 99 6.13 19.69 -42.17
C PHE C 99 7.45 19.51 -41.40
N VAL C 100 7.80 20.49 -40.56
CA VAL C 100 9.06 20.39 -39.82
C VAL C 100 8.98 19.28 -38.79
N THR C 101 7.82 19.11 -38.13
CA THR C 101 7.73 18.03 -37.16
C THR C 101 7.65 16.68 -37.86
N LEU C 102 7.10 16.63 -39.08
CA LEU C 102 7.11 15.40 -39.86
C LEU C 102 8.55 15.01 -40.23
N ILE C 103 9.35 15.99 -40.63
CA ILE C 103 10.76 15.72 -40.91
C ILE C 103 11.48 15.24 -39.66
N PHE C 104 11.22 15.88 -38.51
CA PHE C 104 11.88 15.48 -37.28
C PHE C 104 11.45 14.08 -36.86
N MET C 105 10.17 13.74 -37.03
CA MET C 105 9.71 12.39 -36.75
C MET C 105 10.36 11.37 -37.67
N ILE C 106 10.51 11.70 -38.95
CA ILE C 106 11.19 10.80 -39.88
C ILE C 106 12.63 10.58 -39.45
N ALA C 107 13.32 11.66 -39.07
CA ALA C 107 14.71 11.54 -38.65
C ALA C 107 14.84 10.72 -37.37
N THR C 108 13.96 10.96 -36.39
CA THR C 108 14.00 10.19 -35.16
C THR C 108 13.66 8.73 -35.40
N SER C 109 12.74 8.45 -36.34
CA SER C 109 12.44 7.08 -36.71
C SER C 109 13.62 6.42 -37.41
N ILE C 110 14.36 7.16 -38.22
CA ILE C 110 15.57 6.62 -38.82
C ILE C 110 16.57 6.26 -37.74
N LEU C 111 16.72 7.14 -36.75
CA LEU C 111 17.58 6.85 -35.60
C LEU C 111 17.12 5.59 -34.88
N PHE C 112 15.80 5.46 -34.67
CA PHE C 112 15.25 4.30 -33.97
C PHE C 112 15.51 3.01 -34.74
N LEU C 113 15.30 3.03 -36.05
CA LEU C 113 15.55 1.85 -36.87
C LEU C 113 17.04 1.48 -36.87
N SER C 114 17.92 2.48 -36.93
CA SER C 114 19.35 2.19 -36.87
C SER C 114 19.73 1.57 -35.53
N MET C 115 19.19 2.11 -34.43
CA MET C 115 19.45 1.53 -33.12
C MET C 115 18.92 0.10 -33.03
N PHE C 116 17.72 -0.13 -33.56
CA PHE C 116 17.14 -1.47 -33.54
C PHE C 116 17.99 -2.46 -34.33
N THR C 117 18.45 -2.05 -35.51
CA THR C 117 19.31 -2.91 -36.31
C THR C 117 20.61 -3.21 -35.59
N HIS C 118 21.22 -2.19 -34.98
CA HIS C 118 22.46 -2.40 -34.25
C HIS C 118 22.26 -3.36 -33.08
N LEU C 119 21.16 -3.20 -32.34
CA LEU C 119 20.93 -4.08 -31.20
C LEU C 119 20.60 -5.50 -31.63
N LEU C 120 19.91 -5.65 -32.78
CA LEU C 120 19.69 -6.99 -33.31
C LEU C 120 20.99 -7.64 -33.73
N LYS C 121 21.91 -6.87 -34.33
CA LYS C 121 23.20 -7.41 -34.71
C LYS C 121 24.02 -7.79 -33.48
N ILE C 122 23.98 -6.97 -32.43
CA ILE C 122 24.76 -7.23 -31.22
C ILE C 122 24.03 -8.18 -30.29
N GLY C 123 22.77 -7.90 -29.99
CA GLY C 123 22.01 -8.70 -29.05
C GLY C 123 21.25 -7.85 -28.05
N ILE C 124 19.94 -8.08 -27.96
CA ILE C 124 19.10 -7.28 -27.06
C ILE C 124 19.27 -7.78 -25.63
N THR C 125 19.83 -6.94 -24.78
CA THR C 125 20.01 -7.23 -23.36
C THR C 125 19.24 -6.20 -22.54
N ALA C 126 19.41 -6.26 -21.22
CA ALA C 126 18.80 -5.28 -20.34
C ALA C 126 19.61 -3.99 -20.22
N LYS C 127 20.82 -3.97 -20.77
CA LYS C 127 21.70 -2.81 -20.70
C LYS C 127 21.60 -1.94 -21.96
N ASN C 128 21.79 -2.53 -23.14
CA ASN C 128 21.75 -1.78 -24.39
C ASN C 128 20.34 -1.41 -24.80
N PHE C 129 19.32 -2.01 -24.19
CA PHE C 129 17.93 -1.70 -24.55
C PHE C 129 17.55 -0.27 -24.20
N VAL C 130 18.33 0.40 -23.35
CA VAL C 130 17.99 1.75 -22.92
C VAL C 130 17.97 2.71 -24.10
N GLY C 131 18.80 2.47 -25.12
CA GLY C 131 18.76 3.30 -26.30
C GLY C 131 17.44 3.17 -27.05
N LEU C 132 16.95 1.95 -27.23
CA LEU C 132 15.65 1.76 -27.85
C LEU C 132 14.54 2.37 -27.01
N VAL C 133 14.63 2.23 -25.68
CA VAL C 133 13.62 2.84 -24.82
C VAL C 133 13.62 4.36 -24.98
N PHE C 134 14.81 4.97 -25.03
CA PHE C 134 14.90 6.42 -25.17
C PHE C 134 14.34 6.88 -26.50
N PHE C 135 14.70 6.19 -27.59
CA PHE C 135 14.23 6.62 -28.91
C PHE C 135 12.73 6.39 -29.06
N GLY C 136 12.22 5.27 -28.56
CA GLY C 136 10.79 5.04 -28.57
C GLY C 136 10.03 6.03 -27.70
N CYS C 137 10.64 6.44 -26.59
CA CYS C 137 10.02 7.47 -25.75
C CYS C 137 9.99 8.81 -26.46
N VAL C 138 11.04 9.12 -27.22
CA VAL C 138 11.04 10.36 -28.01
C VAL C 138 9.94 10.30 -29.08
N LEU C 139 9.82 9.16 -29.76
CA LEU C 139 8.76 9.01 -30.76
C LEU C 139 7.38 9.12 -30.13
N SER C 140 7.18 8.47 -28.98
CA SER C 140 5.90 8.56 -28.29
C SER C 140 5.62 9.97 -27.82
N ALA C 141 6.67 10.69 -27.40
CA ALA C 141 6.50 12.10 -27.04
C ALA C 141 6.07 12.92 -28.24
N TYR C 142 6.67 12.65 -29.42
CA TYR C 142 6.26 13.34 -30.63
C TYR C 142 4.79 13.10 -30.94
N VAL C 143 4.36 11.84 -30.89
CA VAL C 143 2.98 11.50 -31.21
C VAL C 143 2.01 12.10 -30.18
N VAL C 144 2.34 11.96 -28.91
CA VAL C 144 1.48 12.48 -27.84
C VAL C 144 1.40 13.99 -27.91
N PHE C 145 2.51 14.65 -28.27
CA PHE C 145 2.48 16.10 -28.43
C PHE C 145 1.72 16.52 -29.67
N ILE C 146 1.70 15.69 -30.71
CA ILE C 146 0.86 15.96 -31.87
C ILE C 146 -0.61 15.93 -31.47
N ARG C 147 -1.01 14.91 -30.72
CA ARG C 147 -2.39 14.84 -30.25
C ARG C 147 -2.70 15.97 -29.28
N LEU C 148 -1.74 16.34 -28.44
CA LEU C 148 -1.92 17.43 -27.50
C LEU C 148 -2.09 18.76 -28.22
N ALA C 149 -1.33 18.98 -29.30
CA ALA C 149 -1.52 20.17 -30.12
C ALA C 149 -2.86 20.14 -30.85
N LYS C 150 -3.32 18.95 -31.22
CA LYS C 150 -4.67 18.84 -31.79
C LYS C 150 -5.72 19.29 -30.79
N LYS C 151 -5.57 18.89 -29.53
CA LYS C 151 -6.53 19.26 -28.49
C LYS C 151 -6.27 20.65 -27.90
N TRP C 152 -5.14 21.26 -28.21
CA TRP C 152 -4.66 22.48 -27.58
C TRP C 152 -5.50 23.73 -27.87
N PRO C 153 -6.11 23.88 -29.05
CA PRO C 153 -7.03 25.02 -29.22
C PRO C 153 -8.10 25.12 -28.14
N ALA C 154 -8.83 24.03 -27.89
CA ALA C 154 -9.87 24.05 -26.87
C ALA C 154 -9.28 24.26 -25.48
N VAL C 155 -8.13 23.63 -25.21
CA VAL C 155 -7.49 23.78 -23.89
C VAL C 155 -7.13 25.24 -23.64
N VAL C 156 -6.52 25.88 -24.63
CA VAL C 156 -6.14 27.28 -24.49
C VAL C 156 -7.37 28.16 -24.35
N ARG C 157 -8.41 27.88 -25.13
CA ARG C 157 -9.63 28.68 -25.05
C ARG C 157 -10.27 28.60 -23.66
N ILE C 158 -10.41 27.38 -23.13
CA ILE C 158 -11.02 27.23 -21.82
C ILE C 158 -10.11 27.81 -20.73
N TRP C 159 -8.79 27.67 -20.89
CA TRP C 159 -7.87 28.24 -19.92
C TRP C 159 -7.99 29.75 -19.87
N THR C 160 -8.09 30.39 -21.04
CA THR C 160 -8.26 31.84 -21.08
C THR C 160 -9.61 32.25 -20.51
N ARG C 161 -10.66 31.46 -20.80
CA ARG C 161 -12.00 31.83 -20.35
C ARG C 161 -12.13 31.74 -18.84
N THR C 162 -11.65 30.65 -18.23
CA THR C 162 -11.82 30.49 -16.79
C THR C 162 -10.86 31.36 -15.97
N GLU C 163 -9.72 31.73 -16.54
CA GLU C 163 -8.73 32.54 -15.81
C GLU C 163 -9.01 34.04 -15.88
N ILE C 164 -10.04 34.46 -16.61
CA ILE C 164 -10.36 35.89 -16.70
C ILE C 164 -10.67 36.50 -15.33
N PRO C 165 -11.52 35.90 -14.49
CA PRO C 165 -11.80 36.54 -13.18
C PRO C 165 -10.59 36.63 -12.27
N PHE C 166 -9.55 35.83 -12.50
CA PHE C 166 -8.37 35.84 -11.64
C PHE C 166 -7.44 37.02 -11.91
N THR C 167 -7.70 37.80 -12.95
CA THR C 167 -6.93 39.00 -13.24
C THR C 167 -7.62 40.26 -12.74
N LYS C 168 -8.67 40.13 -11.94
CA LYS C 168 -9.46 41.23 -11.42
C LYS C 168 -9.53 41.12 -9.91
N PRO C 169 -9.83 42.22 -9.22
CA PRO C 169 -9.98 42.15 -7.77
C PRO C 169 -11.15 41.25 -7.40
N PRO C 170 -11.12 40.65 -6.20
CA PRO C 170 -10.14 40.84 -5.12
C PRO C 170 -8.89 39.99 -5.27
N TYR C 171 -8.73 39.28 -6.39
CA TYR C 171 -7.50 38.55 -6.63
C TYR C 171 -6.37 39.50 -7.01
N GLU C 172 -5.20 39.26 -6.44
CA GLU C 172 -4.04 40.13 -6.64
C GLU C 172 -2.85 39.32 -7.13
N ILE C 173 -1.99 39.99 -7.88
CA ILE C 173 -0.78 39.34 -8.41
C ILE C 173 0.26 39.20 -7.29
N PRO C 174 0.81 38.00 -7.08
CA PRO C 174 1.81 37.83 -6.01
C PRO C 174 3.12 38.52 -6.32
N LYS C 175 4.12 38.35 -5.44
CA LYS C 175 5.43 38.93 -5.66
C LYS C 175 6.11 38.36 -6.90
N ARG C 176 5.71 37.19 -7.36
CA ARG C 176 6.24 36.57 -8.57
C ARG C 176 5.06 36.15 -9.42
N ASN C 177 4.80 36.91 -10.49
CA ASN C 177 3.66 36.63 -11.35
C ASN C 177 3.90 35.34 -12.14
N LEU C 178 2.85 34.91 -12.86
CA LEU C 178 2.92 33.66 -13.60
C LEU C 178 4.02 33.70 -14.65
N SER C 179 4.22 34.87 -15.28
CA SER C 179 5.27 35.00 -16.28
C SER C 179 6.65 34.73 -15.67
N ARG C 180 6.93 35.33 -14.51
CA ARG C 180 8.23 35.12 -13.88
C ARG C 180 8.39 33.69 -13.38
N ARG C 181 7.33 33.10 -12.84
CA ARG C 181 7.43 31.71 -12.37
C ARG C 181 7.71 30.76 -13.52
N VAL C 182 6.96 30.88 -14.61
CA VAL C 182 7.16 30.02 -15.78
C VAL C 182 8.55 30.28 -16.37
N GLN C 183 8.97 31.53 -16.43
CA GLN C 183 10.29 31.85 -16.96
C GLN C 183 11.39 31.23 -16.12
N LEU C 184 11.28 31.32 -14.79
CA LEU C 184 12.29 30.74 -13.92
C LEU C 184 12.35 29.23 -14.08
N ALA C 185 11.18 28.57 -14.07
CA ALA C 185 11.15 27.13 -14.20
C ALA C 185 11.73 26.69 -15.55
N ALA C 186 11.30 27.34 -16.63
CA ALA C 186 11.76 26.95 -17.95
C ALA C 186 13.24 27.25 -18.15
N LEU C 187 13.72 28.40 -17.64
CA LEU C 187 15.13 28.72 -17.75
C LEU C 187 15.98 27.74 -16.94
N ALA C 188 15.52 27.37 -15.75
CA ALA C 188 16.26 26.40 -14.95
C ALA C 188 16.33 25.05 -15.68
N ILE C 189 15.20 24.59 -16.22
CA ILE C 189 15.18 23.30 -16.90
C ILE C 189 16.05 23.34 -18.14
N ILE C 190 15.93 24.41 -18.94
CA ILE C 190 16.70 24.52 -20.17
C ILE C 190 18.19 24.62 -19.87
N GLY C 191 18.57 25.41 -18.87
CA GLY C 191 19.97 25.52 -18.51
C GLY C 191 20.54 24.22 -17.98
N LEU C 192 19.77 23.50 -17.16
CA LEU C 192 20.24 22.22 -16.64
C LEU C 192 20.37 21.19 -17.76
N SER C 193 19.42 21.16 -18.70
CA SER C 193 19.51 20.22 -19.81
C SER C 193 20.67 20.59 -20.74
N LEU C 194 20.88 21.88 -20.99
CA LEU C 194 22.00 22.31 -21.81
C LEU C 194 23.33 21.98 -21.13
N GLY C 195 23.39 22.15 -19.81
CA GLY C 195 24.59 21.75 -19.09
C GLY C 195 24.83 20.25 -19.12
N GLU C 196 23.76 19.47 -18.99
CA GLU C 196 23.89 18.02 -19.08
C GLU C 196 24.40 17.60 -20.45
N HIS C 197 23.84 18.19 -21.51
CA HIS C 197 24.31 17.88 -22.86
C HIS C 197 25.74 18.37 -23.07
N ALA C 198 26.09 19.51 -22.48
CA ALA C 198 27.45 20.04 -22.61
C ALA C 198 28.45 19.12 -21.93
N LEU C 199 28.13 18.63 -20.74
CA LEU C 199 29.01 17.67 -20.08
C LEU C 199 29.02 16.33 -20.81
N TYR C 200 27.91 15.92 -21.40
CA TYR C 200 27.92 14.70 -22.20
C TYR C 200 28.86 14.83 -23.39
N GLN C 201 28.76 15.94 -24.12
CA GLN C 201 29.63 16.16 -25.26
C GLN C 201 31.09 16.31 -24.82
N VAL C 202 31.32 17.02 -23.72
CA VAL C 202 32.68 17.22 -23.23
C VAL C 202 33.29 15.88 -22.81
N SER C 203 32.52 15.05 -22.10
CA SER C 203 32.98 13.72 -21.74
C SER C 203 33.21 12.87 -22.97
N ALA C 204 32.38 13.04 -24.00
CA ALA C 204 32.59 12.29 -25.24
C ALA C 204 33.91 12.67 -25.90
N ILE C 205 34.16 13.97 -26.08
CA ILE C 205 35.41 14.41 -26.69
C ILE C 205 36.60 14.01 -25.84
N LEU C 206 36.48 14.13 -24.52
CA LEU C 206 37.61 13.82 -23.65
C LEU C 206 37.89 12.32 -23.63
N SER C 207 36.86 11.49 -23.50
CA SER C 207 37.06 10.05 -23.57
C SER C 207 37.62 9.65 -24.92
N TYR C 208 37.20 10.31 -25.98
CA TYR C 208 37.76 10.06 -27.30
C TYR C 208 39.25 10.38 -27.33
N THR C 209 39.64 11.54 -26.80
CA THR C 209 41.03 11.96 -26.86
C THR C 209 41.91 11.07 -26.00
N ARG C 210 41.48 10.77 -24.77
CA ARG C 210 42.25 9.87 -23.92
C ARG C 210 42.23 8.43 -24.43
N ARG C 211 41.20 8.04 -25.18
CA ARG C 211 41.22 6.75 -25.85
C ARG C 211 42.15 6.74 -27.05
N ILE C 212 42.45 7.92 -27.60
CA ILE C 212 43.33 8.01 -28.77
C ILE C 212 44.76 8.30 -28.36
N GLN C 213 44.96 9.22 -27.41
CA GLN C 213 46.31 9.69 -27.14
C GLN C 213 47.12 8.68 -26.34
N MET C 214 46.48 7.90 -25.46
CA MET C 214 47.12 6.71 -24.91
C MET C 214 46.09 5.58 -24.88
N CYS C 215 46.57 4.41 -24.46
CA CYS C 215 45.75 3.19 -24.31
C CYS C 215 45.22 2.67 -25.64
N ALA C 216 45.78 3.13 -26.76
CA ALA C 216 45.42 2.61 -28.07
C ALA C 216 46.60 2.43 -29.00
N ASN C 217 47.82 2.77 -28.57
CA ASN C 217 49.02 2.68 -29.40
C ASN C 217 48.88 3.49 -30.68
N ILE C 218 48.19 4.63 -30.58
CA ILE C 218 47.89 5.51 -31.71
C ILE C 218 47.24 4.70 -32.84
N THR C 219 47.93 4.62 -33.98
CA THR C 219 47.41 3.95 -35.18
C THR C 219 46.05 4.49 -35.59
N THR C 220 45.79 5.76 -35.28
CA THR C 220 44.53 6.40 -35.63
C THR C 220 44.74 7.91 -35.57
N VAL C 221 44.52 8.59 -36.71
CA VAL C 221 44.64 10.03 -36.77
C VAL C 221 43.39 10.64 -36.14
N PRO C 222 43.53 11.49 -35.11
CA PRO C 222 42.35 12.10 -34.49
C PRO C 222 41.60 13.01 -35.45
N SER C 223 40.34 12.72 -35.72
CA SER C 223 39.56 13.49 -36.67
C SER C 223 38.10 13.48 -36.28
N PHE C 224 37.37 14.48 -36.81
CA PHE C 224 35.94 14.57 -36.57
C PHE C 224 35.19 13.42 -37.22
N ASN C 225 35.69 12.96 -38.38
CA ASN C 225 35.06 11.83 -39.08
C ASN C 225 35.12 10.56 -38.23
N ASN C 226 36.28 10.27 -37.64
CA ASN C 226 36.40 9.08 -36.79
C ASN C 226 35.59 9.23 -35.52
N TYR C 227 35.48 10.45 -34.98
CA TYR C 227 34.59 10.70 -33.86
C TYR C 227 33.15 10.31 -34.22
N MET C 228 32.67 10.79 -35.37
CA MET C 228 31.30 10.49 -35.77
C MET C 228 31.09 9.01 -36.04
N GLN C 229 32.09 8.35 -36.64
CA GLN C 229 31.96 6.95 -36.99
C GLN C 229 32.17 6.01 -35.80
N THR C 230 32.77 6.47 -34.71
CA THR C 230 33.03 5.61 -33.56
C THR C 230 32.08 5.88 -32.39
N ASN C 231 32.04 7.12 -31.87
CA ASN C 231 31.14 7.41 -30.76
C ASN C 231 29.69 7.44 -31.22
N TYR C 232 29.45 7.91 -32.44
CA TYR C 232 28.10 8.05 -32.99
C TYR C 232 27.85 7.04 -34.09
N ASP C 233 28.28 5.82 -33.85
CA ASP C 233 28.13 4.74 -34.82
C ASP C 233 26.68 4.28 -34.85
N TYR C 234 26.45 3.11 -35.45
CA TYR C 234 25.19 2.39 -35.56
C TYR C 234 24.17 3.14 -36.42
N VAL C 235 24.47 4.36 -36.87
CA VAL C 235 23.60 5.09 -37.78
C VAL C 235 24.20 5.20 -39.17
N PHE C 236 25.53 5.30 -39.26
CA PHE C 236 26.22 5.33 -40.55
C PHE C 236 26.31 3.96 -41.20
N GLN C 237 25.90 2.90 -40.50
CA GLN C 237 25.87 1.58 -41.12
C GLN C 237 24.75 1.46 -42.14
N LEU C 238 23.67 2.23 -41.96
CA LEU C 238 22.54 2.22 -42.87
C LEU C 238 22.59 3.37 -43.86
N LEU C 239 23.17 4.51 -43.47
CA LEU C 239 23.22 5.69 -44.30
C LEU C 239 24.65 5.99 -44.73
N PRO C 240 24.85 6.50 -45.94
CA PRO C 240 26.21 6.86 -46.37
C PRO C 240 26.74 8.03 -45.57
N TYR C 241 28.06 8.03 -45.35
CA TYR C 241 28.67 9.07 -44.54
C TYR C 241 28.72 10.40 -45.28
N SER C 242 28.53 11.49 -44.54
CA SER C 242 28.64 12.84 -45.05
C SER C 242 28.76 13.78 -43.87
N PRO C 243 29.64 14.78 -43.93
CA PRO C 243 29.72 15.74 -42.81
C PRO C 243 28.40 16.43 -42.53
N ILE C 244 27.64 16.76 -43.57
CA ILE C 244 26.31 17.32 -43.38
C ILE C 244 25.42 16.28 -42.70
N ILE C 245 25.50 15.03 -43.13
CA ILE C 245 24.69 13.96 -42.52
C ILE C 245 25.06 13.81 -41.05
N ALA C 246 26.35 13.80 -40.74
CA ALA C 246 26.79 13.65 -39.36
C ALA C 246 26.32 14.82 -38.50
N VAL C 247 26.45 16.05 -39.02
CA VAL C 247 26.06 17.21 -38.23
C VAL C 247 24.55 17.25 -38.02
N LEU C 248 23.78 16.83 -39.02
CA LEU C 248 22.33 16.80 -38.83
C LEU C 248 21.92 15.69 -37.89
N ILE C 249 22.64 14.56 -37.88
CA ILE C 249 22.38 13.52 -36.89
C ILE C 249 22.68 14.04 -35.49
N LEU C 250 23.75 14.83 -35.35
CA LEU C 250 24.03 15.47 -34.07
C LEU C 250 22.88 16.37 -33.64
N LEU C 251 22.37 17.18 -34.59
CA LEU C 251 21.24 18.06 -34.27
C LEU C 251 20.00 17.25 -33.90
N ILE C 252 19.78 16.10 -34.56
CA ILE C 252 18.63 15.27 -34.25
C ILE C 252 18.76 14.68 -32.85
N ASN C 253 19.95 14.23 -32.47
CA ASN C 253 20.15 13.71 -31.12
C ASN C 253 19.95 14.81 -30.08
N GLY C 254 20.46 16.01 -30.35
CA GLY C 254 20.24 17.12 -29.44
C GLY C 254 18.77 17.44 -29.30
N ALA C 255 18.03 17.44 -30.42
CA ALA C 255 16.59 17.68 -30.36
C ALA C 255 15.87 16.56 -29.62
N CYS C 256 16.35 15.32 -29.74
CA CYS C 256 15.75 14.22 -29.00
C CYS C 256 15.91 14.42 -27.50
N THR C 257 17.11 14.80 -27.07
CA THR C 257 17.33 15.09 -25.66
C THR C 257 16.49 16.28 -25.21
N PHE C 258 16.37 17.30 -26.05
CA PHE C 258 15.58 18.47 -25.69
C PHE C 258 14.10 18.12 -25.57
N VAL C 259 13.60 17.22 -26.42
CA VAL C 259 12.21 16.79 -26.33
C VAL C 259 12.00 15.97 -25.05
N TRP C 260 12.97 15.10 -24.73
CA TRP C 260 12.90 14.34 -23.49
C TRP C 260 12.79 15.26 -22.29
N ASN C 261 13.58 16.33 -22.28
CA ASN C 261 13.51 17.29 -21.17
C ASN C 261 12.25 18.16 -21.25
N TYR C 262 11.79 18.48 -22.45
CA TYR C 262 10.66 19.38 -22.60
C TYR C 262 9.33 18.72 -22.25
N MET C 263 9.25 17.39 -22.30
CA MET C 263 8.07 16.74 -21.77
C MET C 263 7.86 17.12 -20.29
N ASP C 264 8.91 16.93 -19.49
CA ASP C 264 8.86 17.30 -18.08
C ASP C 264 8.70 18.81 -17.93
N LEU C 265 9.35 19.59 -18.79
CA LEU C 265 9.23 21.04 -18.71
C LEU C 265 7.79 21.51 -18.95
N PHE C 266 7.13 20.92 -19.94
CA PHE C 266 5.74 21.27 -20.23
C PHE C 266 4.82 20.86 -19.08
N ILE C 267 5.06 19.68 -18.50
CA ILE C 267 4.28 19.28 -17.34
C ILE C 267 4.48 20.27 -16.19
N MET C 268 5.73 20.69 -15.96
CA MET C 268 6.02 21.67 -14.93
C MET C 268 5.30 22.99 -15.19
N MET C 269 5.32 23.45 -16.43
CA MET C 269 4.69 24.73 -16.77
C MET C 269 3.19 24.67 -16.59
N ILE C 270 2.55 23.57 -16.99
CA ILE C 270 1.11 23.42 -16.80
C ILE C 270 0.78 23.37 -15.32
N SER C 271 1.56 22.62 -14.54
CA SER C 271 1.31 22.53 -13.10
C SER C 271 1.47 23.89 -12.44
N LYS C 272 2.48 24.67 -12.84
CA LYS C 272 2.65 26.00 -12.29
C LYS C 272 1.50 26.92 -12.69
N GLY C 273 1.02 26.80 -13.93
CA GLY C 273 -0.11 27.61 -14.35
C GLY C 273 -1.36 27.33 -13.54
N LEU C 274 -1.61 26.06 -13.21
CA LEU C 274 -2.77 25.73 -12.38
C LEU C 274 -2.56 26.16 -10.93
N SER C 275 -1.36 25.91 -10.39
CA SER C 275 -1.08 26.26 -9.00
C SER C 275 -1.10 27.77 -8.80
N TYR C 276 -0.84 28.54 -9.84
CA TYR C 276 -0.92 30.00 -9.74
C TYR C 276 -2.33 30.44 -9.37
N ARG C 277 -3.33 29.97 -10.12
CA ARG C 277 -4.71 30.32 -9.83
C ARG C 277 -5.17 29.73 -8.51
N PHE C 278 -4.72 28.51 -8.19
CA PHE C 278 -5.12 27.91 -6.92
C PHE C 278 -4.54 28.70 -5.74
N GLU C 279 -3.30 29.19 -5.88
CA GLU C 279 -2.70 30.02 -4.83
C GLU C 279 -3.37 31.38 -4.74
N GLN C 280 -3.81 31.93 -5.87
CA GLN C 280 -4.60 33.16 -5.81
C GLN C 280 -5.88 32.96 -5.03
N ILE C 281 -6.57 31.83 -5.27
CA ILE C 281 -7.78 31.52 -4.52
C ILE C 281 -7.46 31.35 -3.03
N THR C 282 -6.36 30.66 -2.73
CA THR C 282 -5.96 30.45 -1.34
C THR C 282 -5.68 31.79 -0.64
N THR C 283 -4.98 32.69 -1.34
CA THR C 283 -4.70 34.01 -0.75
C THR C 283 -5.98 34.80 -0.56
N ARG C 284 -6.91 34.72 -1.51
CA ARG C 284 -8.20 35.39 -1.36
C ARG C 284 -8.94 34.87 -0.12
N ILE C 285 -8.91 33.55 0.09
CA ILE C 285 -9.52 32.97 1.28
C ILE C 285 -8.81 33.46 2.54
N ARG C 286 -7.48 33.50 2.50
CA ARG C 286 -6.70 33.93 3.67
C ARG C 286 -6.99 35.38 4.04
N LYS C 287 -7.23 36.24 3.06
CA LYS C 287 -7.41 37.67 3.31
C LYS C 287 -8.68 37.99 4.09
N LEU C 288 -9.48 36.99 4.47
CA LEU C 288 -10.66 37.18 5.31
C LEU C 288 -10.55 36.37 6.60
N GLU C 289 -9.34 36.32 7.16
CA GLU C 289 -9.09 35.48 8.33
C GLU C 289 -9.85 36.00 9.55
N HIS C 290 -9.70 37.29 9.86
CA HIS C 290 -10.30 37.87 11.06
C HIS C 290 -11.38 38.88 10.71
N GLU C 291 -12.03 38.70 9.56
CA GLU C 291 -13.08 39.60 9.12
C GLU C 291 -14.35 38.79 8.86
N GLU C 292 -15.50 39.45 9.04
CA GLU C 292 -16.79 38.80 8.89
C GLU C 292 -17.18 38.74 7.41
N VAL C 293 -17.49 37.53 6.93
CA VAL C 293 -17.65 37.27 5.49
C VAL C 293 -19.12 37.01 5.21
N CYS C 294 -19.64 37.68 4.18
CA CYS C 294 -21.01 37.48 3.73
C CYS C 294 -21.12 36.23 2.87
N GLU C 295 -22.36 35.83 2.59
CA GLU C 295 -22.59 34.63 1.79
C GLU C 295 -22.19 34.83 0.33
N SER C 296 -22.26 36.07 -0.17
CA SER C 296 -21.92 36.33 -1.57
C SER C 296 -20.43 36.07 -1.83
N VAL C 297 -19.57 36.47 -0.90
CA VAL C 297 -18.14 36.24 -1.07
C VAL C 297 -17.84 34.75 -1.12
N PHE C 298 -18.47 33.97 -0.23
CA PHE C 298 -18.27 32.53 -0.23
C PHE C 298 -18.83 31.90 -1.51
N ILE C 299 -19.95 32.42 -2.01
CA ILE C 299 -20.50 31.94 -3.28
C ILE C 299 -19.49 32.16 -4.40
N GLN C 300 -18.91 33.36 -4.44
CA GLN C 300 -17.93 33.67 -5.48
C GLN C 300 -16.70 32.79 -5.36
N ILE C 301 -16.21 32.57 -4.13
CA ILE C 301 -15.03 31.73 -3.94
C ILE C 301 -15.32 30.29 -4.37
N ARG C 302 -16.48 29.77 -3.98
CA ARG C 302 -16.84 28.41 -4.36
C ARG C 302 -17.00 28.27 -5.88
N GLU C 303 -17.60 29.26 -6.52
CA GLU C 303 -17.75 29.22 -7.97
C GLU C 303 -16.41 29.25 -8.68
N HIS C 304 -15.49 30.10 -8.20
CA HIS C 304 -14.17 30.16 -8.81
C HIS C 304 -13.39 28.87 -8.58
N TYR C 305 -13.53 28.28 -7.38
CA TYR C 305 -12.88 27.00 -7.11
C TYR C 305 -13.45 25.90 -8.01
N VAL C 306 -14.77 25.93 -8.23
CA VAL C 306 -15.40 24.94 -9.11
C VAL C 306 -14.92 25.11 -10.55
N LYS C 307 -14.80 26.36 -11.01
CA LYS C 307 -14.29 26.61 -12.36
C LYS C 307 -12.84 26.15 -12.48
N MET C 308 -12.02 26.38 -11.44
CA MET C 308 -10.65 25.90 -11.47
C MET C 308 -10.59 24.38 -11.50
N CYS C 309 -11.50 23.72 -10.76
CA CYS C 309 -11.56 22.26 -10.80
C CYS C 309 -11.98 21.77 -12.18
N GLU C 310 -12.92 22.47 -12.83
CA GLU C 310 -13.31 22.12 -14.19
C GLU C 310 -12.13 22.25 -15.15
N LEU C 311 -11.38 23.35 -15.03
CA LEU C 311 -10.21 23.54 -15.89
C LEU C 311 -9.17 22.48 -15.63
N LEU C 312 -8.96 22.11 -14.36
CA LEU C 312 -8.02 21.05 -14.04
C LEU C 312 -8.45 19.73 -14.63
N GLU C 313 -9.75 19.42 -14.56
CA GLU C 313 -10.25 18.17 -15.15
C GLU C 313 -10.04 18.16 -16.66
N PHE C 314 -10.33 19.29 -17.33
CA PHE C 314 -10.14 19.35 -18.78
C PHE C 314 -8.66 19.19 -19.15
N VAL C 315 -7.78 19.90 -18.42
CA VAL C 315 -6.36 19.81 -18.71
C VAL C 315 -5.83 18.41 -18.43
N ASP C 316 -6.34 17.77 -17.37
CA ASP C 316 -5.93 16.41 -17.06
C ASP C 316 -6.38 15.44 -18.14
N SER C 317 -7.62 15.60 -18.64
CA SER C 317 -8.08 14.76 -19.73
C SER C 317 -7.23 14.95 -20.98
N ALA C 318 -6.81 16.19 -21.25
CA ALA C 318 -6.00 16.46 -22.42
C ALA C 318 -4.58 15.91 -22.27
N MET C 319 -4.03 15.98 -21.05
CA MET C 319 -2.62 15.67 -20.81
C MET C 319 -2.40 14.35 -20.10
N SER C 320 -3.43 13.49 -20.02
CA SER C 320 -3.25 12.19 -19.37
C SER C 320 -2.19 11.35 -20.08
N SER C 321 -2.21 11.34 -21.41
CA SER C 321 -1.22 10.55 -22.14
C SER C 321 0.19 11.08 -21.90
N LEU C 322 0.36 12.41 -21.91
CA LEU C 322 1.67 12.98 -21.67
C LEU C 322 2.15 12.69 -20.25
N ILE C 323 1.26 12.80 -19.27
CA ILE C 323 1.64 12.54 -17.89
C ILE C 323 2.02 11.08 -17.71
N LEU C 324 1.25 10.16 -18.28
CA LEU C 324 1.57 8.74 -18.18
C LEU C 324 2.92 8.44 -18.82
N LEU C 325 3.15 8.96 -20.02
CA LEU C 325 4.41 8.71 -20.72
C LEU C 325 5.58 9.27 -19.93
N SER C 326 5.45 10.51 -19.43
CA SER C 326 6.53 11.11 -18.67
C SER C 326 6.82 10.35 -17.38
N CYS C 327 5.77 9.93 -16.67
CA CYS C 327 5.97 9.21 -15.42
C CYS C 327 6.63 7.86 -15.67
N VAL C 328 6.15 7.11 -16.67
CA VAL C 328 6.73 5.80 -16.96
C VAL C 328 8.18 5.95 -17.40
N ASN C 329 8.45 6.91 -18.28
CA ASN C 329 9.81 7.12 -18.78
C ASN C 329 10.75 7.54 -17.65
N ASN C 330 10.31 8.46 -16.80
CA ASN C 330 11.14 8.92 -15.69
C ASN C 330 11.40 7.78 -14.70
N LEU C 331 10.37 6.98 -14.39
CA LEU C 331 10.56 5.85 -13.50
C LEU C 331 11.57 4.86 -14.07
N TYR C 332 11.43 4.52 -15.35
CA TYR C 332 12.34 3.56 -15.97
C TYR C 332 13.77 4.08 -15.98
N PHE C 333 13.96 5.35 -16.34
CA PHE C 333 15.31 5.88 -16.42
C PHE C 333 15.93 6.09 -15.05
N VAL C 334 15.12 6.47 -14.04
CA VAL C 334 15.63 6.58 -12.68
C VAL C 334 16.07 5.23 -12.17
N CYS C 335 15.27 4.18 -12.42
CA CYS C 335 15.65 2.84 -12.01
C CYS C 335 16.93 2.39 -12.71
N TYR C 336 17.03 2.67 -14.02
CA TYR C 336 18.22 2.30 -14.78
C TYR C 336 19.47 2.99 -14.23
N GLN C 337 19.36 4.29 -13.95
CA GLN C 337 20.53 5.03 -13.46
C GLN C 337 20.91 4.60 -12.05
N LEU C 338 19.92 4.35 -11.19
CA LEU C 338 20.23 3.87 -9.84
C LEU C 338 20.82 2.47 -9.88
N LEU C 339 20.44 1.67 -10.88
CA LEU C 339 21.10 0.37 -11.08
C LEU C 339 22.54 0.55 -11.53
N ASN C 340 22.79 1.53 -12.40
CA ASN C 340 24.12 1.75 -12.96
C ASN C 340 25.02 2.59 -12.05
N VAL C 341 24.51 3.09 -10.93
CA VAL C 341 25.29 4.01 -10.10
C VAL C 341 26.52 3.33 -9.51
N PHE C 342 26.46 2.02 -9.26
CA PHE C 342 27.56 1.37 -8.56
C PHE C 342 28.77 1.03 -9.43
N ASN C 343 28.65 1.04 -10.76
CA ASN C 343 29.79 0.67 -11.57
C ASN C 343 30.85 1.77 -11.56
N LYS C 344 32.02 1.45 -12.10
CA LYS C 344 33.14 2.36 -12.16
C LYS C 344 33.22 3.00 -13.53
N LEU C 345 33.78 4.19 -13.59
CA LEU C 345 33.97 4.92 -14.83
C LEU C 345 35.45 5.18 -15.07
N ARG C 346 35.83 5.29 -16.33
CA ARG C 346 37.24 5.23 -16.70
C ARG C 346 37.96 6.53 -16.34
N TRP C 347 37.27 7.67 -16.46
CA TRP C 347 37.91 8.94 -16.21
C TRP C 347 37.09 9.79 -15.25
N PRO C 348 37.74 10.71 -14.52
CA PRO C 348 36.99 11.55 -13.58
C PRO C 348 35.91 12.39 -14.26
N ILE C 349 36.17 12.88 -15.48
CA ILE C 349 35.15 13.65 -16.19
C ILE C 349 33.91 12.81 -16.43
N ASN C 350 34.10 11.52 -16.71
CA ASN C 350 32.97 10.61 -16.84
C ASN C 350 32.20 10.51 -15.52
N TYR C 351 32.92 10.46 -14.40
CA TYR C 351 32.25 10.42 -13.10
C TYR C 351 31.41 11.65 -12.87
N ILE C 352 31.97 12.84 -13.13
CA ILE C 352 31.23 14.08 -12.92
C ILE C 352 30.01 14.12 -13.83
N TYR C 353 30.18 13.74 -15.10
CA TYR C 353 29.06 13.77 -16.03
C TYR C 353 27.96 12.81 -15.61
N PHE C 354 28.33 11.58 -15.23
CA PHE C 354 27.32 10.59 -14.87
C PHE C 354 26.59 11.01 -13.60
N TRP C 355 27.32 11.51 -12.60
CA TRP C 355 26.66 11.93 -11.37
C TRP C 355 25.78 13.15 -11.60
N TYR C 356 26.23 14.09 -12.44
CA TYR C 356 25.39 15.23 -12.79
C TYR C 356 24.12 14.77 -13.49
N SER C 357 24.24 13.82 -14.42
CA SER C 357 23.07 13.32 -15.14
C SER C 357 22.10 12.62 -14.20
N LEU C 358 22.61 11.77 -13.31
CA LEU C 358 21.74 11.06 -12.38
C LEU C 358 21.05 12.04 -11.43
N LEU C 359 21.81 12.99 -10.88
CA LEU C 359 21.22 13.97 -9.98
C LEU C 359 20.19 14.83 -10.70
N TYR C 360 20.48 15.24 -11.94
CA TYR C 360 19.53 16.04 -12.69
C TYR C 360 18.26 15.25 -13.02
N LEU C 361 18.41 13.98 -13.37
CA LEU C 361 17.23 13.17 -13.67
C LEU C 361 16.37 12.98 -12.43
N ILE C 362 16.99 12.63 -11.30
CA ILE C 362 16.24 12.45 -10.06
C ILE C 362 15.57 13.74 -9.64
N GLY C 363 16.32 14.86 -9.70
CA GLY C 363 15.75 16.14 -9.33
C GLY C 363 14.64 16.60 -10.27
N ARG C 364 14.77 16.31 -11.56
CA ARG C 364 13.74 16.69 -12.51
C ARG C 364 12.46 15.88 -12.29
N THR C 365 12.60 14.58 -12.05
CA THR C 365 11.42 13.77 -11.73
C THR C 365 10.76 14.24 -10.44
N ALA C 366 11.57 14.47 -9.40
CA ALA C 366 11.03 14.94 -8.13
C ALA C 366 10.38 16.31 -8.28
N PHE C 367 10.96 17.17 -9.10
CA PHE C 367 10.43 18.52 -9.27
C PHE C 367 9.14 18.50 -10.08
N VAL C 368 9.04 17.62 -11.09
CA VAL C 368 7.79 17.44 -11.80
C VAL C 368 6.71 16.97 -10.85
N PHE C 369 7.02 15.95 -10.04
CA PHE C 369 6.03 15.43 -9.11
C PHE C 369 5.63 16.48 -8.06
N LEU C 370 6.60 17.26 -7.58
CA LEU C 370 6.30 18.27 -6.58
C LEU C 370 5.50 19.42 -7.16
N THR C 371 5.81 19.83 -8.40
CA THR C 371 5.04 20.89 -9.05
C THR C 371 3.61 20.43 -9.32
N ALA C 372 3.44 19.16 -9.71
CA ALA C 372 2.09 18.63 -9.90
C ALA C 372 1.34 18.54 -8.57
N ALA C 373 2.03 18.12 -7.51
CA ALA C 373 1.41 18.03 -6.19
C ALA C 373 1.18 19.41 -5.58
N ASP C 374 1.81 20.45 -6.12
CA ASP C 374 1.55 21.80 -5.65
C ASP C 374 0.10 22.18 -5.86
N ILE C 375 -0.54 21.65 -6.91
CA ILE C 375 -1.96 21.90 -7.11
C ILE C 375 -2.78 21.33 -5.95
N ASN C 376 -2.49 20.09 -5.57
CA ASN C 376 -3.21 19.47 -4.46
C ASN C 376 -2.94 20.19 -3.15
N GLU C 377 -1.68 20.55 -2.90
CA GLU C 377 -1.35 21.26 -1.67
C GLU C 377 -2.01 22.63 -1.62
N GLU C 378 -2.06 23.32 -2.75
CA GLU C 378 -2.69 24.64 -2.79
C GLU C 378 -4.19 24.54 -2.60
N SER C 379 -4.82 23.51 -3.16
CA SER C 379 -6.25 23.31 -2.92
C SER C 379 -6.51 22.98 -1.46
N LYS C 380 -5.62 22.21 -0.84
CA LYS C 380 -5.82 21.85 0.57
C LYS C 380 -5.51 23.01 1.50
N ARG C 381 -4.66 23.94 1.08
CA ARG C 381 -4.24 25.03 1.97
C ARG C 381 -5.40 25.95 2.35
N GLY C 382 -6.41 26.08 1.48
CA GLY C 382 -7.56 26.89 1.81
C GLY C 382 -8.44 26.29 2.88
N LEU C 383 -8.36 24.97 3.07
CA LEU C 383 -9.18 24.31 4.09
C LEU C 383 -8.83 24.80 5.49
N GLY C 384 -7.53 24.97 5.77
CA GLY C 384 -7.14 25.43 7.10
C GLY C 384 -7.72 26.79 7.44
N VAL C 385 -7.71 27.71 6.47
CA VAL C 385 -8.31 29.02 6.70
C VAL C 385 -9.83 28.91 6.79
N LEU C 386 -10.44 28.08 5.95
CA LEU C 386 -11.89 27.93 5.99
C LEU C 386 -12.37 27.28 7.28
N ARG C 387 -11.55 26.41 7.87
CA ARG C 387 -11.91 25.76 9.13
C ARG C 387 -11.96 26.74 10.28
N ARG C 388 -11.38 27.93 10.12
CA ARG C 388 -11.35 28.95 11.16
C ARG C 388 -12.44 30.01 10.96
N VAL C 389 -13.39 29.78 10.05
CA VAL C 389 -14.47 30.74 9.84
C VAL C 389 -15.31 30.83 11.09
N SER C 390 -15.69 32.06 11.46
CA SER C 390 -16.46 32.30 12.66
C SER C 390 -17.81 31.58 12.61
N SER C 391 -18.38 31.34 13.79
CA SER C 391 -19.58 30.53 13.88
C SER C 391 -20.76 31.17 13.18
N ARG C 392 -20.97 32.48 13.40
CA ARG C 392 -22.17 33.12 12.84
C ARG C 392 -22.06 33.34 11.34
N SER C 393 -20.85 33.42 10.80
CA SER C 393 -20.64 33.59 9.36
C SER C 393 -20.44 32.25 8.65
N TRP C 394 -21.02 31.18 9.19
CA TRP C 394 -20.95 29.85 8.59
C TRP C 394 -22.29 29.57 7.91
N CYS C 395 -22.24 29.24 6.63
CA CYS C 395 -23.44 29.02 5.85
C CYS C 395 -23.29 27.74 5.02
N VAL C 396 -24.28 27.48 4.17
CA VAL C 396 -24.26 26.28 3.34
C VAL C 396 -23.12 26.32 2.33
N GLU C 397 -22.79 27.52 1.83
CA GLU C 397 -21.71 27.63 0.85
C GLU C 397 -20.37 27.20 1.43
N VAL C 398 -20.08 27.61 2.67
CA VAL C 398 -18.83 27.22 3.31
C VAL C 398 -18.79 25.71 3.53
N GLU C 399 -19.92 25.14 3.92
CA GLU C 399 -19.99 23.69 4.12
C GLU C 399 -19.73 22.95 2.81
N ARG C 400 -20.36 23.41 1.72
CA ARG C 400 -20.12 22.79 0.41
C ARG C 400 -18.66 22.90 0.00
N LEU C 401 -18.08 24.09 0.18
CA LEU C 401 -16.68 24.30 -0.21
C LEU C 401 -15.74 23.42 0.60
N ILE C 402 -15.96 23.34 1.91
CA ILE C 402 -15.11 22.52 2.77
C ILE C 402 -15.24 21.05 2.41
N PHE C 403 -16.47 20.58 2.18
CA PHE C 403 -16.67 19.20 1.76
C PHE C 403 -15.98 18.93 0.43
N GLN C 404 -16.05 19.88 -0.51
CA GLN C 404 -15.45 19.69 -1.82
C GLN C 404 -13.93 19.59 -1.73
N MET C 405 -13.30 20.51 -1.01
CA MET C 405 -11.84 20.41 -0.87
C MET C 405 -11.41 19.19 -0.06
N THR C 406 -12.17 18.83 0.97
CA THR C 406 -11.74 17.74 1.84
C THR C 406 -11.91 16.39 1.18
N THR C 407 -13.02 16.17 0.48
CA THR C 407 -13.34 14.86 -0.05
C THR C 407 -12.79 14.66 -1.47
N GLN C 408 -13.04 15.62 -2.36
CA GLN C 408 -12.54 15.51 -3.72
C GLN C 408 -11.03 15.70 -3.75
N THR C 409 -10.33 14.81 -4.43
CA THR C 409 -8.91 14.97 -4.67
C THR C 409 -8.71 15.90 -5.87
N VAL C 410 -7.86 16.91 -5.72
CA VAL C 410 -7.66 17.92 -6.75
C VAL C 410 -6.21 17.91 -7.19
N ALA C 411 -5.90 17.11 -8.22
CA ALA C 411 -4.54 17.01 -8.70
C ALA C 411 -4.56 16.40 -10.10
N LEU C 412 -3.43 16.55 -10.80
CA LEU C 412 -3.27 15.90 -12.09
C LEU C 412 -3.16 14.39 -11.91
N SER C 413 -3.63 13.65 -12.91
CA SER C 413 -3.68 12.21 -12.83
C SER C 413 -3.13 11.59 -14.10
N GLY C 414 -2.56 10.39 -13.95
CA GLY C 414 -2.11 9.61 -15.08
C GLY C 414 -3.22 8.73 -15.63
N LYS C 415 -4.18 9.33 -16.33
CA LYS C 415 -5.37 8.63 -16.83
C LYS C 415 -6.15 8.00 -15.69
N LYS C 416 -6.24 8.71 -14.57
CA LYS C 416 -6.99 8.34 -13.37
C LYS C 416 -6.42 7.11 -12.66
N PHE C 417 -5.32 6.54 -13.15
CA PHE C 417 -4.73 5.38 -12.47
C PHE C 417 -4.07 5.80 -11.16
N TYR C 418 -3.53 7.02 -11.11
CA TYR C 418 -2.91 7.55 -9.92
C TYR C 418 -3.03 9.06 -9.94
N PHE C 419 -2.95 9.68 -8.77
CA PHE C 419 -3.06 11.12 -8.63
C PHE C 419 -1.72 11.68 -8.17
N LEU C 420 -1.24 12.70 -8.88
CA LEU C 420 0.07 13.29 -8.62
C LEU C 420 0.00 14.10 -7.33
N THR C 421 0.41 13.49 -6.21
CA THR C 421 0.41 14.14 -4.92
C THR C 421 1.74 13.85 -4.22
N ARG C 422 1.95 14.53 -3.10
CA ARG C 422 3.15 14.27 -2.30
C ARG C 422 3.13 12.85 -1.74
N ARG C 423 1.95 12.36 -1.36
CA ARG C 423 1.79 10.97 -0.97
C ARG C 423 2.25 10.05 -2.10
N LEU C 424 1.84 10.37 -3.34
CA LEU C 424 2.26 9.59 -4.49
C LEU C 424 3.76 9.67 -4.70
N LEU C 425 4.37 10.84 -4.47
CA LEU C 425 5.82 10.95 -4.61
C LEU C 425 6.55 10.07 -3.59
N PHE C 426 6.07 10.07 -2.34
CA PHE C 426 6.68 9.21 -1.33
C PHE C 426 6.50 7.74 -1.67
N GLY C 427 5.31 7.36 -2.15
CA GLY C 427 5.08 5.99 -2.56
C GLY C 427 5.97 5.60 -3.73
N MET C 428 6.17 6.51 -4.68
CA MET C 428 7.05 6.23 -5.80
C MET C 428 8.50 6.08 -5.35
N ALA C 429 8.93 6.90 -4.39
CA ALA C 429 10.28 6.74 -3.84
C ALA C 429 10.45 5.38 -3.18
N GLY C 430 9.45 4.97 -2.39
CA GLY C 430 9.52 3.64 -1.79
C GLY C 430 9.54 2.52 -2.81
N THR C 431 8.71 2.66 -3.85
CA THR C 431 8.69 1.67 -4.92
C THR C 431 10.03 1.60 -5.64
N ILE C 432 10.65 2.76 -5.88
CA ILE C 432 11.97 2.81 -6.51
C ILE C 432 13.00 2.12 -5.62
N VAL C 433 12.93 2.37 -4.31
CA VAL C 433 13.88 1.73 -3.38
C VAL C 433 13.72 0.22 -3.44
N THR C 434 12.47 -0.26 -3.41
CA THR C 434 12.22 -1.69 -3.47
C THR C 434 12.71 -2.30 -4.79
N TYR C 435 12.42 -1.63 -5.90
CA TYR C 435 12.84 -2.14 -7.21
C TYR C 435 14.37 -2.19 -7.31
N GLU C 436 15.05 -1.16 -6.79
CA GLU C 436 16.50 -1.16 -6.79
C GLU C 436 17.06 -2.27 -5.91
N LEU C 437 16.45 -2.50 -4.74
CA LEU C 437 16.90 -3.57 -3.88
C LEU C 437 16.75 -4.93 -4.57
N VAL C 438 15.67 -5.12 -5.32
CA VAL C 438 15.49 -6.37 -6.04
C VAL C 438 16.48 -6.49 -7.19
N LEU C 439 16.69 -5.41 -7.94
CA LEU C 439 17.52 -5.46 -9.15
C LEU C 439 19.01 -5.51 -8.85
N LEU C 440 19.43 -5.11 -7.64
CA LEU C 440 20.84 -5.27 -7.30
C LEU C 440 21.23 -6.74 -7.21
N GLN C 441 20.24 -7.63 -7.01
CA GLN C 441 20.51 -9.07 -7.16
C GLN C 441 20.99 -9.38 -8.57
N PHE C 442 20.32 -8.82 -9.58
CA PHE C 442 20.78 -8.98 -10.96
C PHE C 442 22.13 -8.32 -11.17
N ASP C 443 22.34 -7.17 -10.54
CA ASP C 443 23.57 -6.40 -10.78
C ASP C 443 24.78 -7.06 -10.13
N GLU C 444 24.58 -7.83 -9.07
CA GLU C 444 25.70 -8.38 -8.30
C GLU C 444 26.65 -9.26 -9.09
N PRO C 445 26.19 -10.24 -9.89
CA PRO C 445 27.16 -11.11 -10.59
C PRO C 445 28.07 -10.38 -11.56
N ASN C 446 27.67 -9.20 -12.04
CA ASN C 446 28.55 -8.44 -12.94
C ASN C 446 29.82 -8.01 -12.23
N ARG C 447 29.70 -7.58 -10.97
CA ARG C 447 30.86 -7.13 -10.20
C ARG C 447 31.31 -8.21 -9.22
N LEU D 56 -36.68 -4.09 -27.31
CA LEU D 56 -36.33 -2.89 -26.57
C LEU D 56 -34.89 -2.98 -26.08
N ASP D 57 -34.33 -1.86 -25.64
CA ASP D 57 -32.95 -1.82 -25.14
C ASP D 57 -32.92 -2.36 -23.72
N LEU D 58 -32.81 -3.68 -23.61
CA LEU D 58 -32.73 -4.36 -22.33
C LEU D 58 -31.45 -5.19 -22.28
N PHE D 59 -30.93 -5.39 -21.07
CA PHE D 59 -29.71 -6.17 -20.91
C PHE D 59 -29.91 -7.62 -21.34
N HIS D 60 -31.06 -8.20 -20.98
CA HIS D 60 -31.33 -9.59 -21.34
C HIS D 60 -31.38 -9.78 -22.86
N ARG D 61 -32.09 -8.88 -23.55
CA ARG D 61 -32.16 -8.96 -25.00
C ARG D 61 -30.83 -8.69 -25.67
N ALA D 62 -29.93 -7.98 -24.99
CA ALA D 62 -28.61 -7.69 -25.54
C ALA D 62 -27.56 -8.73 -25.16
N VAL D 63 -27.83 -9.56 -24.14
CA VAL D 63 -26.87 -10.54 -23.67
C VAL D 63 -27.22 -11.97 -24.05
N PHE D 64 -28.50 -12.27 -24.31
CA PHE D 64 -28.94 -13.63 -24.57
C PHE D 64 -28.37 -14.23 -25.86
N PRO D 65 -28.06 -13.48 -26.91
CA PRO D 65 -27.41 -14.11 -28.08
C PRO D 65 -26.09 -14.78 -27.74
N PHE D 66 -25.32 -14.24 -26.81
CA PHE D 66 -24.06 -14.85 -26.41
C PHE D 66 -24.23 -15.82 -25.25
N MET D 67 -25.25 -15.60 -24.41
CA MET D 67 -25.59 -16.60 -23.41
C MET D 67 -25.99 -17.92 -24.07
N PHE D 68 -26.70 -17.85 -25.20
CA PHE D 68 -27.06 -19.06 -25.92
C PHE D 68 -25.82 -19.77 -26.48
N LEU D 69 -24.84 -19.00 -26.97
CA LEU D 69 -23.62 -19.63 -27.48
C LEU D 69 -22.83 -20.27 -26.35
N ALA D 70 -22.79 -19.61 -25.18
CA ALA D 70 -22.17 -20.22 -24.01
C ALA D 70 -22.91 -21.49 -23.59
N GLN D 71 -24.24 -21.48 -23.73
CA GLN D 71 -25.01 -22.70 -23.50
C GLN D 71 -24.60 -23.80 -24.46
N CYS D 72 -24.37 -23.43 -25.73
CA CYS D 72 -23.88 -24.39 -26.71
C CYS D 72 -22.50 -24.91 -26.33
N VAL D 73 -21.68 -24.09 -25.68
CA VAL D 73 -20.38 -24.53 -25.19
C VAL D 73 -20.53 -25.03 -23.76
N ALA D 74 -21.78 -25.21 -23.33
CA ALA D 74 -22.12 -25.75 -22.01
C ALA D 74 -21.64 -24.85 -20.89
N ILE D 75 -22.15 -23.62 -20.83
CA ILE D 75 -21.85 -22.67 -19.77
C ILE D 75 -23.15 -22.04 -19.29
N MET D 76 -23.30 -21.91 -17.97
CA MET D 76 -24.51 -21.37 -17.35
C MET D 76 -25.73 -22.15 -17.80
N PRO D 77 -25.92 -23.38 -17.31
CA PRO D 77 -27.04 -24.21 -17.79
C PRO D 77 -28.38 -23.65 -17.39
N LEU D 78 -29.21 -23.32 -18.39
CA LEU D 78 -30.53 -22.76 -18.15
C LEU D 78 -31.47 -23.21 -19.25
N VAL D 79 -32.77 -23.05 -19.01
CA VAL D 79 -33.79 -23.33 -20.00
C VAL D 79 -34.51 -22.03 -20.33
N GLY D 80 -34.93 -21.90 -21.59
CA GLY D 80 -35.59 -20.69 -22.03
C GLY D 80 -34.70 -19.48 -22.13
N ILE D 81 -33.38 -19.68 -22.25
CA ILE D 81 -32.46 -18.55 -22.35
C ILE D 81 -32.58 -17.84 -23.68
N ARG D 82 -33.16 -18.48 -24.70
CA ARG D 82 -33.33 -17.88 -26.01
C ARG D 82 -34.62 -17.07 -26.13
N GLU D 83 -35.49 -17.12 -25.13
CA GLU D 83 -36.73 -16.38 -25.19
C GLU D 83 -36.51 -14.93 -24.77
N SER D 84 -37.24 -14.03 -25.44
CA SER D 84 -37.10 -12.60 -25.18
C SER D 84 -37.74 -12.17 -23.87
N ASN D 85 -38.54 -13.03 -23.24
CA ASN D 85 -39.16 -12.70 -21.96
C ASN D 85 -38.20 -13.04 -20.83
N PRO D 86 -37.80 -12.07 -20.01
CA PRO D 86 -36.82 -12.38 -18.94
C PRO D 86 -37.38 -13.25 -17.83
N ARG D 87 -38.70 -13.45 -17.76
CA ARG D 87 -39.29 -14.24 -16.69
C ARG D 87 -39.44 -15.71 -17.02
N ARG D 88 -39.13 -16.13 -18.25
CA ARG D 88 -39.25 -17.53 -18.64
C ARG D 88 -37.98 -18.33 -18.42
N VAL D 89 -36.87 -17.68 -18.07
CA VAL D 89 -35.61 -18.40 -17.86
C VAL D 89 -35.57 -18.90 -16.43
N ARG D 90 -35.28 -20.20 -16.27
CA ARG D 90 -35.23 -20.81 -14.95
C ARG D 90 -34.19 -21.92 -14.96
N PHE D 91 -33.73 -22.28 -13.77
CA PHE D 91 -32.71 -23.32 -13.60
C PHE D 91 -33.39 -24.58 -13.09
N ALA D 92 -33.25 -25.66 -13.85
CA ALA D 92 -33.81 -26.96 -13.49
C ALA D 92 -32.74 -28.02 -13.66
N TYR D 93 -32.52 -28.82 -12.61
CA TYR D 93 -31.45 -29.80 -12.63
C TYR D 93 -31.69 -30.92 -13.65
N LYS D 94 -32.94 -31.12 -14.07
CA LYS D 94 -33.29 -32.14 -15.05
C LYS D 94 -33.62 -31.44 -16.36
N SER D 95 -32.59 -31.18 -17.16
CA SER D 95 -32.77 -30.48 -18.44
C SER D 95 -31.71 -30.95 -19.41
N ILE D 96 -31.99 -30.74 -20.70
CA ILE D 96 -30.99 -31.04 -21.74
C ILE D 96 -29.73 -30.19 -21.57
N PRO D 97 -29.80 -28.88 -21.33
CA PRO D 97 -28.56 -28.15 -21.06
C PRO D 97 -27.81 -28.66 -19.84
N MET D 98 -28.54 -29.10 -18.81
CA MET D 98 -27.89 -29.73 -17.67
C MET D 98 -27.15 -30.99 -18.07
N PHE D 99 -27.76 -31.81 -18.94
CA PHE D 99 -27.09 -33.03 -19.39
C PHE D 99 -25.86 -32.70 -20.22
N VAL D 100 -25.95 -31.70 -21.11
CA VAL D 100 -24.80 -31.38 -21.96
C VAL D 100 -23.67 -30.81 -21.12
N THR D 101 -23.98 -29.98 -20.12
CA THR D 101 -22.91 -29.45 -19.29
C THR D 101 -22.34 -30.52 -18.37
N LEU D 102 -23.16 -31.51 -17.99
CA LEU D 102 -22.65 -32.63 -17.21
C LEU D 102 -21.67 -33.45 -18.05
N ILE D 103 -22.00 -33.69 -19.32
CA ILE D 103 -21.08 -34.38 -20.21
C ILE D 103 -19.79 -33.59 -20.39
N PHE D 104 -19.91 -32.27 -20.57
CA PHE D 104 -18.71 -31.45 -20.75
C PHE D 104 -17.85 -31.44 -19.48
N MET D 105 -18.48 -31.41 -18.31
CA MET D 105 -17.74 -31.49 -17.06
C MET D 105 -17.03 -32.83 -16.92
N ILE D 106 -17.71 -33.92 -17.30
CA ILE D 106 -17.07 -35.24 -17.25
C ILE D 106 -15.87 -35.29 -18.18
N ALA D 107 -16.02 -34.74 -19.40
CA ALA D 107 -14.92 -34.74 -20.35
C ALA D 107 -13.75 -33.90 -19.84
N THR D 108 -14.03 -32.72 -19.30
CA THR D 108 -12.98 -31.86 -18.78
C THR D 108 -12.30 -32.50 -17.57
N SER D 109 -13.07 -33.21 -16.74
CA SER D 109 -12.48 -33.93 -15.62
C SER D 109 -11.61 -35.09 -16.11
N ILE D 110 -12.00 -35.76 -17.18
CA ILE D 110 -11.15 -36.80 -17.77
C ILE D 110 -9.84 -36.18 -18.24
N LEU D 111 -9.93 -35.01 -18.88
CA LEU D 111 -8.73 -34.28 -19.29
C LEU D 111 -7.87 -33.94 -18.09
N PHE D 112 -8.49 -33.49 -17.01
CA PHE D 112 -7.75 -33.10 -15.80
C PHE D 112 -7.05 -34.30 -15.18
N LEU D 113 -7.75 -35.44 -15.09
CA LEU D 113 -7.13 -36.64 -14.53
C LEU D 113 -5.99 -37.14 -15.41
N SER D 114 -6.15 -37.06 -16.73
CA SER D 114 -5.05 -37.47 -17.62
C SER D 114 -3.85 -36.56 -17.44
N MET D 115 -4.07 -35.24 -17.35
CA MET D 115 -2.97 -34.31 -17.10
C MET D 115 -2.30 -34.59 -15.77
N PHE D 116 -3.09 -34.86 -14.73
CA PHE D 116 -2.54 -35.14 -13.41
C PHE D 116 -1.69 -36.41 -13.44
N THR D 117 -2.18 -37.46 -14.11
CA THR D 117 -1.42 -38.70 -14.21
C THR D 117 -0.12 -38.48 -14.97
N HIS D 118 -0.18 -37.71 -16.07
CA HIS D 118 1.04 -37.43 -16.83
C HIS D 118 2.05 -36.65 -16.00
N LEU D 119 1.59 -35.65 -15.25
CA LEU D 119 2.51 -34.85 -14.45
C LEU D 119 3.08 -35.66 -13.29
N LEU D 120 2.29 -36.57 -12.72
CA LEU D 120 2.82 -37.46 -11.69
C LEU D 120 3.88 -38.38 -12.27
N LYS D 121 3.66 -38.89 -13.48
CA LYS D 121 4.66 -39.74 -14.12
C LYS D 121 5.93 -38.96 -14.43
N ILE D 122 5.80 -37.73 -14.90
CA ILE D 122 6.95 -36.91 -15.27
C ILE D 122 7.54 -36.19 -14.06
N GLY D 123 6.70 -35.52 -13.28
CA GLY D 123 7.18 -34.76 -12.14
C GLY D 123 6.55 -33.38 -12.08
N ILE D 124 5.95 -33.03 -10.95
CA ILE D 124 5.27 -31.75 -10.80
C ILE D 124 6.32 -30.67 -10.55
N THR D 125 6.46 -29.74 -11.48
CA THR D 125 7.36 -28.60 -11.36
C THR D 125 6.54 -27.31 -11.44
N ALA D 126 7.23 -26.18 -11.46
CA ALA D 126 6.57 -24.90 -11.61
C ALA D 126 6.26 -24.55 -13.07
N LYS D 127 6.74 -25.34 -14.02
CA LYS D 127 6.52 -25.11 -15.44
C LYS D 127 5.36 -25.91 -15.99
N ASN D 128 5.38 -27.24 -15.79
CA ASN D 128 4.32 -28.10 -16.30
C ASN D 128 3.03 -28.01 -15.49
N PHE D 129 3.07 -27.39 -14.31
CA PHE D 129 1.86 -27.28 -13.49
C PHE D 129 0.81 -26.38 -14.13
N VAL D 130 1.21 -25.56 -15.12
CA VAL D 130 0.27 -24.64 -15.73
C VAL D 130 -0.88 -25.38 -16.40
N GLY D 131 -0.64 -26.58 -16.90
CA GLY D 131 -1.73 -27.36 -17.47
C GLY D 131 -2.76 -27.75 -16.43
N LEU D 132 -2.30 -28.22 -15.26
CA LEU D 132 -3.23 -28.52 -14.18
C LEU D 132 -3.96 -27.27 -13.71
N VAL D 133 -3.26 -26.13 -13.63
CA VAL D 133 -3.93 -24.90 -13.24
C VAL D 133 -5.01 -24.53 -14.24
N PHE D 134 -4.72 -24.65 -15.54
CA PHE D 134 -5.69 -24.31 -16.56
C PHE D 134 -6.91 -25.23 -16.51
N PHE D 135 -6.68 -26.55 -16.37
CA PHE D 135 -7.81 -27.47 -16.35
C PHE D 135 -8.63 -27.32 -15.08
N GLY D 136 -7.98 -27.12 -13.93
CA GLY D 136 -8.71 -26.85 -12.71
C GLY D 136 -9.46 -25.54 -12.76
N CYS D 137 -8.90 -24.53 -13.44
CA CYS D 137 -9.62 -23.27 -13.61
C CYS D 137 -10.84 -23.45 -14.49
N VAL D 138 -10.73 -24.30 -15.53
CA VAL D 138 -11.89 -24.59 -16.37
C VAL D 138 -12.97 -25.30 -15.56
N LEU D 139 -12.56 -26.28 -14.73
CA LEU D 139 -13.53 -26.98 -13.88
C LEU D 139 -14.18 -26.03 -12.89
N SER D 140 -13.39 -25.15 -12.27
CA SER D 140 -13.93 -24.18 -11.33
C SER D 140 -14.86 -23.21 -12.03
N ALA D 141 -14.53 -22.83 -13.27
CA ALA D 141 -15.42 -21.99 -14.06
C ALA D 141 -16.74 -22.69 -14.32
N TYR D 142 -16.68 -23.99 -14.64
CA TYR D 142 -17.91 -24.76 -14.84
C TYR D 142 -18.77 -24.76 -13.59
N VAL D 143 -18.16 -25.03 -12.43
CA VAL D 143 -18.92 -25.10 -11.18
C VAL D 143 -19.48 -23.72 -10.81
N VAL D 144 -18.65 -22.68 -10.91
CA VAL D 144 -19.07 -21.34 -10.56
C VAL D 144 -20.17 -20.87 -11.50
N PHE D 145 -20.10 -21.24 -12.78
CA PHE D 145 -21.14 -20.89 -13.72
C PHE D 145 -22.41 -21.68 -13.47
N ILE D 146 -22.30 -22.90 -12.96
CA ILE D 146 -23.49 -23.65 -12.54
C ILE D 146 -24.20 -22.92 -11.40
N ARG D 147 -23.43 -22.50 -10.40
CA ARG D 147 -24.03 -21.75 -9.29
C ARG D 147 -24.58 -20.41 -9.76
N LEU D 148 -23.88 -19.77 -10.70
CA LEU D 148 -24.34 -18.50 -11.24
C LEU D 148 -25.63 -18.66 -12.01
N ALA D 149 -25.77 -19.75 -12.77
CA ALA D 149 -27.03 -20.04 -13.45
C ALA D 149 -28.13 -20.37 -12.45
N LYS D 150 -27.77 -21.00 -11.33
CA LYS D 150 -28.75 -21.22 -10.28
C LYS D 150 -29.28 -19.90 -9.73
N LYS D 151 -28.39 -18.93 -9.53
CA LYS D 151 -28.79 -17.63 -9.01
C LYS D 151 -29.32 -16.68 -10.09
N TRP D 152 -29.17 -17.03 -11.36
CA TRP D 152 -29.44 -16.16 -12.51
C TRP D 152 -30.90 -15.79 -12.71
N PRO D 153 -31.87 -16.66 -12.39
CA PRO D 153 -33.28 -16.20 -12.45
C PRO D 153 -33.52 -14.91 -11.67
N ALA D 154 -33.15 -14.88 -10.39
CA ALA D 154 -33.36 -13.68 -9.58
C ALA D 154 -32.55 -12.51 -10.09
N VAL D 155 -31.33 -12.76 -10.56
CA VAL D 155 -30.48 -11.68 -11.07
C VAL D 155 -31.12 -11.04 -12.29
N VAL D 156 -31.61 -11.87 -13.22
CA VAL D 156 -32.26 -11.36 -14.42
C VAL D 156 -33.55 -10.62 -14.06
N ARG D 157 -34.32 -11.17 -13.12
CA ARG D 157 -35.57 -10.53 -12.73
C ARG D 157 -35.32 -9.15 -12.14
N ILE D 158 -34.37 -9.04 -11.21
CA ILE D 158 -34.08 -7.75 -10.60
C ILE D 158 -33.46 -6.79 -11.61
N TRP D 159 -32.63 -7.30 -12.52
CA TRP D 159 -32.04 -6.46 -13.55
C TRP D 159 -33.11 -5.87 -14.45
N THR D 160 -34.09 -6.68 -14.85
CA THR D 160 -35.18 -6.18 -15.67
C THR D 160 -36.05 -5.19 -14.89
N ARG D 161 -36.29 -5.47 -13.61
CA ARG D 161 -37.16 -4.60 -12.82
C ARG D 161 -36.54 -3.23 -12.60
N THR D 162 -35.27 -3.16 -12.22
CA THR D 162 -34.65 -1.87 -11.92
C THR D 162 -34.30 -1.08 -13.19
N GLU D 163 -34.11 -1.74 -14.32
CA GLU D 163 -33.73 -1.05 -15.55
C GLU D 163 -34.93 -0.54 -16.34
N ILE D 164 -36.16 -0.80 -15.87
CA ILE D 164 -37.35 -0.31 -16.58
C ILE D 164 -37.38 1.22 -16.68
N PRO D 165 -37.14 1.99 -15.62
CA PRO D 165 -37.19 3.46 -15.77
C PRO D 165 -36.13 4.01 -16.71
N PHE D 166 -35.05 3.27 -16.97
CA PHE D 166 -33.99 3.78 -17.82
C PHE D 166 -34.31 3.70 -19.31
N THR D 167 -35.44 3.09 -19.67
CA THR D 167 -35.90 3.04 -21.06
C THR D 167 -36.96 4.09 -21.35
N LYS D 168 -37.17 5.03 -20.44
CA LYS D 168 -38.18 6.07 -20.54
C LYS D 168 -37.51 7.42 -20.35
N PRO D 169 -38.15 8.49 -20.83
CA PRO D 169 -37.58 9.83 -20.60
C PRO D 169 -37.53 10.14 -19.13
N PRO D 170 -36.61 11.02 -18.70
CA PRO D 170 -35.69 11.82 -19.51
C PRO D 170 -34.41 11.09 -19.90
N TYR D 171 -34.30 9.79 -19.61
CA TYR D 171 -33.16 9.01 -20.06
C TYR D 171 -33.27 8.72 -21.55
N GLU D 172 -32.16 8.86 -22.25
CA GLU D 172 -32.12 8.69 -23.71
C GLU D 172 -31.06 7.67 -24.08
N ILE D 173 -31.30 7.00 -25.21
CA ILE D 173 -30.35 6.00 -25.71
C ILE D 173 -29.16 6.72 -26.34
N PRO D 174 -27.92 6.36 -25.97
CA PRO D 174 -26.75 7.01 -26.57
C PRO D 174 -26.55 6.65 -28.03
N LYS D 175 -25.45 7.13 -28.62
CA LYS D 175 -25.13 6.81 -30.01
C LYS D 175 -24.85 5.33 -30.20
N ARG D 176 -24.51 4.61 -29.14
CA ARG D 176 -24.26 3.17 -29.19
C ARG D 176 -25.07 2.54 -28.05
N ASN D 177 -26.19 1.90 -28.40
CA ASN D 177 -27.05 1.31 -27.39
C ASN D 177 -26.38 0.10 -26.76
N LEU D 178 -27.03 -0.44 -25.72
CA LEU D 178 -26.45 -1.56 -24.98
C LEU D 178 -26.26 -2.77 -25.88
N SER D 179 -27.18 -2.99 -26.82
CA SER D 179 -27.05 -4.11 -27.74
C SER D 179 -25.78 -3.99 -28.57
N ARG D 180 -25.52 -2.81 -29.14
CA ARG D 180 -24.32 -2.64 -29.95
C ARG D 180 -23.05 -2.71 -29.12
N ARG D 181 -23.06 -2.17 -27.89
CA ARG D 181 -21.88 -2.23 -27.04
C ARG D 181 -21.54 -3.67 -26.67
N VAL D 182 -22.55 -4.43 -26.23
CA VAL D 182 -22.34 -5.83 -25.87
C VAL D 182 -21.90 -6.62 -27.10
N GLN D 183 -22.53 -6.35 -28.25
CA GLN D 183 -22.17 -7.06 -29.47
C GLN D 183 -20.72 -6.77 -29.86
N LEU D 184 -20.29 -5.51 -29.78
CA LEU D 184 -18.92 -5.17 -30.13
C LEU D 184 -17.93 -5.84 -29.18
N ALA D 185 -18.20 -5.77 -27.88
CA ALA D 185 -17.30 -6.39 -26.90
C ALA D 185 -17.21 -7.88 -27.11
N ALA D 186 -18.36 -8.54 -27.26
CA ALA D 186 -18.38 -9.99 -27.40
C ALA D 186 -17.77 -10.43 -28.72
N LEU D 187 -18.03 -9.70 -29.81
CA LEU D 187 -17.43 -10.04 -31.09
C LEU D 187 -15.92 -9.85 -31.06
N ALA D 188 -15.44 -8.78 -30.41
CA ALA D 188 -14.00 -8.58 -30.29
C ALA D 188 -13.36 -9.70 -29.50
N ILE D 189 -13.97 -10.06 -28.37
CA ILE D 189 -13.40 -11.12 -27.53
C ILE D 189 -13.42 -12.46 -28.26
N ILE D 190 -14.55 -12.79 -28.91
CA ILE D 190 -14.67 -14.06 -29.61
C ILE D 190 -13.71 -14.12 -30.79
N GLY D 191 -13.58 -13.03 -31.55
CA GLY D 191 -12.65 -13.02 -32.66
C GLY D 191 -11.21 -13.13 -32.21
N LEU D 192 -10.85 -12.43 -31.13
CA LEU D 192 -9.48 -12.52 -30.61
C LEU D 192 -9.17 -13.92 -30.09
N SER D 193 -10.14 -14.54 -29.39
CA SER D 193 -9.92 -15.90 -28.89
C SER D 193 -9.84 -16.90 -30.04
N LEU D 194 -10.69 -16.74 -31.06
CA LEU D 194 -10.64 -17.61 -32.22
C LEU D 194 -9.32 -17.44 -32.96
N GLY D 195 -8.84 -16.20 -33.07
CA GLY D 195 -7.54 -15.97 -33.69
C GLY D 195 -6.41 -16.58 -32.89
N GLU D 196 -6.47 -16.46 -31.55
CA GLU D 196 -5.45 -17.07 -30.71
C GLU D 196 -5.44 -18.59 -30.87
N HIS D 197 -6.62 -19.21 -30.89
CA HIS D 197 -6.69 -20.65 -31.09
C HIS D 197 -6.25 -21.03 -32.49
N ALA D 198 -6.55 -20.19 -33.48
CA ALA D 198 -6.13 -20.46 -34.85
C ALA D 198 -4.62 -20.42 -34.98
N LEU D 199 -3.98 -19.42 -34.36
CA LEU D 199 -2.52 -19.37 -34.37
C LEU D 199 -1.91 -20.49 -33.53
N TYR D 200 -2.57 -20.88 -32.45
CA TYR D 200 -2.08 -22.04 -31.68
C TYR D 200 -2.09 -23.29 -32.53
N GLN D 201 -3.21 -23.56 -33.21
CA GLN D 201 -3.29 -24.73 -34.06
C GLN D 201 -2.33 -24.64 -35.24
N VAL D 202 -2.19 -23.46 -35.84
CA VAL D 202 -1.30 -23.29 -36.97
C VAL D 202 0.15 -23.51 -36.53
N SER D 203 0.53 -22.97 -35.38
CA SER D 203 1.86 -23.21 -34.84
C SER D 203 2.06 -24.67 -34.49
N ALA D 204 1.00 -25.34 -34.03
CA ALA D 204 1.11 -26.77 -33.74
C ALA D 204 1.40 -27.56 -35.02
N ILE D 205 0.59 -27.34 -36.06
CA ILE D 205 0.79 -28.07 -37.32
C ILE D 205 2.15 -27.72 -37.91
N LEU D 206 2.55 -26.46 -37.85
CA LEU D 206 3.82 -26.06 -38.47
C LEU D 206 5.01 -26.61 -37.69
N SER D 207 4.99 -26.53 -36.36
CA SER D 207 6.05 -27.12 -35.57
C SER D 207 6.10 -28.63 -35.79
N TYR D 208 4.94 -29.26 -35.94
CA TYR D 208 4.90 -30.68 -36.26
C TYR D 208 5.58 -30.97 -37.58
N THR D 209 5.26 -30.19 -38.62
CA THR D 209 5.80 -30.44 -39.95
C THR D 209 7.31 -30.19 -40.00
N ARG D 210 7.76 -29.07 -39.43
CA ARG D 210 9.19 -28.79 -39.37
C ARG D 210 9.93 -29.75 -38.43
N ARG D 211 9.24 -30.31 -37.43
CA ARG D 211 9.85 -31.35 -36.62
C ARG D 211 9.91 -32.68 -37.36
N ILE D 212 9.07 -32.85 -38.39
CA ILE D 212 9.05 -34.09 -39.16
C ILE D 212 9.91 -33.98 -40.41
N GLN D 213 9.81 -32.86 -41.13
CA GLN D 213 10.42 -32.78 -42.44
C GLN D 213 11.94 -32.61 -42.35
N MET D 214 12.44 -31.92 -41.32
CA MET D 214 13.87 -31.98 -41.00
C MET D 214 14.01 -32.09 -39.49
N CYS D 215 15.26 -32.22 -39.05
CA CYS D 215 15.65 -32.30 -37.63
C CYS D 215 15.12 -33.55 -36.95
N ALA D 216 14.68 -34.54 -37.72
CA ALA D 216 14.26 -35.82 -37.16
C ALA D 216 14.71 -37.02 -37.97
N ASN D 217 15.40 -36.82 -39.09
CA ASN D 217 15.85 -37.91 -39.96
C ASN D 217 14.68 -38.76 -40.44
N ILE D 218 13.54 -38.11 -40.67
CA ILE D 218 12.29 -38.75 -41.06
C ILE D 218 11.96 -39.88 -40.09
N THR D 219 11.96 -41.12 -40.60
CA THR D 219 11.59 -42.31 -39.82
C THR D 219 10.21 -42.16 -39.18
N THR D 220 9.34 -41.38 -39.81
CA THR D 220 7.99 -41.16 -39.29
C THR D 220 7.12 -40.65 -40.43
N VAL D 221 6.06 -41.39 -40.75
CA VAL D 221 5.13 -40.99 -41.81
C VAL D 221 4.22 -39.89 -41.24
N PRO D 222 4.18 -38.71 -41.85
CA PRO D 222 3.31 -37.64 -41.34
C PRO D 222 1.83 -38.02 -41.42
N SER D 223 1.15 -38.04 -40.29
CA SER D 223 -0.24 -38.46 -40.25
C SER D 223 -0.97 -37.74 -39.13
N PHE D 224 -2.30 -37.70 -39.25
CA PHE D 224 -3.14 -37.09 -38.23
C PHE D 224 -3.08 -37.90 -36.94
N ASN D 225 -2.96 -39.22 -37.05
CA ASN D 225 -2.88 -40.08 -35.87
C ASN D 225 -1.63 -39.77 -35.05
N ASN D 226 -0.49 -39.62 -35.71
CA ASN D 226 0.74 -39.28 -34.98
C ASN D 226 0.68 -37.88 -34.41
N TYR D 227 0.03 -36.95 -35.11
CA TYR D 227 -0.23 -35.63 -34.55
C TYR D 227 -0.98 -35.72 -33.23
N MET D 228 -2.08 -36.48 -33.23
CA MET D 228 -2.89 -36.61 -32.03
C MET D 228 -2.13 -37.30 -30.90
N GLN D 229 -1.33 -38.32 -31.24
CA GLN D 229 -0.60 -39.09 -30.24
C GLN D 229 0.65 -38.38 -29.72
N THR D 230 1.16 -37.37 -30.44
CA THR D 230 2.38 -36.68 -30.03
C THR D 230 2.11 -35.31 -29.43
N ASN D 231 1.48 -34.41 -30.19
CA ASN D 231 1.19 -33.08 -29.66
C ASN D 231 0.09 -33.12 -28.62
N TYR D 232 -0.88 -34.01 -28.80
CA TYR D 232 -2.02 -34.12 -27.89
C TYR D 232 -1.97 -35.41 -27.09
N ASP D 233 -0.77 -35.72 -26.60
CA ASP D 233 -0.55 -36.92 -25.82
C ASP D 233 -1.14 -36.75 -24.42
N TYR D 234 -0.75 -37.63 -23.51
CA TYR D 234 -1.08 -37.67 -22.09
C TYR D 234 -2.56 -37.94 -21.85
N VAL D 235 -3.39 -38.01 -22.89
CA VAL D 235 -4.80 -38.36 -22.76
C VAL D 235 -5.08 -39.74 -23.35
N PHE D 236 -4.38 -40.12 -24.41
CA PHE D 236 -4.53 -41.44 -25.00
C PHE D 236 -3.82 -42.52 -24.20
N GLN D 237 -3.07 -42.15 -23.17
CA GLN D 237 -2.45 -43.15 -22.31
C GLN D 237 -3.48 -43.83 -21.41
N LEU D 238 -4.58 -43.14 -21.11
CA LEU D 238 -5.65 -43.69 -20.28
C LEU D 238 -6.81 -44.21 -21.12
N LEU D 239 -7.05 -43.61 -22.29
CA LEU D 239 -8.17 -43.98 -23.14
C LEU D 239 -7.68 -44.62 -24.43
N PRO D 240 -8.41 -45.59 -24.97
CA PRO D 240 -7.99 -46.19 -26.24
C PRO D 240 -8.13 -45.20 -27.38
N TYR D 241 -7.24 -45.33 -28.36
CA TYR D 241 -7.21 -44.38 -29.47
C TYR D 241 -8.39 -44.63 -30.41
N SER D 242 -8.92 -43.53 -30.95
CA SER D 242 -9.99 -43.57 -31.94
C SER D 242 -10.05 -42.21 -32.61
N PRO D 243 -10.21 -42.13 -33.93
CA PRO D 243 -10.33 -40.81 -34.58
C PRO D 243 -11.48 -40.00 -34.03
N ILE D 244 -12.60 -40.64 -33.71
CA ILE D 244 -13.71 -39.95 -33.06
C ILE D 244 -13.28 -39.45 -31.68
N ILE D 245 -12.56 -40.30 -30.93
CA ILE D 245 -12.08 -39.90 -29.61
C ILE D 245 -11.14 -38.72 -29.71
N ALA D 246 -10.21 -38.77 -30.68
CA ALA D 246 -9.26 -37.66 -30.85
C ALA D 246 -9.98 -36.37 -31.23
N VAL D 247 -10.95 -36.46 -32.15
CA VAL D 247 -11.63 -35.24 -32.60
C VAL D 247 -12.48 -34.67 -31.48
N LEU D 248 -13.10 -35.54 -30.66
CA LEU D 248 -13.89 -35.00 -29.54
C LEU D 248 -12.99 -34.42 -28.47
N ILE D 249 -11.79 -34.98 -28.28
CA ILE D 249 -10.83 -34.38 -27.35
C ILE D 249 -10.40 -33.00 -27.85
N LEU D 250 -10.24 -32.87 -29.17
CA LEU D 250 -9.96 -31.57 -29.75
C LEU D 250 -11.09 -30.59 -29.47
N LEU D 251 -12.33 -31.03 -29.65
CA LEU D 251 -13.47 -30.16 -29.35
C LEU D 251 -13.53 -29.80 -27.87
N ILE D 252 -13.17 -30.74 -27.00
CA ILE D 252 -13.17 -30.45 -25.56
C ILE D 252 -12.12 -29.42 -25.21
N ASN D 253 -10.93 -29.53 -25.80
CA ASN D 253 -9.89 -28.53 -25.56
C ASN D 253 -10.32 -27.16 -26.08
N GLY D 254 -10.92 -27.12 -27.27
CA GLY D 254 -11.43 -25.86 -27.79
C GLY D 254 -12.49 -25.26 -26.90
N ALA D 255 -13.39 -26.09 -26.38
CA ALA D 255 -14.41 -25.60 -25.46
C ALA D 255 -13.79 -25.13 -24.15
N CYS D 256 -12.72 -25.79 -23.70
CA CYS D 256 -12.03 -25.34 -22.49
C CYS D 256 -11.44 -23.95 -22.69
N THR D 257 -10.78 -23.74 -23.82
CA THR D 257 -10.25 -22.40 -24.12
C THR D 257 -11.37 -21.38 -24.24
N PHE D 258 -12.48 -21.77 -24.87
CA PHE D 258 -13.61 -20.84 -25.02
C PHE D 258 -14.21 -20.49 -23.67
N VAL D 259 -14.28 -21.44 -22.74
CA VAL D 259 -14.79 -21.15 -21.40
C VAL D 259 -13.84 -20.23 -20.66
N TRP D 260 -12.53 -20.48 -20.79
CA TRP D 260 -11.54 -19.60 -20.20
C TRP D 260 -11.71 -18.17 -20.68
N ASN D 261 -11.95 -17.98 -21.98
CA ASN D 261 -12.17 -16.64 -22.50
C ASN D 261 -13.56 -16.09 -22.13
N TYR D 262 -14.56 -16.96 -22.04
CA TYR D 262 -15.92 -16.51 -21.79
C TYR D 262 -16.13 -16.09 -20.35
N MET D 263 -15.32 -16.57 -19.41
CA MET D 263 -15.37 -16.01 -18.06
C MET D 263 -15.13 -14.50 -18.11
N ASP D 264 -14.02 -14.10 -18.73
CA ASP D 264 -13.72 -12.68 -18.88
C ASP D 264 -14.76 -11.98 -19.75
N LEU D 265 -15.27 -12.67 -20.78
CA LEU D 265 -16.27 -12.07 -21.64
C LEU D 265 -17.55 -11.77 -20.88
N PHE D 266 -17.99 -12.70 -20.03
CA PHE D 266 -19.19 -12.50 -19.23
C PHE D 266 -18.99 -11.36 -18.22
N ILE D 267 -17.82 -11.31 -17.60
CA ILE D 267 -17.53 -10.19 -16.70
C ILE D 267 -17.59 -8.87 -17.46
N MET D 268 -17.02 -8.83 -18.66
CA MET D 268 -17.06 -7.62 -19.48
C MET D 268 -18.50 -7.24 -19.82
N MET D 269 -19.32 -8.21 -20.20
CA MET D 269 -20.71 -7.93 -20.57
C MET D 269 -21.50 -7.40 -19.40
N ILE D 270 -21.32 -7.99 -18.21
CA ILE D 270 -22.02 -7.50 -17.02
C ILE D 270 -21.57 -6.08 -16.68
N SER D 271 -20.26 -5.84 -16.74
CA SER D 271 -19.75 -4.51 -16.44
C SER D 271 -20.28 -3.47 -17.42
N LYS D 272 -20.36 -3.83 -18.70
CA LYS D 272 -20.92 -2.92 -19.69
C LYS D 272 -22.40 -2.67 -19.44
N GLY D 273 -23.14 -3.72 -19.06
CA GLY D 273 -24.55 -3.54 -18.75
C GLY D 273 -24.78 -2.59 -17.59
N LEU D 274 -23.94 -2.67 -16.57
CA LEU D 274 -24.09 -1.74 -15.44
C LEU D 274 -23.64 -0.33 -15.82
N SER D 275 -22.51 -0.22 -16.52
CA SER D 275 -21.99 1.08 -16.92
C SER D 275 -22.92 1.79 -17.88
N TYR D 276 -23.73 1.03 -18.64
CA TYR D 276 -24.71 1.65 -19.52
C TYR D 276 -25.71 2.48 -18.73
N ARG D 277 -26.32 1.89 -17.70
CA ARG D 277 -27.28 2.62 -16.88
C ARG D 277 -26.60 3.73 -16.10
N PHE D 278 -25.38 3.48 -15.61
CA PHE D 278 -24.69 4.53 -14.88
C PHE D 278 -24.37 5.73 -15.78
N GLU D 279 -24.00 5.46 -17.04
CA GLU D 279 -23.75 6.54 -17.99
C GLU D 279 -25.04 7.26 -18.38
N GLN D 280 -26.16 6.53 -18.45
CA GLN D 280 -27.43 7.20 -18.68
C GLN D 280 -27.76 8.15 -17.54
N ILE D 281 -27.51 7.73 -16.29
CA ILE D 281 -27.73 8.60 -15.14
C ILE D 281 -26.80 9.81 -15.21
N THR D 282 -25.52 9.58 -15.58
CA THR D 282 -24.57 10.67 -15.67
C THR D 282 -24.99 11.68 -16.74
N THR D 283 -25.47 11.20 -17.89
CA THR D 283 -25.95 12.09 -18.94
C THR D 283 -27.18 12.86 -18.49
N ARG D 284 -28.09 12.21 -17.77
CA ARG D 284 -29.25 12.90 -17.24
C ARG D 284 -28.83 14.01 -16.29
N ILE D 285 -27.84 13.76 -15.44
CA ILE D 285 -27.33 14.79 -14.55
C ILE D 285 -26.70 15.92 -15.35
N ARG D 286 -25.93 15.57 -16.39
CA ARG D 286 -25.25 16.58 -17.20
C ARG D 286 -26.24 17.49 -17.93
N LYS D 287 -27.38 16.94 -18.35
CA LYS D 287 -28.35 17.70 -19.14
C LYS D 287 -29.01 18.84 -18.37
N LEU D 288 -28.67 19.04 -17.09
CA LEU D 288 -29.16 20.16 -16.29
C LEU D 288 -28.01 21.02 -15.79
N GLU D 289 -27.01 21.22 -16.65
CA GLU D 289 -25.79 21.93 -16.24
C GLU D 289 -26.09 23.40 -15.96
N HIS D 290 -26.73 24.09 -16.90
CA HIS D 290 -26.99 25.52 -16.79
C HIS D 290 -28.48 25.81 -16.65
N GLU D 291 -29.23 24.88 -16.09
CA GLU D 291 -30.66 25.02 -15.90
C GLU D 291 -31.00 24.85 -14.42
N GLU D 292 -32.08 25.51 -14.00
CA GLU D 292 -32.48 25.47 -12.59
C GLU D 292 -33.29 24.21 -12.32
N VAL D 293 -32.87 23.44 -11.33
CA VAL D 293 -33.40 22.10 -11.08
C VAL D 293 -34.25 22.11 -9.82
N CYS D 294 -35.45 21.53 -9.91
CA CYS D 294 -36.34 21.40 -8.77
C CYS D 294 -35.92 20.22 -7.90
N GLU D 295 -36.52 20.14 -6.71
CA GLU D 295 -36.20 19.06 -5.78
C GLU D 295 -36.70 17.71 -6.28
N SER D 296 -37.79 17.69 -7.05
CA SER D 296 -38.34 16.43 -7.54
C SER D 296 -37.37 15.74 -8.50
N VAL D 297 -36.72 16.50 -9.37
CA VAL D 297 -35.77 15.91 -10.31
C VAL D 297 -34.60 15.29 -9.56
N PHE D 298 -34.10 15.99 -8.53
CA PHE D 298 -33.00 15.44 -7.72
C PHE D 298 -33.45 14.21 -6.95
N ILE D 299 -34.70 14.21 -6.47
CA ILE D 299 -35.24 13.03 -5.79
C ILE D 299 -35.25 11.84 -6.75
N GLN D 300 -35.71 12.06 -7.97
CA GLN D 300 -35.76 10.99 -8.96
C GLN D 300 -34.36 10.48 -9.30
N ILE D 301 -33.41 11.39 -9.48
CA ILE D 301 -32.04 11.00 -9.80
C ILE D 301 -31.43 10.20 -8.66
N ARG D 302 -31.63 10.65 -7.42
CA ARG D 302 -31.09 9.93 -6.26
C ARG D 302 -31.73 8.56 -6.13
N GLU D 303 -33.04 8.46 -6.36
CA GLU D 303 -33.71 7.16 -6.26
C GLU D 303 -33.21 6.21 -7.33
N HIS D 304 -33.02 6.69 -8.56
CA HIS D 304 -32.51 5.82 -9.62
C HIS D 304 -31.07 5.41 -9.34
N TYR D 305 -30.25 6.33 -8.81
CA TYR D 305 -28.89 5.97 -8.43
C TYR D 305 -28.87 4.92 -7.33
N VAL D 306 -29.79 5.06 -6.36
CA VAL D 306 -29.88 4.09 -5.28
C VAL D 306 -30.30 2.72 -5.81
N LYS D 307 -31.26 2.70 -6.74
CA LYS D 307 -31.68 1.44 -7.34
C LYS D 307 -30.55 0.81 -8.14
N MET D 308 -29.77 1.62 -8.85
CA MET D 308 -28.61 1.10 -9.57
C MET D 308 -27.58 0.54 -8.61
N CYS D 309 -27.37 1.20 -7.47
CA CYS D 309 -26.45 0.68 -6.47
C CYS D 309 -26.95 -0.63 -5.90
N GLU D 310 -28.26 -0.75 -5.67
CA GLU D 310 -28.84 -2.00 -5.20
C GLU D 310 -28.61 -3.11 -6.21
N LEU D 311 -28.85 -2.82 -7.49
CA LEU D 311 -28.62 -3.82 -8.55
C LEU D 311 -27.16 -4.22 -8.62
N LEU D 312 -26.26 -3.24 -8.48
CA LEU D 312 -24.82 -3.54 -8.48
C LEU D 312 -24.46 -4.42 -7.30
N GLU D 313 -25.01 -4.14 -6.12
CA GLU D 313 -24.73 -4.98 -4.95
C GLU D 313 -25.22 -6.40 -5.17
N PHE D 314 -26.43 -6.55 -5.71
CA PHE D 314 -26.97 -7.89 -5.96
C PHE D 314 -26.12 -8.64 -6.98
N VAL D 315 -25.75 -7.97 -8.07
CA VAL D 315 -24.95 -8.62 -9.11
C VAL D 315 -23.56 -8.96 -8.56
N ASP D 316 -23.00 -8.10 -7.73
CA ASP D 316 -21.71 -8.38 -7.12
C ASP D 316 -21.79 -9.58 -6.18
N SER D 317 -22.86 -9.67 -5.39
CA SER D 317 -23.03 -10.84 -4.53
C SER D 317 -23.16 -12.11 -5.35
N ALA D 318 -23.86 -12.03 -6.48
CA ALA D 318 -24.03 -13.21 -7.32
C ALA D 318 -22.73 -13.61 -8.02
N MET D 319 -21.93 -12.63 -8.44
CA MET D 319 -20.77 -12.85 -9.29
C MET D 319 -19.45 -12.72 -8.55
N SER D 320 -19.46 -12.69 -7.21
CA SER D 320 -18.21 -12.58 -6.47
C SER D 320 -17.29 -13.77 -6.74
N SER D 321 -17.85 -14.98 -6.77
CA SER D 321 -17.04 -16.16 -7.03
C SER D 321 -16.42 -16.10 -8.43
N LEU D 322 -17.22 -15.72 -9.43
CA LEU D 322 -16.70 -15.62 -10.79
C LEU D 322 -15.62 -14.55 -10.89
N ILE D 323 -15.83 -13.40 -10.25
CA ILE D 323 -14.84 -12.33 -10.31
C ILE D 323 -13.55 -12.76 -9.63
N LEU D 324 -13.64 -13.41 -8.46
CA LEU D 324 -12.45 -13.88 -7.78
C LEU D 324 -11.69 -14.89 -8.62
N LEU D 325 -12.42 -15.86 -9.19
CA LEU D 325 -11.76 -16.89 -10.00
C LEU D 325 -11.10 -16.28 -11.22
N SER D 326 -11.79 -15.38 -11.91
CA SER D 326 -11.22 -14.75 -13.10
C SER D 326 -10.00 -13.92 -12.74
N CYS D 327 -10.06 -13.15 -11.66
CA CYS D 327 -8.93 -12.31 -11.28
C CYS D 327 -7.71 -13.15 -10.90
N VAL D 328 -7.92 -14.20 -10.09
CA VAL D 328 -6.82 -15.05 -9.68
C VAL D 328 -6.21 -15.76 -10.89
N ASN D 329 -7.07 -16.30 -11.75
CA ASN D 329 -6.59 -17.02 -12.93
C ASN D 329 -5.82 -16.09 -13.87
N ASN D 330 -6.36 -14.89 -14.11
CA ASN D 330 -5.68 -13.93 -14.99
C ASN D 330 -4.36 -13.49 -14.40
N LEU D 331 -4.31 -13.23 -13.09
CA LEU D 331 -3.06 -12.85 -12.45
C LEU D 331 -2.01 -13.95 -12.58
N TYR D 332 -2.42 -15.19 -12.31
CA TYR D 332 -1.48 -16.31 -12.38
C TYR D 332 -0.95 -16.49 -13.80
N PHE D 333 -1.84 -16.44 -14.80
CA PHE D 333 -1.41 -16.67 -16.17
C PHE D 333 -0.59 -15.50 -16.71
N VAL D 334 -0.92 -14.26 -16.32
CA VAL D 334 -0.11 -13.12 -16.71
C VAL D 334 1.28 -13.22 -16.13
N CYS D 335 1.38 -13.60 -14.85
CA CYS D 335 2.70 -13.78 -14.24
C CYS D 335 3.48 -14.90 -14.94
N TYR D 336 2.80 -16.01 -15.25
CA TYR D 336 3.46 -17.12 -15.93
C TYR D 336 3.99 -16.70 -17.30
N GLN D 337 3.18 -15.98 -18.07
CA GLN D 337 3.59 -15.58 -19.41
C GLN D 337 4.70 -14.53 -19.36
N LEU D 338 4.63 -13.60 -18.41
CA LEU D 338 5.70 -12.61 -18.28
C LEU D 338 6.99 -13.27 -17.79
N LEU D 339 6.88 -14.36 -17.04
CA LEU D 339 8.06 -15.14 -16.68
C LEU D 339 8.63 -15.85 -17.90
N ASN D 340 7.76 -16.37 -18.77
CA ASN D 340 8.20 -17.13 -19.94
C ASN D 340 8.55 -16.24 -21.14
N VAL D 341 8.38 -14.92 -21.03
CA VAL D 341 8.59 -14.05 -22.19
C VAL D 341 10.05 -14.05 -22.65
N PHE D 342 10.99 -14.27 -21.73
CA PHE D 342 12.40 -14.13 -22.10
C PHE D 342 12.99 -15.33 -22.82
N ASN D 343 12.36 -16.50 -22.78
CA ASN D 343 12.96 -17.65 -23.44
C ASN D 343 12.86 -17.53 -24.96
N LYS D 344 13.57 -18.42 -25.65
CA LYS D 344 13.62 -18.43 -27.10
C LYS D 344 12.66 -19.48 -27.63
N LEU D 345 12.18 -19.26 -28.84
CA LEU D 345 11.28 -20.19 -29.51
C LEU D 345 11.91 -20.67 -30.81
N ARG D 346 11.53 -21.89 -31.21
CA ARG D 346 12.28 -22.59 -32.26
C ARG D 346 11.99 -22.00 -33.64
N TRP D 347 10.76 -21.54 -33.86
CA TRP D 347 10.40 -21.05 -35.18
C TRP D 347 9.74 -19.69 -35.08
N PRO D 348 9.82 -18.86 -36.14
CA PRO D 348 9.18 -17.54 -36.10
C PRO D 348 7.69 -17.60 -35.86
N ILE D 349 6.99 -18.61 -36.42
CA ILE D 349 5.56 -18.74 -36.20
C ILE D 349 5.27 -18.93 -34.72
N ASN D 350 6.14 -19.67 -34.02
CA ASN D 350 5.99 -19.82 -32.58
C ASN D 350 6.15 -18.48 -31.88
N TYR D 351 7.09 -17.65 -32.35
CA TYR D 351 7.27 -16.32 -31.76
C TYR D 351 6.01 -15.47 -31.92
N ILE D 352 5.46 -15.44 -33.14
CA ILE D 352 4.26 -14.65 -33.38
C ILE D 352 3.10 -15.16 -32.53
N TYR D 353 2.93 -16.49 -32.47
CA TYR D 353 1.83 -17.04 -31.68
C TYR D 353 1.99 -16.70 -30.20
N PHE D 354 3.20 -16.88 -29.66
CA PHE D 354 3.40 -16.64 -28.24
C PHE D 354 3.20 -15.17 -27.91
N TRP D 355 3.73 -14.26 -28.73
CA TRP D 355 3.57 -12.84 -28.47
C TRP D 355 2.11 -12.41 -28.63
N TYR D 356 1.40 -12.97 -29.61
CA TYR D 356 -0.02 -12.69 -29.74
C TYR D 356 -0.78 -13.16 -28.51
N SER D 357 -0.45 -14.37 -28.02
CA SER D 357 -1.15 -14.90 -26.84
C SER D 357 -0.87 -14.04 -25.61
N LEU D 358 0.39 -13.65 -25.40
CA LEU D 358 0.73 -12.83 -24.25
C LEU D 358 0.05 -11.46 -24.32
N LEU D 359 0.10 -10.83 -25.50
CA LEU D 359 -0.54 -9.53 -25.67
C LEU D 359 -2.05 -9.64 -25.48
N TYR D 360 -2.66 -10.69 -26.02
CA TYR D 360 -4.10 -10.88 -25.86
C TYR D 360 -4.48 -11.12 -24.41
N LEU D 361 -3.68 -11.92 -23.69
CA LEU D 361 -3.98 -12.17 -22.28
C LEU D 361 -3.87 -10.89 -21.45
N ILE D 362 -2.78 -10.14 -21.66
CA ILE D 362 -2.59 -8.89 -20.91
C ILE D 362 -3.69 -7.90 -21.25
N GLY D 363 -4.01 -7.76 -22.54
CA GLY D 363 -5.07 -6.85 -22.94
C GLY D 363 -6.43 -7.27 -22.46
N ARG D 364 -6.71 -8.57 -22.41
CA ARG D 364 -8.00 -9.04 -21.92
C ARG D 364 -8.13 -8.80 -20.42
N THR D 365 -7.08 -9.06 -19.66
CA THR D 365 -7.11 -8.77 -18.23
C THR D 365 -7.29 -7.26 -17.99
N ALA D 366 -6.52 -6.45 -18.71
CA ALA D 366 -6.62 -5.00 -18.55
C ALA D 366 -8.01 -4.50 -18.97
N PHE D 367 -8.58 -5.10 -20.02
CA PHE D 367 -9.88 -4.66 -20.50
C PHE D 367 -10.99 -5.09 -19.55
N VAL D 368 -10.88 -6.27 -18.95
CA VAL D 368 -11.83 -6.67 -17.91
C VAL D 368 -11.77 -5.69 -16.74
N PHE D 369 -10.56 -5.39 -16.28
CA PHE D 369 -10.42 -4.47 -15.15
C PHE D 369 -10.93 -3.08 -15.50
N LEU D 370 -10.65 -2.61 -16.71
CA LEU D 370 -11.11 -1.27 -17.12
C LEU D 370 -12.61 -1.22 -17.31
N THR D 371 -13.21 -2.28 -17.85
CA THR D 371 -14.66 -2.31 -17.99
C THR D 371 -15.35 -2.37 -16.63
N ALA D 372 -14.76 -3.10 -15.68
CA ALA D 372 -15.31 -3.12 -14.33
C ALA D 372 -15.15 -1.76 -13.65
N ALA D 373 -14.00 -1.12 -13.83
CA ALA D 373 -13.77 0.21 -13.27
C ALA D 373 -14.57 1.29 -13.97
N ASP D 374 -15.10 0.99 -15.15
CA ASP D 374 -15.97 1.94 -15.82
C ASP D 374 -17.21 2.25 -14.99
N ILE D 375 -17.67 1.27 -14.20
CA ILE D 375 -18.81 1.52 -13.30
C ILE D 375 -18.43 2.58 -12.28
N ASN D 376 -17.26 2.44 -11.66
CA ASN D 376 -16.81 3.41 -10.66
C ASN D 376 -16.60 4.78 -11.29
N GLU D 377 -15.96 4.82 -12.46
CA GLU D 377 -15.71 6.09 -13.13
C GLU D 377 -17.01 6.77 -13.53
N GLU D 378 -18.00 5.98 -13.99
CA GLU D 378 -19.28 6.55 -14.39
C GLU D 378 -20.05 7.07 -13.19
N SER D 379 -19.97 6.37 -12.05
CA SER D 379 -20.61 6.87 -10.84
C SER D 379 -19.93 8.15 -10.35
N LYS D 380 -18.61 8.23 -10.50
CA LYS D 380 -17.89 9.43 -10.06
C LYS D 380 -18.09 10.60 -11.01
N ARG D 381 -18.38 10.32 -12.29
CA ARG D 381 -18.48 11.39 -13.28
C ARG D 381 -19.65 12.33 -12.99
N GLY D 382 -20.71 11.84 -12.36
CA GLY D 382 -21.82 12.71 -12.01
C GLY D 382 -21.51 13.69 -10.91
N LEU D 383 -20.49 13.40 -10.10
CA LEU D 383 -20.11 14.29 -9.00
C LEU D 383 -19.65 15.64 -9.54
N GLY D 384 -18.85 15.64 -10.60
CA GLY D 384 -18.37 16.89 -11.15
C GLY D 384 -19.49 17.81 -11.59
N VAL D 385 -20.51 17.25 -12.24
CA VAL D 385 -21.66 18.06 -12.64
C VAL D 385 -22.48 18.47 -11.43
N LEU D 386 -22.64 17.59 -10.45
CA LEU D 386 -23.41 17.94 -9.26
C LEU D 386 -22.72 18.99 -8.41
N ARG D 387 -21.38 19.02 -8.44
CA ARG D 387 -20.65 20.04 -7.68
C ARG D 387 -20.85 21.44 -8.26
N ARG D 388 -21.37 21.54 -9.47
CA ARG D 388 -21.60 22.82 -10.13
C ARG D 388 -23.05 23.28 -10.02
N VAL D 389 -23.85 22.61 -9.19
CA VAL D 389 -25.24 23.01 -9.01
C VAL D 389 -25.31 24.39 -8.38
N SER D 390 -26.21 25.23 -8.89
CA SER D 390 -26.32 26.60 -8.42
C SER D 390 -26.69 26.63 -6.93
N SER D 391 -26.38 27.77 -6.30
CA SER D 391 -26.53 27.88 -4.85
C SER D 391 -27.98 27.75 -4.42
N ARG D 392 -28.90 28.45 -5.10
CA ARG D 392 -30.28 28.47 -4.65
C ARG D 392 -31.00 27.15 -4.94
N SER D 393 -30.54 26.37 -5.92
CA SER D 393 -31.13 25.08 -6.26
C SER D 393 -30.42 23.94 -5.55
N TRP D 394 -29.82 24.20 -4.40
CA TRP D 394 -29.13 23.20 -3.60
C TRP D 394 -30.04 22.81 -2.44
N CYS D 395 -30.33 21.52 -2.31
CA CYS D 395 -31.24 21.03 -1.28
C CYS D 395 -30.64 19.81 -0.59
N VAL D 396 -31.42 19.20 0.29
CA VAL D 396 -30.95 18.02 1.03
C VAL D 396 -30.71 16.85 0.10
N GLU D 397 -31.52 16.72 -0.96
CA GLU D 397 -31.35 15.60 -1.88
C GLU D 397 -30.01 15.66 -2.59
N VAL D 398 -29.58 16.85 -3.02
CA VAL D 398 -28.29 16.98 -3.68
C VAL D 398 -27.17 16.65 -2.71
N GLU D 399 -27.30 17.09 -1.45
CA GLU D 399 -26.28 16.79 -0.45
C GLU D 399 -26.17 15.30 -0.22
N ARG D 400 -27.32 14.61 -0.10
CA ARG D 400 -27.31 13.17 0.09
C ARG D 400 -26.67 12.47 -1.11
N LEU D 401 -27.03 12.89 -2.32
CA LEU D 401 -26.49 12.25 -3.52
C LEU D 401 -24.98 12.45 -3.62
N ILE D 402 -24.51 13.67 -3.35
CA ILE D 402 -23.08 13.96 -3.41
C ILE D 402 -22.32 13.16 -2.36
N PHE D 403 -22.87 13.10 -1.14
CA PHE D 403 -22.23 12.29 -0.09
C PHE D 403 -22.19 10.82 -0.49
N GLN D 404 -23.26 10.32 -1.10
CA GLN D 404 -23.32 8.92 -1.49
C GLN D 404 -22.28 8.59 -2.55
N MET D 405 -22.21 9.39 -3.61
CA MET D 405 -21.21 9.12 -4.64
C MET D 405 -19.78 9.34 -4.13
N THR D 406 -19.56 10.34 -3.27
CA THR D 406 -18.21 10.66 -2.85
C THR D 406 -17.67 9.63 -1.86
N THR D 407 -18.50 9.21 -0.90
CA THR D 407 -18.04 8.34 0.17
C THR D 407 -18.17 6.86 -0.17
N GLN D 408 -19.34 6.44 -0.64
CA GLN D 408 -19.54 5.04 -1.01
C GLN D 408 -18.76 4.72 -2.28
N THR D 409 -18.01 3.61 -2.23
CA THR D 409 -17.36 3.11 -3.43
C THR D 409 -18.36 2.28 -4.24
N VAL D 410 -18.45 2.56 -5.53
CA VAL D 410 -19.45 1.92 -6.39
C VAL D 410 -18.74 1.15 -7.49
N ALA D 411 -18.45 -0.13 -7.24
CA ALA D 411 -17.76 -0.95 -8.22
C ALA D 411 -17.94 -2.42 -7.86
N LEU D 412 -17.65 -3.28 -8.84
CA LEU D 412 -17.66 -4.71 -8.59
C LEU D 412 -16.50 -5.09 -7.67
N SER D 413 -16.71 -6.13 -6.87
CA SER D 413 -15.73 -6.53 -5.88
C SER D 413 -15.51 -8.03 -5.93
N GLY D 414 -14.30 -8.45 -5.57
CA GLY D 414 -13.98 -9.86 -5.45
C GLY D 414 -14.28 -10.38 -4.05
N LYS D 415 -15.57 -10.57 -3.76
CA LYS D 415 -16.03 -10.96 -2.43
C LYS D 415 -15.61 -9.95 -1.37
N LYS D 416 -15.67 -8.66 -1.72
CA LYS D 416 -15.38 -7.52 -0.87
C LYS D 416 -13.91 -7.45 -0.47
N PHE D 417 -13.05 -8.36 -0.93
CA PHE D 417 -11.63 -8.28 -0.60
C PHE D 417 -10.96 -7.11 -1.31
N TYR D 418 -11.43 -6.79 -2.51
CA TYR D 418 -10.91 -5.68 -3.28
C TYR D 418 -12.02 -5.15 -4.18
N PHE D 419 -11.88 -3.90 -4.60
CA PHE D 419 -12.86 -3.26 -5.46
C PHE D 419 -12.23 -2.98 -6.82
N LEU D 420 -12.92 -3.40 -7.87
CA LEU D 420 -12.40 -3.28 -9.24
C LEU D 420 -12.45 -1.83 -9.67
N THR D 421 -11.33 -1.12 -9.53
CA THR D 421 -11.22 0.28 -9.91
C THR D 421 -9.92 0.48 -10.68
N ARG D 422 -9.77 1.69 -11.25
CA ARG D 422 -8.53 2.02 -11.94
C ARG D 422 -7.35 2.05 -10.97
N ARG D 423 -7.59 2.52 -9.75
CA ARG D 423 -6.58 2.43 -8.70
C ARG D 423 -6.17 0.97 -8.47
N LEU D 424 -7.15 0.08 -8.45
CA LEU D 424 -6.84 -1.34 -8.29
C LEU D 424 -6.07 -1.89 -9.49
N LEU D 425 -6.39 -1.42 -10.70
CA LEU D 425 -5.64 -1.87 -11.87
C LEU D 425 -4.19 -1.42 -11.79
N PHE D 426 -3.94 -0.18 -11.38
CA PHE D 426 -2.57 0.30 -11.24
C PHE D 426 -1.83 -0.48 -10.15
N GLY D 427 -2.51 -0.73 -9.02
CA GLY D 427 -1.90 -1.53 -7.97
C GLY D 427 -1.58 -2.95 -8.42
N MET D 428 -2.47 -3.54 -9.21
CA MET D 428 -2.22 -4.88 -9.74
C MET D 428 -1.05 -4.87 -10.71
N ALA D 429 -0.93 -3.82 -11.54
CA ALA D 429 0.22 -3.72 -12.42
C ALA D 429 1.51 -3.62 -11.63
N GLY D 430 1.52 -2.81 -10.57
CA GLY D 430 2.71 -2.73 -9.74
C GLY D 430 3.04 -4.04 -9.05
N THR D 431 2.01 -4.73 -8.57
CA THR D 431 2.21 -6.04 -7.94
C THR D 431 2.77 -7.05 -8.94
N ILE D 432 2.27 -7.01 -10.18
CA ILE D 432 2.78 -7.90 -11.22
C ILE D 432 4.24 -7.58 -11.51
N VAL D 433 4.59 -6.30 -11.58
CA VAL D 433 5.97 -5.91 -11.82
C VAL D 433 6.88 -6.44 -10.71
N THR D 434 6.45 -6.26 -9.45
CA THR D 434 7.25 -6.74 -8.33
C THR D 434 7.39 -8.26 -8.35
N TYR D 435 6.30 -8.97 -8.62
CA TYR D 435 6.35 -10.43 -8.66
C TYR D 435 7.26 -10.92 -9.78
N GLU D 436 7.21 -10.28 -10.94
CA GLU D 436 8.10 -10.64 -12.04
C GLU D 436 9.54 -10.36 -11.68
N LEU D 437 9.82 -9.22 -11.04
CA LEU D 437 11.18 -8.92 -10.63
C LEU D 437 11.71 -9.97 -9.66
N VAL D 438 10.86 -10.45 -8.76
CA VAL D 438 11.30 -11.48 -7.82
C VAL D 438 11.50 -12.82 -8.53
N LEU D 439 10.58 -13.18 -9.44
CA LEU D 439 10.62 -14.49 -10.08
C LEU D 439 11.69 -14.61 -11.16
N LEU D 440 12.18 -13.48 -11.69
CA LEU D 440 13.29 -13.58 -12.63
C LEU D 440 14.55 -14.09 -11.94
N GLN D 441 14.64 -13.97 -10.62
CA GLN D 441 15.70 -14.66 -9.88
C GLN D 441 15.61 -16.16 -10.09
N PHE D 442 14.40 -16.72 -10.01
CA PHE D 442 14.21 -18.14 -10.28
C PHE D 442 14.49 -18.45 -11.75
N ASP D 443 14.11 -17.53 -12.64
CA ASP D 443 14.25 -17.80 -14.07
C ASP D 443 15.70 -17.73 -14.54
N GLU D 444 16.55 -16.98 -13.83
CA GLU D 444 17.92 -16.74 -14.28
C GLU D 444 18.76 -18.01 -14.45
N PRO D 445 18.81 -18.95 -13.50
CA PRO D 445 19.69 -20.12 -13.68
C PRO D 445 19.34 -20.98 -14.88
N ASN D 446 18.10 -20.92 -15.39
CA ASN D 446 17.76 -21.68 -16.57
C ASN D 446 18.54 -21.20 -17.79
N ARG D 447 18.70 -19.89 -17.94
CA ARG D 447 19.43 -19.33 -19.06
C ARG D 447 20.84 -18.91 -18.66
#